data_7TVI
#
_entry.id   7TVI
#
_cell.length_a   1.00
_cell.length_b   1.00
_cell.length_c   1.00
_cell.angle_alpha   90.00
_cell.angle_beta   90.00
_cell.angle_gamma   90.00
#
_symmetry.space_group_name_H-M   'P 1'
#
loop_
_entity.id
_entity.type
_entity.pdbx_description
1 polymer 'Glycine receptor subunit alphaZ1'
2 polymer 'Glycine receptor beta subunit 2'
3 non-polymer GLYCINE
4 non-polymer 2-acetamido-2-deoxy-beta-D-glucopyranose
#
loop_
_entity_poly.entity_id
_entity_poly.type
_entity_poly.pdbx_seq_one_letter_code
_entity_poly.pdbx_strand_id
1 'polypeptide(L)'
;MFALGIYLWETIVFFSLAASQQAAARKAASPMPPSEFLDKLMGKVSGYDARIRPNFKGPPVNVTCNIFINSFGSIAETTM
DYRVNIFLRQQWNDPRLAYSEYPDDSLDLDPSMLDSIWKPDLFFANEKGANFHEVTTDNKLLRISKNGNVLYSIRITLVL
ACPMDLKNFPMDVQTCIMQLESFGYTMNDLIFEWDEKGAVQVADGLTLPQFILKEEKDLRYCTKHYNTGKFTCIEARFHL
ERQMGYYLIQMYIPSLLIVILSWVSFWINMDAAPARVGLGITTVLTMTTQSSGSRASLPKVSYVKAIDIWMAVCLLFVFS
ALLEYAAVNFIARQHKELLRFQRRRRHLKEDEAGDGRFSFAAYGMGPACLQAKDGMAIKGNNNNAPTSTNPPEKTVEEMR
KLFISRAKRIDTVSRVAFPLVFLIFNIFYWITYKIIRSEDIHKQLVPRGSHHHHHHHH
;
A,D,C,B
2 'polypeptide(L)'
;MKALKVIFMLLIICLWMEGGFTKEKSAKKWSHPQFEKGGGSGGGSGGGSWSHPQFEKGGGSGGGSGGGSWSHPQFEKGGG
SGGGSGGGSWSHPQFEKENLYFQGEKSAKKGKKKGKQVYCPSQLSSEDLARVPANSTSNILNKLLITYDPRIRPNFKGIP
VEDRVNIFINSFGSIQETTMDYRVNIFLRQRWNDPRLRLPQDFKSDSLTVDPKMFKCLWKPDLFFANEKSANFHDVTQEN
ILLFIFRNGDVLISMRLSVTLSCPLDLTLFPMDTQRCKMQLESFGYTTDDLQFMWQSGDPVQMDEIALPQFDIKQEDIEY
GNCTKYYAGTGYYTCVEVIFTLRRQVGFYMMGVYAPTLLIVVLSWLSFWINPDASAARVPLGILSVLSLSSECTSLASEL
PKVSYVKAIDIWLIACLLFGFASLVEYAVVQVMLNSPKLLEAERAKIATKEKAEGKTPAKNTINGMGSTPIHVSTLQVTE
TRCKKVCTSKSDLRTNDFSIVGSLPRDFELSNFDCYGKPIEVGSAFSKSQAKNNKKPPPPKPVIPSAAKRIDLYARALFP
FSFLFFNVIYWSVYLENLYFQGTETSQVAPA
;
E
#
loop_
_chem_comp.id
_chem_comp.type
_chem_comp.name
_chem_comp.formula
NAG D-saccharide, beta linking 2-acetamido-2-deoxy-beta-D-glucopyranose 'C8 H15 N O6'
#
# COMPACT_ATOMS: atom_id res chain seq x y z
N PRO A 33 -13.16 -31.68 45.04
CA PRO A 33 -13.29 -30.49 44.17
C PRO A 33 -12.64 -30.69 42.81
N PRO A 34 -12.99 -29.84 41.84
CA PRO A 34 -12.26 -29.88 40.55
C PRO A 34 -10.80 -29.49 40.66
N SER A 35 -10.42 -28.70 41.66
CA SER A 35 -9.16 -27.96 41.61
C SER A 35 -7.95 -28.85 41.83
N GLU A 36 -8.05 -29.82 42.74
CA GLU A 36 -6.88 -30.63 43.08
C GLU A 36 -6.41 -31.48 41.90
N PHE A 37 -7.34 -32.02 41.12
CA PHE A 37 -6.96 -32.86 39.98
C PHE A 37 -6.16 -32.07 38.95
N LEU A 38 -6.58 -30.83 38.69
CA LEU A 38 -5.79 -29.96 37.81
C LEU A 38 -4.44 -29.62 38.42
N ASP A 39 -4.36 -29.56 39.75
CA ASP A 39 -3.08 -29.24 40.38
C ASP A 39 -2.23 -30.49 40.57
N LYS A 40 -2.85 -31.62 40.92
CA LYS A 40 -2.09 -32.83 41.20
C LYS A 40 -1.24 -33.24 40.00
N LEU A 41 -1.86 -33.36 38.83
CA LEU A 41 -1.12 -33.48 37.60
C LEU A 41 -0.71 -32.08 37.14
N MET A 42 0.19 -32.03 36.15
CA MET A 42 0.62 -30.80 35.50
C MET A 42 1.08 -29.74 36.51
N GLY A 43 1.74 -30.20 37.58
CA GLY A 43 1.89 -29.39 38.77
C GLY A 43 3.25 -29.60 39.42
N LYS A 44 3.55 -28.69 40.36
CA LYS A 44 4.86 -28.70 41.03
C LYS A 44 5.10 -30.03 41.73
N VAL A 45 4.08 -30.56 42.42
CA VAL A 45 4.18 -31.88 43.01
C VAL A 45 4.29 -32.90 41.89
N SER A 46 5.20 -33.86 42.05
CA SER A 46 5.45 -34.92 41.06
C SER A 46 5.62 -34.32 39.67
N GLY A 47 6.55 -33.37 39.60
CA GLY A 47 6.68 -32.42 38.51
C GLY A 47 6.68 -32.93 37.08
N TYR A 48 5.75 -32.39 36.29
CA TYR A 48 5.72 -32.63 34.86
C TYR A 48 6.52 -31.52 34.18
N ASP A 49 7.67 -31.87 33.63
CA ASP A 49 8.58 -30.89 33.03
C ASP A 49 8.28 -30.80 31.54
N ALA A 50 7.98 -29.59 31.07
CA ALA A 50 7.61 -29.42 29.67
C ALA A 50 8.80 -29.60 28.74
N ARG A 51 10.02 -29.38 29.24
CA ARG A 51 11.19 -29.35 28.38
C ARG A 51 11.50 -30.73 27.79
N ILE A 52 11.36 -31.78 28.59
CA ILE A 52 11.68 -33.13 28.15
C ILE A 52 10.58 -33.58 27.20
N ARG A 53 10.81 -34.68 26.49
CA ARG A 53 9.86 -35.08 25.46
C ARG A 53 9.26 -36.45 25.76
N PRO A 54 8.04 -36.71 25.28
CA PRO A 54 7.45 -38.03 25.43
C PRO A 54 8.32 -39.10 24.81
N ASN A 55 8.47 -40.22 25.53
CA ASN A 55 9.26 -41.37 25.10
C ASN A 55 10.71 -40.96 24.84
N PHE A 56 11.34 -40.48 25.92
CA PHE A 56 12.67 -39.90 25.85
C PHE A 56 13.70 -41.01 25.83
N LYS A 57 14.74 -40.83 25.00
CA LYS A 57 15.75 -41.86 24.73
C LYS A 57 15.07 -43.16 24.28
N GLY A 58 14.15 -43.02 23.35
CA GLY A 58 13.37 -44.14 22.87
C GLY A 58 12.90 -43.94 21.44
N PRO A 59 11.84 -44.66 21.05
CA PRO A 59 11.36 -44.57 19.67
C PRO A 59 10.82 -43.18 19.38
N PRO A 60 10.87 -42.74 18.13
CA PRO A 60 10.34 -41.42 17.79
C PRO A 60 8.84 -41.34 17.96
N VAL A 61 8.37 -40.19 18.43
CA VAL A 61 6.96 -40.02 18.76
C VAL A 61 6.17 -39.75 17.49
N ASN A 62 4.99 -40.33 17.39
CA ASN A 62 4.15 -40.17 16.20
C ASN A 62 3.26 -38.94 16.37
N VAL A 63 3.13 -38.16 15.31
CA VAL A 63 2.25 -37.01 15.29
C VAL A 63 1.35 -37.14 14.08
N THR A 64 0.04 -37.11 14.29
CA THR A 64 -0.95 -37.19 13.23
C THR A 64 -1.55 -35.82 13.02
N CYS A 65 -1.59 -35.38 11.76
CA CYS A 65 -1.95 -34.02 11.42
C CYS A 65 -3.26 -33.98 10.66
N ASN A 66 -4.15 -33.09 11.07
CA ASN A 66 -5.40 -32.80 10.37
C ASN A 66 -5.44 -31.30 10.08
N ILE A 67 -6.02 -30.95 8.94
CA ILE A 67 -6.13 -29.57 8.52
C ILE A 67 -7.52 -29.33 7.98
N PHE A 68 -8.15 -28.25 8.45
CA PHE A 68 -9.45 -27.81 7.96
C PHE A 68 -9.30 -26.40 7.42
N ILE A 69 -9.83 -26.16 6.22
CA ILE A 69 -9.65 -24.89 5.53
C ILE A 69 -10.90 -24.05 5.76
N ASN A 70 -10.76 -23.01 6.58
CA ASN A 70 -11.87 -22.11 6.83
C ASN A 70 -12.18 -21.24 5.62
N SER A 71 -11.16 -20.65 5.02
CA SER A 71 -11.36 -19.75 3.89
C SER A 71 -10.10 -19.71 3.05
N PHE A 72 -10.28 -19.66 1.74
CA PHE A 72 -9.17 -19.60 0.80
C PHE A 72 -9.17 -18.20 0.20
N GLY A 73 -8.02 -17.52 0.30
CA GLY A 73 -7.94 -16.11 0.05
C GLY A 73 -7.54 -15.73 -1.37
N SER A 74 -7.27 -14.44 -1.53
CA SER A 74 -6.95 -13.85 -2.82
C SER A 74 -5.57 -14.28 -3.28
N ILE A 75 -5.48 -14.75 -4.51
CA ILE A 75 -4.23 -15.27 -5.05
C ILE A 75 -3.66 -14.15 -5.91
N ALA A 76 -2.88 -13.29 -5.27
CA ALA A 76 -2.30 -12.11 -5.92
C ALA A 76 -1.17 -12.58 -6.84
N GLU A 77 -1.40 -12.51 -8.14
CA GLU A 77 -0.49 -13.08 -9.12
C GLU A 77 0.86 -12.38 -9.13
N THR A 78 0.89 -11.09 -8.79
CA THR A 78 2.12 -10.31 -8.88
C THR A 78 3.22 -10.83 -7.96
N THR A 79 2.88 -11.18 -6.72
CA THR A 79 3.88 -11.55 -5.73
C THR A 79 3.90 -13.03 -5.36
N MET A 80 3.34 -13.89 -6.22
CA MET A 80 3.34 -15.35 -6.05
C MET A 80 2.76 -15.80 -4.71
N ASP A 81 1.71 -15.15 -4.22
CA ASP A 81 1.21 -15.49 -2.89
C ASP A 81 -0.28 -15.84 -2.93
N TYR A 82 -0.69 -16.62 -1.93
CA TYR A 82 -2.10 -16.98 -1.74
C TYR A 82 -2.34 -17.13 -0.24
N ARG A 83 -3.32 -16.41 0.28
CA ARG A 83 -3.62 -16.42 1.71
C ARG A 83 -4.58 -17.56 2.05
N VAL A 84 -4.29 -18.26 3.14
CA VAL A 84 -5.06 -19.42 3.58
C VAL A 84 -5.33 -19.28 5.07
N ASN A 85 -6.57 -19.53 5.48
CA ASN A 85 -6.97 -19.58 6.89
C ASN A 85 -7.32 -21.02 7.23
N ILE A 86 -6.68 -21.58 8.26
CA ILE A 86 -6.83 -22.99 8.58
C ILE A 86 -6.96 -23.23 10.08
N PHE A 87 -7.58 -24.36 10.40
CA PHE A 87 -7.49 -24.98 11.71
C PHE A 87 -6.51 -26.15 11.62
N LEU A 88 -5.50 -26.16 12.48
CA LEU A 88 -4.48 -27.21 12.47
C LEU A 88 -4.62 -28.05 13.73
N ARG A 89 -4.77 -29.36 13.56
CA ARG A 89 -4.96 -30.29 14.66
C ARG A 89 -3.81 -31.28 14.69
N GLN A 90 -3.19 -31.44 15.86
CA GLN A 90 -2.11 -32.39 16.07
C GLN A 90 -2.52 -33.36 17.16
N GLN A 91 -2.36 -34.65 16.88
CA GLN A 91 -2.71 -35.70 17.83
C GLN A 91 -1.49 -36.57 18.12
N TRP A 92 -1.20 -36.77 19.40
CA TRP A 92 -0.09 -37.60 19.82
C TRP A 92 -0.43 -38.18 21.19
N ASN A 93 0.37 -39.15 21.62
CA ASN A 93 0.11 -39.90 22.86
C ASN A 93 1.25 -39.70 23.86
N ASP A 94 1.01 -38.84 24.85
CA ASP A 94 1.98 -38.60 25.91
C ASP A 94 1.68 -39.55 27.07
N PRO A 95 2.50 -40.58 27.32
CA PRO A 95 2.16 -41.57 28.34
C PRO A 95 2.07 -41.01 29.74
N ARG A 96 2.82 -39.95 30.05
CA ARG A 96 2.85 -39.40 31.40
C ARG A 96 1.49 -38.81 31.78
N LEU A 97 0.80 -38.18 30.84
CA LEU A 97 -0.45 -37.51 31.12
C LEU A 97 -1.62 -38.49 31.06
N ALA A 98 -1.70 -39.33 32.10
CA ALA A 98 -2.73 -40.36 32.16
C ALA A 98 -3.38 -40.32 33.54
N TYR A 99 -4.65 -40.71 33.59
CA TYR A 99 -5.42 -40.63 34.82
C TYR A 99 -6.42 -41.79 34.84
N SER A 100 -6.83 -42.15 36.05
CA SER A 100 -7.89 -43.15 36.20
C SER A 100 -8.91 -42.83 37.28
N GLU A 101 -8.72 -41.79 38.10
CA GLU A 101 -9.71 -41.46 39.12
C GLU A 101 -10.97 -40.85 38.53
N TYR A 102 -10.84 -40.04 37.47
CA TYR A 102 -12.02 -39.43 36.86
C TYR A 102 -12.59 -40.35 35.79
N PRO A 103 -13.83 -40.83 35.95
CA PRO A 103 -14.39 -41.78 34.98
C PRO A 103 -14.75 -41.15 33.64
N ASP A 104 -14.96 -39.84 33.58
CA ASP A 104 -15.34 -39.20 32.33
C ASP A 104 -14.15 -39.17 31.38
N ASP A 105 -14.40 -39.54 30.12
CA ASP A 105 -13.35 -39.59 29.12
C ASP A 105 -13.25 -38.28 28.37
N SER A 106 -12.01 -37.91 28.01
CA SER A 106 -11.70 -36.75 27.18
C SER A 106 -12.20 -35.45 27.83
N LEU A 107 -11.72 -35.19 29.03
CA LEU A 107 -12.07 -33.95 29.71
C LEU A 107 -11.32 -32.78 29.09
N ASP A 108 -12.00 -31.64 28.99
CA ASP A 108 -11.46 -30.44 28.36
C ASP A 108 -10.77 -29.56 29.40
N LEU A 109 -9.80 -28.77 28.94
CA LEU A 109 -8.99 -27.94 29.82
C LEU A 109 -9.05 -26.49 29.36
N ASP A 110 -8.76 -25.59 30.30
CA ASP A 110 -8.72 -24.17 29.96
C ASP A 110 -7.52 -23.89 29.06
N PRO A 111 -7.69 -23.12 27.98
CA PRO A 111 -6.53 -22.76 27.15
C PRO A 111 -5.48 -21.89 27.84
N SER A 112 -5.70 -21.50 29.09
CA SER A 112 -4.77 -20.63 29.80
C SER A 112 -3.65 -21.39 30.49
N MET A 113 -3.67 -22.72 30.48
CA MET A 113 -2.64 -23.52 31.12
C MET A 113 -1.83 -24.34 30.10
N LEU A 114 -1.84 -23.92 28.85
CA LEU A 114 -1.15 -24.65 27.78
C LEU A 114 0.36 -24.54 27.86
N ASP A 115 0.90 -23.71 28.76
CA ASP A 115 2.33 -23.45 28.76
C ASP A 115 3.15 -24.62 29.29
N SER A 116 2.54 -25.56 30.03
CA SER A 116 3.31 -26.58 30.73
C SER A 116 3.21 -27.96 30.08
N ILE A 117 2.93 -28.03 28.79
CA ILE A 117 2.90 -29.29 28.07
C ILE A 117 4.08 -29.30 27.10
N TRP A 118 4.51 -30.49 26.72
CA TRP A 118 5.36 -30.58 25.53
C TRP A 118 4.49 -30.39 24.30
N LYS A 119 4.87 -29.46 23.43
CA LYS A 119 4.20 -29.27 22.16
C LYS A 119 5.19 -29.46 21.02
N PRO A 120 4.82 -30.19 19.97
CA PRO A 120 5.79 -30.47 18.91
C PRO A 120 5.97 -29.24 18.02
N ASP A 121 7.23 -28.95 17.70
CA ASP A 121 7.53 -27.83 16.83
C ASP A 121 7.04 -28.09 15.41
N LEU A 122 6.62 -27.02 14.73
CA LEU A 122 6.09 -27.15 13.38
C LEU A 122 6.19 -25.81 12.69
N PHE A 123 6.55 -25.82 11.41
CA PHE A 123 6.63 -24.60 10.64
C PHE A 123 6.40 -24.94 9.17
N PHE A 124 5.97 -23.94 8.42
CA PHE A 124 5.74 -24.06 6.98
C PHE A 124 6.90 -23.43 6.21
N ALA A 125 7.50 -24.20 5.29
CA ALA A 125 8.70 -23.72 4.60
C ALA A 125 8.39 -22.56 3.67
N ASN A 126 7.35 -22.70 2.86
CA ASN A 126 7.02 -21.74 1.81
C ASN A 126 6.32 -20.49 2.34
N GLU A 127 6.36 -20.24 3.64
CA GLU A 127 5.64 -19.11 4.16
C GLU A 127 6.33 -17.81 3.79
N LYS A 128 5.55 -16.73 3.84
CA LYS A 128 6.06 -15.39 3.87
C LYS A 128 5.56 -14.62 5.09
N GLY A 129 4.53 -15.11 5.76
CA GLY A 129 3.97 -14.47 6.93
C GLY A 129 3.06 -15.42 7.67
N ALA A 130 2.84 -15.11 8.94
CA ALA A 130 1.91 -15.88 9.77
C ALA A 130 1.53 -15.03 10.97
N ASN A 131 0.39 -15.37 11.56
CA ASN A 131 -0.06 -14.73 12.79
C ASN A 131 -1.13 -15.57 13.45
N PHE A 132 -1.26 -15.41 14.77
CA PHE A 132 -2.42 -15.86 15.52
C PHE A 132 -3.48 -14.76 15.48
N HIS A 133 -4.60 -14.97 16.18
CA HIS A 133 -5.70 -14.01 16.14
C HIS A 133 -5.89 -13.23 17.43
N GLU A 134 -6.18 -13.90 18.55
CA GLU A 134 -6.43 -13.24 19.84
C GLU A 134 -7.52 -12.18 19.72
N VAL A 135 -8.75 -12.65 19.48
CA VAL A 135 -9.88 -11.74 19.34
C VAL A 135 -10.45 -11.36 20.71
N THR A 136 -10.89 -12.34 21.49
CA THR A 136 -11.33 -12.14 22.86
C THR A 136 -10.45 -12.90 23.83
N THR A 137 -10.21 -14.18 23.58
CA THR A 137 -9.28 -14.98 24.35
C THR A 137 -8.31 -15.68 23.42
N ASP A 138 -7.51 -16.59 23.95
CA ASP A 138 -6.55 -17.36 23.17
C ASP A 138 -7.28 -18.47 22.43
N ASN A 139 -7.29 -18.40 21.10
CA ASN A 139 -8.04 -19.35 20.28
C ASN A 139 -7.24 -20.63 20.10
N LYS A 140 -7.19 -21.41 21.19
CA LYS A 140 -6.54 -22.70 21.20
C LYS A 140 -7.43 -23.69 21.93
N LEU A 141 -7.41 -24.94 21.45
CA LEU A 141 -8.21 -26.02 22.00
C LEU A 141 -7.29 -27.12 22.52
N LEU A 142 -7.51 -27.52 23.76
CA LEU A 142 -6.75 -28.61 24.38
C LEU A 142 -7.72 -29.67 24.89
N ARG A 143 -7.45 -30.92 24.55
CA ARG A 143 -8.28 -32.04 24.95
C ARG A 143 -7.40 -33.23 25.33
N ILE A 144 -7.60 -33.77 26.52
CA ILE A 144 -6.79 -34.86 27.04
C ILE A 144 -7.70 -36.05 27.28
N SER A 145 -7.36 -37.19 26.68
CA SER A 145 -8.13 -38.41 26.84
C SER A 145 -7.59 -39.23 28.01
N LYS A 146 -8.29 -40.33 28.32
CA LYS A 146 -7.92 -41.13 29.48
C LYS A 146 -6.58 -41.83 29.27
N ASN A 147 -6.36 -42.40 28.08
CA ASN A 147 -5.11 -43.11 27.83
C ASN A 147 -3.93 -42.15 27.76
N GLY A 148 -4.14 -40.95 27.22
CA GLY A 148 -3.07 -39.98 27.14
C GLY A 148 -3.03 -39.22 25.83
N ASN A 149 -3.91 -39.59 24.90
CA ASN A 149 -3.97 -38.91 23.62
C ASN A 149 -4.37 -37.44 23.81
N VAL A 150 -3.66 -36.56 23.11
CA VAL A 150 -3.86 -35.11 23.23
C VAL A 150 -4.22 -34.56 21.86
N LEU A 151 -5.31 -33.80 21.81
CA LEU A 151 -5.72 -33.08 20.61
C LEU A 151 -5.49 -31.60 20.82
N TYR A 152 -4.89 -30.93 19.84
CA TYR A 152 -4.44 -29.56 20.00
C TYR A 152 -4.76 -28.81 18.71
N SER A 153 -5.66 -27.82 18.79
CA SER A 153 -6.16 -27.11 17.62
C SER A 153 -5.82 -25.63 17.72
N ILE A 154 -5.32 -25.07 16.62
CA ILE A 154 -4.88 -23.68 16.57
C ILE A 154 -5.48 -23.05 15.32
N ARG A 155 -5.90 -21.79 15.42
CA ARG A 155 -6.36 -21.03 14.28
C ARG A 155 -5.22 -20.15 13.78
N ILE A 156 -4.82 -20.36 12.52
CA ILE A 156 -3.67 -19.67 11.94
C ILE A 156 -4.03 -19.15 10.56
N THR A 157 -3.41 -18.05 10.17
CA THR A 157 -3.50 -17.49 8.82
C THR A 157 -2.13 -17.53 8.17
N LEU A 158 -2.07 -18.04 6.94
CA LEU A 158 -0.82 -18.28 6.24
C LEU A 158 -0.80 -17.58 4.90
N VAL A 159 0.32 -16.95 4.57
CA VAL A 159 0.54 -16.41 3.24
C VAL A 159 1.65 -17.22 2.57
N LEU A 160 1.27 -18.26 1.85
CA LEU A 160 2.22 -19.19 1.28
C LEU A 160 2.68 -18.69 -0.10
N ALA A 161 3.61 -19.42 -0.70
CA ALA A 161 4.13 -19.05 -2.00
C ALA A 161 4.15 -20.27 -2.92
N CYS A 162 3.82 -20.05 -4.18
CA CYS A 162 3.67 -21.13 -5.15
C CYS A 162 4.51 -20.86 -6.40
N PRO A 163 5.37 -21.78 -6.80
CA PRO A 163 6.05 -21.62 -8.10
C PRO A 163 5.03 -21.84 -9.22
N MET A 164 5.15 -21.07 -10.29
CA MET A 164 4.17 -21.14 -11.35
C MET A 164 4.83 -21.15 -12.72
N ASP A 165 4.16 -21.79 -13.67
CA ASP A 165 4.56 -21.85 -15.07
C ASP A 165 3.43 -21.24 -15.89
N LEU A 166 3.70 -20.09 -16.50
CA LEU A 166 2.72 -19.37 -17.33
C LEU A 166 2.96 -19.58 -18.82
N LYS A 167 3.23 -20.82 -19.22
CA LYS A 167 3.45 -21.11 -20.63
C LYS A 167 2.19 -20.86 -21.45
N ASN A 168 1.02 -21.22 -20.93
CA ASN A 168 -0.26 -20.94 -21.57
C ASN A 168 -1.12 -20.17 -20.59
N PHE A 169 -0.99 -18.85 -20.60
CA PHE A 169 -1.56 -18.02 -19.53
C PHE A 169 -3.08 -18.09 -19.40
N PRO A 170 -3.89 -17.96 -20.46
CA PRO A 170 -5.35 -18.04 -20.24
C PRO A 170 -5.85 -19.44 -19.94
N MET A 171 -5.24 -20.47 -20.52
CA MET A 171 -5.65 -21.86 -20.31
C MET A 171 -4.50 -22.61 -19.63
N ASP A 172 -4.51 -22.59 -18.30
CA ASP A 172 -3.45 -23.23 -17.53
C ASP A 172 -4.05 -23.91 -16.31
N VAL A 173 -3.32 -24.90 -15.80
CA VAL A 173 -3.62 -25.53 -14.52
C VAL A 173 -2.42 -25.28 -13.60
N GLN A 174 -2.70 -24.82 -12.38
CA GLN A 174 -1.67 -24.45 -11.43
C GLN A 174 -1.66 -25.40 -10.26
N THR A 175 -0.51 -25.46 -9.59
CA THR A 175 -0.34 -26.31 -8.41
C THR A 175 0.10 -25.44 -7.23
N CYS A 176 -0.61 -25.58 -6.11
CA CYS A 176 -0.31 -24.86 -4.89
C CYS A 176 0.16 -25.86 -3.83
N ILE A 177 1.20 -25.50 -3.09
CA ILE A 177 1.88 -26.41 -2.19
C ILE A 177 1.64 -25.98 -0.75
N MET A 178 1.35 -26.95 0.10
CA MET A 178 1.32 -26.78 1.55
C MET A 178 2.30 -27.77 2.14
N GLN A 179 3.34 -27.27 2.81
CA GLN A 179 4.45 -28.11 3.21
C GLN A 179 4.75 -27.88 4.68
N LEU A 180 4.83 -28.97 5.45
CA LEU A 180 5.02 -28.90 6.90
C LEU A 180 6.29 -29.64 7.31
N GLU A 181 7.14 -28.99 8.10
CA GLU A 181 8.37 -29.59 8.61
C GLU A 181 8.50 -29.38 10.11
N SER A 182 9.55 -29.99 10.66
CA SER A 182 9.96 -29.78 12.03
C SER A 182 11.31 -29.08 12.05
N PHE A 183 11.45 -28.06 12.88
CA PHE A 183 12.64 -27.22 12.88
C PHE A 183 13.74 -27.77 13.80
N GLY A 184 13.40 -28.04 15.04
CA GLY A 184 14.38 -28.39 16.04
C GLY A 184 14.58 -29.86 16.33
N TYR A 185 13.88 -30.74 15.63
CA TYR A 185 13.96 -32.17 15.89
C TYR A 185 14.18 -32.94 14.60
N THR A 186 14.89 -34.06 14.72
CA THR A 186 15.20 -34.91 13.59
C THR A 186 14.23 -36.10 13.55
N MET A 187 14.42 -36.99 12.58
CA MET A 187 13.58 -38.17 12.48
C MET A 187 13.87 -39.22 13.56
N ASN A 188 14.96 -39.06 14.31
CA ASN A 188 15.18 -39.93 15.45
C ASN A 188 14.34 -39.54 16.65
N ASP A 189 13.67 -38.40 16.61
CA ASP A 189 12.80 -37.93 17.68
C ASP A 189 11.37 -37.71 17.24
N LEU A 190 11.14 -37.08 16.10
CA LEU A 190 9.80 -36.64 15.71
C LEU A 190 9.54 -36.97 14.26
N ILE A 191 8.42 -37.62 13.99
CA ILE A 191 8.00 -37.98 12.63
C ILE A 191 6.56 -37.51 12.44
N PHE A 192 6.32 -36.80 11.33
CA PHE A 192 4.99 -36.35 10.98
C PHE A 192 4.27 -37.38 10.11
N GLU A 193 2.95 -37.42 10.23
CA GLU A 193 2.11 -38.31 9.44
C GLU A 193 0.83 -37.61 9.07
N TRP A 194 0.28 -37.96 7.91
CA TRP A 194 -1.04 -37.49 7.52
C TRP A 194 -2.13 -38.36 8.14
N ASP A 195 -3.29 -37.77 8.32
CA ASP A 195 -4.42 -38.49 8.88
C ASP A 195 -4.91 -39.55 7.90
N GLU A 196 -5.39 -40.67 8.42
CA GLU A 196 -5.74 -41.79 7.53
C GLU A 196 -6.97 -41.47 6.69
N LYS A 197 -7.99 -40.81 7.25
CA LYS A 197 -9.15 -40.41 6.48
C LYS A 197 -9.46 -38.95 6.74
N GLY A 198 -9.86 -38.24 5.68
CA GLY A 198 -10.18 -36.83 5.83
C GLY A 198 -9.03 -35.96 6.28
N ALA A 199 -7.86 -36.12 5.65
CA ALA A 199 -6.68 -35.38 6.08
C ALA A 199 -6.88 -33.88 5.92
N VAL A 200 -7.29 -33.45 4.73
CA VAL A 200 -7.57 -32.05 4.44
C VAL A 200 -9.06 -31.93 4.14
N GLN A 201 -9.76 -31.11 4.93
CA GLN A 201 -11.20 -30.99 4.84
C GLN A 201 -11.57 -29.57 4.40
N VAL A 202 -12.15 -29.45 3.22
CA VAL A 202 -12.53 -28.15 2.69
C VAL A 202 -13.88 -27.77 3.30
N ALA A 203 -14.00 -26.52 3.75
CA ALA A 203 -15.27 -26.05 4.26
C ALA A 203 -16.34 -26.09 3.17
N ASP A 204 -17.56 -26.43 3.55
CA ASP A 204 -18.66 -26.47 2.60
C ASP A 204 -18.95 -25.07 2.07
N GLY A 205 -19.20 -24.98 0.76
CA GLY A 205 -19.58 -23.73 0.14
C GLY A 205 -18.44 -22.83 -0.26
N LEU A 206 -17.19 -23.26 -0.11
CA LEU A 206 -16.06 -22.46 -0.54
C LEU A 206 -16.02 -22.38 -2.06
N THR A 207 -15.84 -21.17 -2.58
CA THR A 207 -15.73 -20.95 -4.02
C THR A 207 -14.86 -19.72 -4.24
N LEU A 208 -14.09 -19.74 -5.33
CA LEU A 208 -13.14 -18.70 -5.67
C LEU A 208 -13.62 -17.95 -6.91
N PRO A 209 -13.33 -16.65 -7.00
CA PRO A 209 -13.78 -15.90 -8.18
C PRO A 209 -13.20 -16.35 -9.50
N GLN A 210 -11.97 -16.89 -9.48
CA GLN A 210 -11.28 -17.18 -10.73
C GLN A 210 -10.57 -18.52 -10.69
N PHE A 211 -10.85 -19.37 -9.72
CA PHE A 211 -10.27 -20.69 -9.72
C PHE A 211 -11.28 -21.70 -9.19
N ILE A 212 -11.29 -22.88 -9.82
CA ILE A 212 -12.03 -24.01 -9.29
C ILE A 212 -11.05 -24.91 -8.56
N LEU A 213 -11.33 -25.20 -7.30
CA LEU A 213 -10.48 -26.07 -6.52
C LEU A 213 -11.00 -27.50 -6.71
N LYS A 214 -10.20 -28.32 -7.39
CA LYS A 214 -10.57 -29.70 -7.64
C LYS A 214 -10.59 -30.48 -6.33
N GLU A 215 -11.52 -31.42 -6.23
CA GLU A 215 -11.65 -32.20 -5.01
C GLU A 215 -10.62 -33.31 -4.93
N GLU A 216 -9.83 -33.53 -5.97
CA GLU A 216 -8.77 -34.52 -5.94
C GLU A 216 -7.49 -33.82 -5.47
N LYS A 217 -6.99 -34.23 -4.31
CA LYS A 217 -5.75 -33.68 -3.75
C LYS A 217 -4.78 -34.81 -3.49
N ASP A 218 -3.50 -34.56 -3.78
CA ASP A 218 -2.47 -35.58 -3.69
C ASP A 218 -1.59 -35.28 -2.48
N LEU A 219 -1.32 -36.32 -1.70
CA LEU A 219 -0.48 -36.23 -0.52
C LEU A 219 0.78 -37.06 -0.73
N ARG A 220 1.93 -36.46 -0.46
CA ARG A 220 3.21 -37.12 -0.73
C ARG A 220 4.24 -36.66 0.29
N TYR A 221 5.33 -37.41 0.35
CA TYR A 221 6.44 -37.14 1.25
C TYR A 221 7.59 -36.48 0.51
N CYS A 222 8.20 -35.48 1.14
CA CYS A 222 9.38 -34.80 0.58
C CYS A 222 10.33 -34.50 1.74
N THR A 223 11.26 -35.43 1.97
CA THR A 223 12.18 -35.33 3.10
C THR A 223 13.23 -34.27 2.84
N LYS A 224 13.48 -33.42 3.83
CA LYS A 224 14.49 -32.37 3.75
C LYS A 224 15.81 -32.91 4.29
N HIS A 225 16.88 -32.69 3.52
CA HIS A 225 18.24 -33.03 3.96
C HIS A 225 19.11 -31.79 3.98
N TYR A 226 19.58 -31.43 5.17
CA TYR A 226 20.48 -30.30 5.35
C TYR A 226 21.72 -30.80 6.07
N ASN A 227 22.72 -29.92 6.20
CA ASN A 227 23.99 -30.34 6.79
C ASN A 227 23.85 -30.70 8.27
N THR A 228 22.85 -30.13 8.94
CA THR A 228 22.59 -30.48 10.33
C THR A 228 22.06 -31.90 10.46
N GLY A 229 21.17 -32.30 9.56
CA GLY A 229 20.62 -33.64 9.59
C GLY A 229 19.30 -33.69 8.84
N LYS A 230 18.63 -34.84 8.97
CA LYS A 230 17.36 -35.07 8.31
C LYS A 230 16.22 -34.64 9.21
N PHE A 231 15.21 -33.99 8.62
CA PHE A 231 14.02 -33.55 9.33
C PHE A 231 12.79 -34.07 8.63
N THR A 232 11.78 -34.44 9.41
CA THR A 232 10.55 -34.99 8.84
C THR A 232 9.75 -33.91 8.14
N CYS A 233 8.99 -34.32 7.13
CA CYS A 233 8.23 -33.37 6.34
C CYS A 233 7.10 -34.09 5.60
N ILE A 234 5.99 -33.37 5.43
CA ILE A 234 4.84 -33.84 4.68
C ILE A 234 4.42 -32.74 3.72
N GLU A 235 3.72 -33.13 2.66
CA GLU A 235 3.33 -32.18 1.62
C GLU A 235 1.95 -32.52 1.10
N ALA A 236 1.11 -31.49 0.97
CA ALA A 236 -0.21 -31.59 0.37
C ALA A 236 -0.31 -30.54 -0.73
N ARG A 237 -0.69 -30.97 -1.93
CA ARG A 237 -0.72 -30.09 -3.09
C ARG A 237 -2.13 -30.04 -3.66
N PHE A 238 -2.56 -28.84 -4.03
CA PHE A 238 -3.85 -28.61 -4.66
C PHE A 238 -3.65 -28.28 -6.13
N HIS A 239 -4.65 -28.63 -6.94
CA HIS A 239 -4.68 -28.26 -8.35
C HIS A 239 -5.79 -27.26 -8.60
N LEU A 240 -5.48 -26.20 -9.31
CA LEU A 240 -6.42 -25.13 -9.62
C LEU A 240 -6.49 -24.93 -11.12
N GLU A 241 -7.68 -24.70 -11.64
CA GLU A 241 -7.87 -24.46 -13.06
C GLU A 241 -8.44 -23.06 -13.27
N ARG A 242 -7.90 -22.37 -14.26
CA ARG A 242 -8.29 -21.01 -14.60
C ARG A 242 -9.26 -21.04 -15.78
N GLN A 243 -10.40 -20.36 -15.65
CA GLN A 243 -11.41 -20.37 -16.70
C GLN A 243 -11.26 -19.14 -17.58
N MET A 244 -11.67 -19.29 -18.83
CA MET A 244 -11.42 -18.31 -19.87
C MET A 244 -12.53 -17.29 -20.03
N GLY A 245 -13.43 -17.18 -19.05
CA GLY A 245 -14.54 -16.26 -19.15
C GLY A 245 -14.15 -14.81 -19.25
N TYR A 246 -13.47 -14.30 -18.22
CA TYR A 246 -13.15 -12.88 -18.14
C TYR A 246 -12.28 -12.43 -19.30
N TYR A 247 -11.34 -13.28 -19.71
CA TYR A 247 -10.39 -12.92 -20.76
C TYR A 247 -11.07 -12.78 -22.12
N LEU A 248 -12.09 -13.59 -22.39
CA LEU A 248 -12.80 -13.44 -23.66
C LEU A 248 -13.48 -12.09 -23.75
N ILE A 249 -14.18 -11.67 -22.69
CA ILE A 249 -14.90 -10.41 -22.72
C ILE A 249 -13.92 -9.24 -22.75
N GLN A 250 -12.89 -9.29 -21.91
CA GLN A 250 -11.99 -8.16 -21.78
C GLN A 250 -11.02 -8.03 -22.95
N MET A 251 -10.48 -9.15 -23.44
CA MET A 251 -9.35 -9.10 -24.35
C MET A 251 -9.64 -9.71 -25.71
N TYR A 252 -10.13 -10.95 -25.77
CA TYR A 252 -10.21 -11.66 -27.05
C TYR A 252 -11.23 -11.01 -27.98
N ILE A 253 -12.39 -10.65 -27.46
CA ILE A 253 -13.45 -10.09 -28.28
C ILE A 253 -13.07 -8.70 -28.78
N PRO A 254 -12.53 -7.78 -27.94
CA PRO A 254 -11.98 -6.54 -28.52
C PRO A 254 -10.84 -6.76 -29.52
N SER A 255 -9.98 -7.74 -29.29
CA SER A 255 -8.93 -8.05 -30.25
C SER A 255 -9.50 -8.60 -31.56
N LEU A 256 -10.48 -9.50 -31.46
CA LEU A 256 -11.19 -9.96 -32.65
C LEU A 256 -11.99 -8.83 -33.31
N LEU A 257 -12.39 -7.83 -32.53
CA LEU A 257 -13.16 -6.74 -33.08
C LEU A 257 -12.31 -5.87 -34.02
N ILE A 258 -11.09 -5.56 -33.61
CA ILE A 258 -10.26 -4.60 -34.35
C ILE A 258 -9.88 -5.14 -35.72
N VAL A 259 -9.45 -6.40 -35.76
CA VAL A 259 -9.04 -7.01 -37.04
C VAL A 259 -10.22 -7.06 -38.02
N ILE A 260 -11.41 -7.40 -37.54
CA ILE A 260 -12.60 -7.29 -38.40
C ILE A 260 -12.84 -5.83 -38.79
N LEU A 261 -12.67 -4.90 -37.85
CA LEU A 261 -12.90 -3.50 -38.14
C LEU A 261 -11.89 -2.99 -39.17
N SER A 262 -10.64 -3.43 -39.06
CA SER A 262 -9.61 -3.01 -40.01
C SER A 262 -9.89 -3.56 -41.41
N TRP A 263 -10.71 -4.60 -41.52
CA TRP A 263 -10.96 -5.23 -42.81
C TRP A 263 -11.81 -4.36 -43.72
N VAL A 264 -12.45 -3.32 -43.18
CA VAL A 264 -13.36 -2.46 -43.93
C VAL A 264 -12.66 -1.81 -45.13
N SER A 265 -11.32 -1.77 -45.12
CA SER A 265 -10.56 -1.04 -46.14
C SER A 265 -10.81 -1.58 -47.53
N PHE A 266 -11.15 -2.86 -47.64
CA PHE A 266 -11.26 -3.51 -48.94
C PHE A 266 -12.45 -2.99 -49.72
N TRP A 267 -13.58 -2.76 -49.06
CA TRP A 267 -14.79 -2.31 -49.73
C TRP A 267 -15.17 -0.88 -49.39
N ILE A 268 -14.31 -0.13 -48.70
CA ILE A 268 -14.71 1.20 -48.24
C ILE A 268 -14.74 2.19 -49.39
N ASN A 269 -13.78 2.09 -50.30
CA ASN A 269 -13.66 3.02 -51.42
C ASN A 269 -12.79 2.38 -52.48
N MET A 270 -12.63 3.09 -53.60
CA MET A 270 -11.70 2.67 -54.63
C MET A 270 -10.29 3.12 -54.26
N ASP A 271 -9.37 3.07 -55.22
CA ASP A 271 -7.95 3.24 -54.91
C ASP A 271 -7.60 4.67 -54.47
N ALA A 272 -8.46 5.64 -54.74
CA ALA A 272 -8.21 7.04 -54.36
C ALA A 272 -8.73 7.30 -52.95
N ALA A 273 -7.85 7.12 -51.95
CA ALA A 273 -8.30 7.27 -50.57
C ALA A 273 -7.18 7.64 -49.61
N PRO A 274 -7.12 8.89 -49.15
CA PRO A 274 -6.35 9.18 -47.93
C PRO A 274 -6.93 8.49 -46.70
N ALA A 275 -8.25 8.30 -46.67
CA ALA A 275 -8.92 7.72 -45.51
C ALA A 275 -8.51 6.28 -45.28
N ARG A 276 -8.25 5.54 -46.36
CA ARG A 276 -7.83 4.14 -46.25
C ARG A 276 -6.56 3.99 -45.42
N VAL A 277 -5.62 4.93 -45.54
CA VAL A 277 -4.48 4.95 -44.62
C VAL A 277 -4.96 5.21 -43.20
N GLY A 278 -5.90 6.14 -43.04
CA GLY A 278 -6.31 6.57 -41.71
C GLY A 278 -6.91 5.44 -40.87
N LEU A 279 -7.78 4.64 -41.48
CA LEU A 279 -8.34 3.49 -40.76
C LEU A 279 -7.26 2.49 -40.37
N GLY A 280 -6.31 2.23 -41.27
CA GLY A 280 -5.31 1.21 -41.01
C GLY A 280 -4.40 1.55 -39.85
N ILE A 281 -3.96 2.80 -39.77
CA ILE A 281 -2.98 3.19 -38.77
C ILE A 281 -3.59 3.14 -37.36
N THR A 282 -4.77 3.74 -37.17
CA THR A 282 -5.35 3.81 -35.83
C THR A 282 -5.69 2.42 -35.29
N THR A 283 -6.00 1.49 -36.18
CA THR A 283 -6.19 0.11 -35.77
C THR A 283 -4.87 -0.53 -35.35
N VAL A 284 -3.81 -0.27 -36.11
CA VAL A 284 -2.48 -0.77 -35.76
C VAL A 284 -2.01 -0.19 -34.42
N LEU A 285 -2.19 1.12 -34.23
CA LEU A 285 -1.70 1.76 -33.02
C LEU A 285 -2.44 1.28 -31.77
N THR A 286 -3.76 1.13 -31.85
CA THR A 286 -4.50 0.73 -30.64
C THR A 286 -4.27 -0.73 -30.30
N MET A 287 -3.83 -1.54 -31.27
CA MET A 287 -3.48 -2.92 -31.01
C MET A 287 -2.27 -3.01 -30.08
N THR A 288 -1.27 -2.17 -30.34
CA THR A 288 -0.07 -2.13 -29.51
C THR A 288 -0.39 -1.69 -28.09
N THR A 289 -1.22 -0.65 -27.94
CA THR A 289 -1.58 -0.19 -26.60
C THR A 289 -2.38 -1.25 -25.86
N GLN A 290 -3.29 -1.94 -26.55
CA GLN A 290 -3.96 -3.09 -25.95
C GLN A 290 -3.00 -4.19 -25.57
N SER A 291 -1.87 -4.32 -26.28
CA SER A 291 -0.87 -5.31 -25.91
C SER A 291 -0.24 -5.00 -24.56
N SER A 292 0.00 -3.72 -24.28
CA SER A 292 0.65 -3.34 -23.03
C SER A 292 -0.21 -3.71 -21.83
N GLY A 293 -1.51 -3.44 -21.90
CA GLY A 293 -2.39 -3.80 -20.78
C GLY A 293 -2.47 -5.28 -20.52
N SER A 294 -2.34 -6.10 -21.57
CA SER A 294 -2.54 -7.54 -21.46
C SER A 294 -1.63 -8.17 -20.41
N ARG A 295 -0.35 -7.81 -20.43
CA ARG A 295 0.64 -8.34 -19.50
C ARG A 295 1.05 -7.34 -18.43
N ALA A 296 0.37 -6.19 -18.36
CA ALA A 296 0.74 -5.17 -17.37
C ALA A 296 0.58 -5.67 -15.95
N SER A 297 -0.53 -6.36 -15.67
CA SER A 297 -0.75 -6.93 -14.34
C SER A 297 0.21 -8.08 -14.08
N LEU A 298 0.44 -8.93 -15.08
CA LEU A 298 1.21 -10.15 -14.90
C LEU A 298 2.68 -9.87 -14.61
N PRO A 299 3.35 -10.77 -13.91
CA PRO A 299 4.80 -10.63 -13.71
C PRO A 299 5.57 -10.78 -15.01
N LYS A 300 6.68 -10.06 -15.10
CA LYS A 300 7.55 -10.13 -16.26
C LYS A 300 8.22 -11.50 -16.32
N VAL A 301 8.18 -12.13 -17.51
CA VAL A 301 8.82 -13.41 -17.72
C VAL A 301 9.46 -13.43 -19.11
N SER A 302 10.60 -14.11 -19.20
CA SER A 302 11.31 -14.23 -20.47
C SER A 302 10.55 -15.08 -21.48
N TYR A 303 9.94 -16.17 -21.04
CA TYR A 303 9.34 -17.13 -21.96
C TYR A 303 8.10 -16.55 -22.64
N VAL A 304 7.74 -17.14 -23.78
CA VAL A 304 6.66 -16.66 -24.63
C VAL A 304 5.34 -17.28 -24.17
N LYS A 305 4.51 -16.48 -23.51
CA LYS A 305 3.21 -16.95 -23.06
C LYS A 305 2.25 -17.04 -24.24
N ALA A 306 1.31 -17.98 -24.15
CA ALA A 306 0.35 -18.22 -25.23
C ALA A 306 -0.53 -17.02 -25.51
N ILE A 307 -0.62 -16.07 -24.58
CA ILE A 307 -1.41 -14.87 -24.84
C ILE A 307 -0.69 -13.96 -25.81
N ASP A 308 0.66 -14.03 -25.85
CA ASP A 308 1.40 -13.13 -26.71
C ASP A 308 1.30 -13.54 -28.17
N ILE A 309 1.29 -14.85 -28.44
CA ILE A 309 1.28 -15.32 -29.83
C ILE A 309 -0.05 -14.97 -30.49
N TRP A 310 -1.15 -14.95 -29.73
CA TRP A 310 -2.41 -14.49 -30.29
C TRP A 310 -2.34 -13.03 -30.70
N MET A 311 -1.78 -12.17 -29.85
CA MET A 311 -1.70 -10.76 -30.21
C MET A 311 -0.64 -10.50 -31.28
N ALA A 312 0.49 -11.20 -31.22
CA ALA A 312 1.55 -10.98 -32.19
C ALA A 312 1.13 -11.37 -33.60
N VAL A 313 0.46 -12.53 -33.74
CA VAL A 313 0.00 -12.96 -35.06
C VAL A 313 -1.12 -12.05 -35.56
N CYS A 314 -2.02 -11.65 -34.67
CA CYS A 314 -3.06 -10.71 -35.05
C CYS A 314 -2.49 -9.34 -35.39
N LEU A 315 -1.35 -8.98 -34.78
CA LEU A 315 -0.70 -7.71 -35.10
C LEU A 315 -0.25 -7.66 -36.55
N LEU A 316 0.25 -8.78 -37.07
CA LEU A 316 0.65 -8.84 -38.47
C LEU A 316 -0.52 -8.61 -39.41
N PHE A 317 -1.70 -9.16 -39.09
CA PHE A 317 -2.84 -9.07 -40.00
C PHE A 317 -3.30 -7.64 -40.21
N VAL A 318 -3.38 -6.86 -39.13
CA VAL A 318 -3.70 -5.44 -39.28
C VAL A 318 -2.50 -4.69 -39.88
N PHE A 319 -1.28 -5.12 -39.58
CA PHE A 319 -0.10 -4.53 -40.21
C PHE A 319 -0.07 -4.78 -41.70
N SER A 320 -0.51 -5.96 -42.14
CA SER A 320 -0.50 -6.30 -43.56
C SER A 320 -1.45 -5.46 -44.39
N ALA A 321 -2.40 -4.75 -43.76
CA ALA A 321 -3.34 -3.94 -44.52
C ALA A 321 -2.63 -2.82 -45.27
N LEU A 322 -1.74 -2.09 -44.57
CA LEU A 322 -1.07 -0.95 -45.19
C LEU A 322 -0.17 -1.38 -46.33
N LEU A 323 0.54 -2.49 -46.16
CA LEU A 323 1.44 -3.01 -47.18
C LEU A 323 0.69 -3.35 -48.47
N GLU A 324 -0.49 -3.95 -48.33
CA GLU A 324 -1.33 -4.24 -49.49
C GLU A 324 -1.71 -2.97 -50.23
N TYR A 325 -2.16 -1.94 -49.49
CA TYR A 325 -2.59 -0.70 -50.12
C TYR A 325 -1.45 -0.02 -50.87
N ALA A 326 -0.25 0.02 -50.28
CA ALA A 326 0.86 0.68 -50.93
C ALA A 326 1.24 -0.02 -52.23
N ALA A 327 1.17 -1.35 -52.26
CA ALA A 327 1.28 -2.08 -53.52
C ALA A 327 0.20 -1.66 -54.51
N VAL A 328 -1.04 -1.50 -54.04
CA VAL A 328 -2.12 -1.00 -54.89
C VAL A 328 -1.81 0.41 -55.37
N ASN A 329 -1.38 1.28 -54.45
CA ASN A 329 -1.13 2.67 -54.81
C ASN A 329 -0.01 2.79 -55.83
N PHE A 330 1.06 1.99 -55.65
CA PHE A 330 2.21 2.06 -56.55
C PHE A 330 1.82 1.70 -57.97
N ILE A 331 0.99 0.67 -58.12
CA ILE A 331 0.55 0.25 -59.46
C ILE A 331 -0.22 1.36 -60.14
N ALA A 332 -1.05 2.09 -59.38
CA ALA A 332 -1.88 3.14 -59.96
C ALA A 332 -1.03 4.26 -60.55
N ARG A 333 -0.02 4.71 -59.80
CA ARG A 333 0.81 5.83 -60.24
C ARG A 333 1.73 5.45 -61.39
N GLN A 334 2.02 4.16 -61.57
CA GLN A 334 2.94 3.74 -62.63
C GLN A 334 2.37 3.93 -64.03
N HIS A 335 1.08 4.26 -64.15
CA HIS A 335 0.49 4.57 -65.46
C HIS A 335 1.21 5.74 -66.11
N LYS A 336 1.55 5.57 -67.39
CA LYS A 336 2.27 6.59 -68.13
C LYS A 336 1.61 6.87 -69.47
N LYS A 401 -3.93 1.59 -69.74
CA LYS A 401 -5.18 0.95 -69.36
C LYS A 401 -4.93 -0.39 -68.67
N LEU A 402 -3.84 -1.05 -69.08
CA LEU A 402 -3.54 -2.37 -68.52
C LEU A 402 -3.04 -2.27 -67.09
N PHE A 403 -2.35 -1.18 -66.75
CA PHE A 403 -1.89 -0.98 -65.38
C PHE A 403 -3.05 -0.88 -64.40
N ILE A 404 -4.09 -0.12 -64.75
CA ILE A 404 -5.20 0.11 -63.83
C ILE A 404 -5.95 -1.20 -63.57
N SER A 405 -6.03 -2.06 -64.59
CA SER A 405 -6.72 -3.33 -64.43
C SER A 405 -6.07 -4.21 -63.38
N ARG A 406 -4.74 -4.16 -63.30
CA ARG A 406 -4.03 -4.97 -62.30
C ARG A 406 -4.40 -4.54 -60.88
N ALA A 407 -4.60 -3.24 -60.67
CA ALA A 407 -4.87 -2.73 -59.32
C ALA A 407 -6.14 -3.34 -58.75
N LYS A 408 -7.22 -3.37 -59.55
CA LYS A 408 -8.45 -4.02 -59.12
C LYS A 408 -8.24 -5.52 -58.93
N ARG A 409 -7.42 -6.13 -59.82
CA ARG A 409 -7.20 -7.57 -59.78
C ARG A 409 -6.58 -7.99 -58.45
N ILE A 410 -5.67 -7.17 -57.92
CA ILE A 410 -5.06 -7.46 -56.61
C ILE A 410 -6.14 -7.50 -55.53
N ASP A 411 -7.05 -6.53 -55.55
CA ASP A 411 -8.07 -6.44 -54.50
C ASP A 411 -8.99 -7.65 -54.51
N THR A 412 -9.52 -7.99 -55.69
CA THR A 412 -10.47 -9.10 -55.82
C THR A 412 -9.88 -10.41 -55.32
N VAL A 413 -8.63 -10.68 -55.66
CA VAL A 413 -7.97 -11.88 -55.17
C VAL A 413 -7.87 -11.86 -53.65
N SER A 414 -7.52 -10.69 -53.09
CA SER A 414 -7.32 -10.62 -51.64
C SER A 414 -8.62 -10.56 -50.86
N ARG A 415 -9.73 -10.16 -51.48
CA ARG A 415 -11.01 -10.16 -50.79
C ARG A 415 -11.39 -11.56 -50.32
N VAL A 416 -11.15 -12.57 -51.17
CA VAL A 416 -11.46 -13.94 -50.78
C VAL A 416 -10.32 -14.55 -49.95
N ALA A 417 -9.08 -14.13 -50.19
CA ALA A 417 -7.94 -14.78 -49.56
C ALA A 417 -7.89 -14.56 -48.05
N PHE A 418 -8.09 -13.31 -47.61
CA PHE A 418 -7.94 -13.02 -46.18
C PHE A 418 -8.92 -13.78 -45.27
N PRO A 419 -10.22 -13.94 -45.59
CA PRO A 419 -11.07 -14.81 -44.74
C PRO A 419 -10.58 -16.25 -44.69
N LEU A 420 -10.04 -16.76 -45.79
CA LEU A 420 -9.54 -18.14 -45.81
C LEU A 420 -8.35 -18.32 -44.89
N VAL A 421 -7.35 -17.44 -45.01
CA VAL A 421 -6.12 -17.61 -44.23
C VAL A 421 -6.38 -17.34 -42.75
N PHE A 422 -7.32 -16.44 -42.44
CA PHE A 422 -7.65 -16.17 -41.04
C PHE A 422 -8.36 -17.36 -40.41
N LEU A 423 -9.19 -18.07 -41.19
CA LEU A 423 -9.83 -19.27 -40.70
C LEU A 423 -8.80 -20.34 -40.32
N ILE A 424 -7.77 -20.52 -41.15
CA ILE A 424 -6.71 -21.49 -40.86
C ILE A 424 -6.05 -21.17 -39.52
N PHE A 425 -5.73 -19.90 -39.29
CA PHE A 425 -5.09 -19.53 -38.03
C PHE A 425 -6.03 -19.71 -36.85
N ASN A 426 -7.32 -19.41 -37.06
CA ASN A 426 -8.27 -19.46 -35.96
C ASN A 426 -8.52 -20.88 -35.49
N ILE A 427 -8.64 -21.83 -36.44
CA ILE A 427 -8.90 -23.21 -36.05
C ILE A 427 -7.66 -23.83 -35.39
N PHE A 428 -6.47 -23.52 -35.90
CA PHE A 428 -5.26 -24.14 -35.36
C PHE A 428 -4.98 -23.66 -33.94
N TYR A 429 -5.17 -22.37 -33.69
CA TYR A 429 -4.79 -21.78 -32.41
C TYR A 429 -5.60 -22.37 -31.26
N TRP A 430 -6.93 -22.38 -31.38
CA TRP A 430 -7.77 -22.81 -30.27
C TRP A 430 -7.67 -24.32 -30.02
N ILE A 431 -7.52 -25.12 -31.09
CA ILE A 431 -7.57 -26.57 -30.94
C ILE A 431 -6.37 -27.07 -30.13
N THR A 432 -5.16 -26.60 -30.47
CA THR A 432 -3.96 -27.14 -29.83
C THR A 432 -3.90 -26.84 -28.34
N TYR A 433 -4.41 -25.69 -27.90
CA TYR A 433 -4.29 -25.34 -26.49
C TYR A 433 -5.33 -26.06 -25.64
N LYS A 434 -6.54 -26.23 -26.17
CA LYS A 434 -7.57 -26.95 -25.44
C LYS A 434 -7.19 -28.41 -25.23
N ILE A 435 -6.58 -29.03 -26.24
CA ILE A 435 -6.21 -30.44 -26.21
C ILE A 435 -5.27 -30.75 -25.04
N PRO B 33 35.86 -11.45 42.05
CA PRO B 33 35.18 -12.22 41.01
C PRO B 33 34.25 -11.35 40.16
N PRO B 34 34.10 -11.69 38.87
CA PRO B 34 33.33 -10.81 37.98
C PRO B 34 31.88 -10.67 38.37
N SER B 35 31.21 -11.77 38.72
CA SER B 35 29.77 -11.73 38.97
C SER B 35 29.43 -10.86 40.18
N GLU B 36 30.18 -11.00 41.27
CA GLU B 36 29.83 -10.31 42.51
C GLU B 36 29.91 -8.80 42.38
N PHE B 37 30.87 -8.31 41.58
CA PHE B 37 31.10 -6.86 41.52
C PHE B 37 29.96 -6.14 40.81
N LEU B 38 29.34 -6.79 39.83
CA LEU B 38 28.15 -6.22 39.20
C LEU B 38 27.04 -6.02 40.22
N ASP B 39 26.76 -7.05 41.01
CA ASP B 39 25.75 -6.96 42.06
C ASP B 39 26.16 -5.95 43.13
N LYS B 40 27.41 -6.00 43.57
CA LYS B 40 27.88 -5.15 44.66
C LYS B 40 27.79 -3.68 44.31
N LEU B 41 28.11 -3.33 43.06
CA LEU B 41 28.19 -1.94 42.64
C LEU B 41 26.84 -1.26 42.73
N MET B 42 25.79 -1.90 42.21
CA MET B 42 24.46 -1.31 42.17
C MET B 42 23.45 -2.37 42.62
N GLY B 43 23.27 -2.45 43.93
CA GLY B 43 22.46 -3.51 44.47
C GLY B 43 21.64 -3.06 45.65
N LYS B 44 20.96 -4.00 46.31
CA LYS B 44 20.29 -3.66 47.56
C LYS B 44 21.29 -3.17 48.59
N VAL B 45 22.45 -3.82 48.67
CA VAL B 45 23.49 -3.38 49.59
C VAL B 45 23.94 -1.97 49.24
N SER B 46 24.12 -1.70 47.94
CA SER B 46 24.57 -0.39 47.48
C SER B 46 23.55 0.70 47.77
N GLY B 47 22.26 0.36 47.68
CA GLY B 47 21.21 1.35 47.82
C GLY B 47 21.19 2.37 46.69
N TYR B 48 21.30 1.89 45.45
CA TYR B 48 21.21 2.75 44.28
C TYR B 48 19.76 2.74 43.81
N ASP B 49 19.09 3.90 43.91
CA ASP B 49 17.72 4.06 43.43
C ASP B 49 17.75 4.48 41.98
N ALA B 50 17.31 3.58 41.08
CA ALA B 50 17.33 3.88 39.65
C ALA B 50 16.43 5.05 39.30
N ARG B 51 15.48 5.39 40.17
CA ARG B 51 14.48 6.42 39.91
C ARG B 51 14.86 7.76 40.51
N ILE B 52 16.06 7.90 41.06
CA ILE B 52 16.57 9.17 41.54
C ILE B 52 17.75 9.60 40.68
N ARG B 53 17.67 10.82 40.13
CA ARG B 53 18.72 11.34 39.28
C ARG B 53 19.94 11.65 40.14
N PRO B 54 21.14 11.67 39.55
CA PRO B 54 22.32 12.06 40.32
C PRO B 54 22.30 13.54 40.63
N ASN B 55 23.08 13.92 41.65
CA ASN B 55 23.26 15.30 42.07
C ASN B 55 21.94 15.88 42.61
N PHE B 56 21.19 15.05 43.33
CA PHE B 56 19.89 15.45 43.84
C PHE B 56 20.00 16.65 44.76
N LYS B 57 19.05 17.57 44.62
CA LYS B 57 19.04 18.85 45.33
C LYS B 57 20.34 19.62 45.11
N GLY B 58 20.83 19.58 43.87
CA GLY B 58 22.06 20.25 43.53
C GLY B 58 22.06 20.76 42.10
N PRO B 59 23.24 20.75 41.47
CA PRO B 59 23.34 21.24 40.10
C PRO B 59 22.63 20.29 39.13
N PRO B 60 22.12 20.81 38.02
CA PRO B 60 21.52 19.94 37.00
C PRO B 60 22.56 19.07 36.31
N VAL B 61 22.10 17.95 35.78
CA VAL B 61 22.97 16.96 35.15
C VAL B 61 23.32 17.40 33.73
N ASN B 62 24.57 17.23 33.35
CA ASN B 62 25.04 17.53 32.00
C ASN B 62 24.87 16.30 31.11
N VAL B 63 24.44 16.54 29.87
CA VAL B 63 24.30 15.46 28.89
C VAL B 63 25.03 15.86 27.62
N THR B 64 25.86 14.94 27.09
CA THR B 64 26.57 15.13 25.83
C THR B 64 26.08 14.11 24.81
N CYS B 65 25.74 14.58 23.61
CA CYS B 65 25.07 13.76 22.61
C CYS B 65 25.91 13.65 21.34
N ASN B 66 26.04 12.43 20.83
CA ASN B 66 26.69 12.13 19.55
C ASN B 66 25.72 11.40 18.64
N ILE B 67 25.74 11.72 17.36
CA ILE B 67 24.86 11.10 16.38
C ILE B 67 25.70 10.60 15.21
N PHE B 68 25.54 9.33 14.87
CA PHE B 68 26.16 8.72 13.71
C PHE B 68 25.06 8.20 12.79
N ILE B 69 25.23 8.40 11.49
CA ILE B 69 24.19 8.09 10.51
C ILE B 69 24.63 6.88 9.71
N ASN B 70 23.83 5.81 9.75
CA ASN B 70 24.10 4.61 8.97
C ASN B 70 23.50 4.69 7.57
N SER B 71 22.20 4.95 7.48
CA SER B 71 21.50 5.02 6.21
C SER B 71 20.65 6.28 6.19
N PHE B 72 20.41 6.80 4.98
CA PHE B 72 19.66 8.03 4.82
C PHE B 72 19.06 8.06 3.42
N GLY B 73 17.79 8.40 3.32
CA GLY B 73 17.15 8.48 2.03
C GLY B 73 15.66 8.20 2.15
N SER B 74 15.09 7.72 1.04
CA SER B 74 13.67 7.43 0.92
C SER B 74 12.81 8.65 1.25
N ILE B 75 13.20 9.80 0.71
CA ILE B 75 12.48 11.04 0.97
C ILE B 75 11.21 11.05 0.14
N ALA B 76 10.06 11.16 0.80
CA ALA B 76 8.77 11.20 0.14
C ALA B 76 8.17 12.59 0.29
N GLU B 77 7.92 13.24 -0.85
CA GLU B 77 7.37 14.60 -0.82
C GLU B 77 5.90 14.62 -0.40
N THR B 78 5.13 13.60 -0.79
CA THR B 78 3.70 13.58 -0.50
C THR B 78 3.42 13.57 0.99
N THR B 79 4.18 12.75 1.73
CA THR B 79 4.04 12.64 3.17
C THR B 79 4.93 13.62 3.92
N MET B 80 5.79 14.37 3.21
CA MET B 80 6.73 15.32 3.81
C MET B 80 7.63 14.63 4.84
N ASP B 81 8.15 13.47 4.48
CA ASP B 81 8.88 12.61 5.39
C ASP B 81 10.18 12.11 4.78
N TYR B 82 11.03 11.58 5.65
CA TYR B 82 12.28 10.93 5.26
C TYR B 82 12.68 10.01 6.40
N ARG B 83 13.32 8.90 6.04
CA ARG B 83 13.68 7.88 7.02
C ARG B 83 15.20 7.80 7.16
N VAL B 84 15.65 7.66 8.41
CA VAL B 84 17.06 7.58 8.75
C VAL B 84 17.29 6.36 9.63
N ASN B 85 18.54 5.91 9.66
CA ASN B 85 18.99 4.89 10.58
C ASN B 85 20.23 5.44 11.28
N ILE B 86 20.15 5.59 12.61
CA ILE B 86 21.17 6.31 13.35
C ILE B 86 21.64 5.51 14.56
N PHE B 87 22.86 5.81 14.98
CA PHE B 87 23.37 5.45 16.30
C PHE B 87 23.34 6.71 17.16
N LEU B 88 22.68 6.64 18.31
CA LEU B 88 22.59 7.78 19.22
C LEU B 88 23.35 7.48 20.49
N ARG B 89 24.30 8.34 20.84
CA ARG B 89 25.13 8.17 22.02
C ARG B 89 24.90 9.31 23.00
N GLN B 90 24.65 8.96 24.26
CA GLN B 90 24.46 9.93 25.33
C GLN B 90 25.49 9.70 26.42
N GLN B 91 26.08 10.79 26.91
CA GLN B 91 27.10 10.72 27.94
C GLN B 91 26.76 11.69 29.07
N TRP B 92 26.83 11.20 30.30
CA TRP B 92 26.59 12.02 31.49
C TRP B 92 27.53 11.54 32.58
N ASN B 93 27.30 11.99 33.82
CA ASN B 93 28.21 11.68 34.92
C ASN B 93 27.40 11.47 36.20
N ASP B 94 27.16 10.21 36.55
CA ASP B 94 26.48 9.85 37.78
C ASP B 94 27.54 9.46 38.80
N PRO B 95 27.74 10.23 39.87
CA PRO B 95 28.86 9.98 40.80
C PRO B 95 28.83 8.62 41.47
N ARG B 96 27.65 8.08 41.73
CA ARG B 96 27.50 6.86 42.52
C ARG B 96 27.99 5.61 41.80
N LEU B 97 28.34 5.70 40.53
CA LEU B 97 28.71 4.52 39.75
C LEU B 97 30.21 4.26 39.70
N ALA B 98 30.98 4.79 40.67
CA ALA B 98 32.43 4.65 40.63
C ALA B 98 32.87 3.28 41.12
N TYR B 99 33.89 2.71 40.47
CA TYR B 99 34.35 1.34 40.74
C TYR B 99 35.85 1.41 40.97
N SER B 100 36.24 1.57 42.24
CA SER B 100 37.65 1.73 42.57
C SER B 100 38.42 0.42 42.43
N GLU B 101 37.76 -0.72 42.64
CA GLU B 101 38.49 -1.97 42.86
C GLU B 101 39.11 -2.49 41.56
N TYR B 102 38.37 -2.44 40.46
CA TYR B 102 38.90 -2.88 39.18
C TYR B 102 39.85 -1.84 38.60
N PRO B 103 41.08 -2.21 38.28
CA PRO B 103 42.05 -1.20 37.83
C PRO B 103 41.82 -0.70 36.41
N ASP B 104 41.06 -1.44 35.59
CA ASP B 104 40.84 -1.06 34.21
C ASP B 104 40.06 0.24 34.13
N ASP B 105 40.36 1.05 33.11
CA ASP B 105 39.75 2.36 32.98
C ASP B 105 38.30 2.27 32.51
N SER B 106 37.99 1.33 31.63
CA SER B 106 36.65 1.21 31.08
C SER B 106 36.13 -0.20 31.31
N LEU B 107 34.82 -0.30 31.44
CA LEU B 107 34.15 -1.58 31.66
C LEU B 107 32.92 -1.65 30.78
N ASP B 108 32.84 -2.67 29.94
CA ASP B 108 31.66 -2.88 29.10
C ASP B 108 30.71 -3.85 29.80
N LEU B 109 29.45 -3.44 29.93
CA LEU B 109 28.46 -4.18 30.69
C LEU B 109 27.41 -4.77 29.75
N ASP B 110 26.77 -5.83 30.20
CA ASP B 110 25.77 -6.50 29.37
C ASP B 110 24.49 -5.66 29.29
N PRO B 111 23.84 -5.63 28.13
CA PRO B 111 22.56 -4.90 28.01
C PRO B 111 21.40 -5.52 28.76
N SER B 112 21.56 -6.72 29.33
CA SER B 112 20.46 -7.34 30.06
C SER B 112 20.12 -6.55 31.32
N MET B 113 21.13 -6.01 31.99
CA MET B 113 20.94 -5.21 33.19
C MET B 113 20.77 -3.71 32.89
N LEU B 114 20.73 -3.34 31.62
CA LEU B 114 20.74 -1.95 31.21
C LEU B 114 19.47 -1.20 31.64
N ASP B 115 18.39 -1.91 31.93
CA ASP B 115 17.14 -1.28 32.34
C ASP B 115 17.10 -0.95 33.82
N SER B 116 18.14 -1.29 34.58
CA SER B 116 18.15 -1.06 36.02
C SER B 116 18.97 0.17 36.41
N ILE B 117 19.30 1.02 35.45
CA ILE B 117 20.13 2.20 35.68
C ILE B 117 19.33 3.42 35.25
N TRP B 118 19.59 4.56 35.91
CA TRP B 118 18.93 5.80 35.51
C TRP B 118 19.39 6.21 34.12
N LYS B 119 18.43 6.52 33.24
CA LYS B 119 18.72 6.96 31.89
C LYS B 119 17.80 8.13 31.55
N PRO B 120 18.32 9.19 30.94
CA PRO B 120 17.50 10.38 30.69
C PRO B 120 16.42 10.10 29.65
N ASP B 121 15.32 10.84 29.75
CA ASP B 121 14.20 10.66 28.85
C ASP B 121 14.34 11.61 27.66
N LEU B 122 14.40 11.04 26.47
CA LEU B 122 14.61 11.79 25.24
C LEU B 122 13.55 11.40 24.22
N PHE B 123 13.18 12.34 23.37
CA PHE B 123 12.28 12.04 22.27
C PHE B 123 12.40 13.14 21.23
N PHE B 124 11.88 12.86 20.04
CA PHE B 124 11.99 13.75 18.89
C PHE B 124 10.64 14.40 18.65
N ALA B 125 10.63 15.73 18.52
CA ALA B 125 9.37 16.45 18.37
C ALA B 125 8.74 16.16 17.02
N ASN B 126 9.52 16.15 15.95
CA ASN B 126 9.01 15.89 14.61
C ASN B 126 9.00 14.41 14.26
N GLU B 127 9.09 13.55 15.26
CA GLU B 127 9.04 12.11 15.05
C GLU B 127 7.66 11.67 14.64
N LYS B 128 7.59 10.74 13.68
CA LYS B 128 6.35 10.11 13.27
C LYS B 128 6.34 8.62 13.50
N GLY B 129 7.34 7.89 13.00
CA GLY B 129 7.43 6.47 13.25
C GLY B 129 8.84 6.06 13.62
N ALA B 130 8.99 5.55 14.84
CA ALA B 130 10.27 5.11 15.36
C ALA B 130 10.19 3.66 15.81
N ASN B 131 11.23 2.89 15.52
CA ASN B 131 11.27 1.49 15.87
C ASN B 131 12.65 1.14 16.41
N PHE B 132 12.69 0.17 17.32
CA PHE B 132 13.93 -0.39 17.79
C PHE B 132 14.32 -1.56 16.87
N HIS B 133 15.53 -2.08 17.08
CA HIS B 133 16.02 -3.20 16.29
C HIS B 133 16.32 -4.37 17.21
N GLU B 134 15.80 -5.54 16.86
CA GLU B 134 15.86 -6.72 17.72
C GLU B 134 16.17 -7.96 16.90
N VAL B 135 17.01 -7.81 15.87
CA VAL B 135 17.19 -8.85 14.86
C VAL B 135 17.74 -10.14 15.46
N THR B 136 18.68 -10.02 16.38
CA THR B 136 19.12 -11.16 17.17
C THR B 136 19.14 -10.84 18.65
N THR B 137 19.56 -9.63 19.02
CA THR B 137 19.60 -9.15 20.39
C THR B 137 19.37 -7.65 20.32
N ASP B 138 19.08 -7.04 21.47
CA ASP B 138 18.90 -5.60 21.49
C ASP B 138 20.18 -4.89 21.07
N ASN B 139 20.03 -3.88 20.21
CA ASN B 139 21.18 -3.12 19.73
C ASN B 139 21.45 -1.96 20.68
N LYS B 140 22.11 -2.29 21.80
CA LYS B 140 22.44 -1.32 22.82
C LYS B 140 23.88 -1.52 23.26
N LEU B 141 24.50 -0.44 23.72
CA LEU B 141 25.88 -0.44 24.17
C LEU B 141 25.95 0.35 25.47
N LEU B 142 26.62 -0.22 26.48
CA LEU B 142 26.74 0.43 27.79
C LEU B 142 28.19 0.35 28.25
N ARG B 143 28.78 1.50 28.56
CA ARG B 143 30.15 1.58 29.04
C ARG B 143 30.20 2.48 30.27
N ILE B 144 30.97 2.06 31.28
CA ILE B 144 31.11 2.79 32.53
C ILE B 144 32.59 3.07 32.77
N SER B 145 32.92 4.32 33.06
CA SER B 145 34.29 4.73 33.33
C SER B 145 34.48 4.86 34.84
N LYS B 146 35.75 4.89 35.26
CA LYS B 146 36.07 4.87 36.68
C LYS B 146 35.52 6.10 37.38
N ASN B 147 35.64 7.27 36.75
CA ASN B 147 35.22 8.51 37.40
C ASN B 147 33.72 8.64 37.51
N GLY B 148 32.97 7.74 36.87
CA GLY B 148 31.52 7.73 36.89
C GLY B 148 30.87 8.10 35.58
N ASN B 149 31.65 8.37 34.54
CA ASN B 149 31.09 8.69 33.24
C ASN B 149 30.40 7.46 32.64
N VAL B 150 29.24 7.71 32.02
CA VAL B 150 28.42 6.64 31.44
C VAL B 150 28.28 6.91 29.96
N LEU B 151 28.56 5.91 29.14
CA LEU B 151 28.36 5.98 27.70
C LEU B 151 27.29 4.97 27.30
N TYR B 152 26.31 5.43 26.53
CA TYR B 152 25.13 4.62 26.21
C TYR B 152 24.74 4.88 24.76
N SER B 153 24.72 3.82 23.94
CA SER B 153 24.52 3.93 22.51
C SER B 153 23.35 3.05 22.08
N ILE B 154 22.50 3.58 21.20
CA ILE B 154 21.28 2.92 20.78
C ILE B 154 21.22 2.97 19.26
N ARG B 155 20.83 1.87 18.63
CA ARG B 155 20.53 1.86 17.20
C ARG B 155 19.03 2.06 17.01
N ILE B 156 18.66 3.15 16.34
CA ILE B 156 17.27 3.52 16.16
C ILE B 156 17.03 3.79 14.68
N THR B 157 15.81 3.52 14.21
CA THR B 157 15.33 4.02 12.94
C THR B 157 14.23 5.04 13.19
N LEU B 158 14.23 6.10 12.37
CA LEU B 158 13.34 7.23 12.56
C LEU B 158 12.64 7.58 11.27
N VAL B 159 11.39 8.01 11.38
CA VAL B 159 10.69 8.69 10.30
C VAL B 159 10.34 10.07 10.82
N LEU B 160 10.80 11.10 10.14
CA LEU B 160 10.70 12.46 10.63
C LEU B 160 9.97 13.33 9.62
N ALA B 161 9.27 14.34 10.13
CA ALA B 161 8.49 15.24 9.30
C ALA B 161 9.32 16.47 8.96
N CYS B 162 9.54 16.69 7.68
CA CYS B 162 10.33 17.82 7.19
C CYS B 162 9.49 18.68 6.27
N PRO B 163 9.09 19.87 6.69
CA PRO B 163 8.38 20.77 5.76
C PRO B 163 9.30 21.23 4.64
N MET B 164 8.70 21.48 3.48
CA MET B 164 9.45 21.79 2.27
C MET B 164 8.85 22.99 1.59
N ASP B 165 9.66 23.63 0.75
CA ASP B 165 9.24 24.75 -0.08
C ASP B 165 9.45 24.35 -1.53
N LEU B 166 8.38 24.38 -2.32
CA LEU B 166 8.40 23.92 -3.70
C LEU B 166 8.23 25.06 -4.69
N LYS B 167 8.75 26.24 -4.34
CA LYS B 167 8.64 27.40 -5.21
C LYS B 167 9.36 27.16 -6.53
N ASN B 168 10.54 26.56 -6.48
CA ASN B 168 11.28 26.12 -7.67
C ASN B 168 11.56 24.63 -7.50
N PHE B 169 10.58 23.82 -7.88
CA PHE B 169 10.62 22.38 -7.57
C PHE B 169 11.80 21.63 -8.17
N PRO B 170 12.13 21.74 -9.47
CA PRO B 170 13.27 20.96 -9.97
C PRO B 170 14.63 21.48 -9.51
N MET B 171 14.70 22.69 -8.95
CA MET B 171 15.95 23.29 -8.51
C MET B 171 15.82 23.84 -7.09
N ASP B 172 15.30 23.03 -6.17
CA ASP B 172 15.06 23.46 -4.80
C ASP B 172 16.14 22.95 -3.85
N VAL B 173 16.22 23.60 -2.70
CA VAL B 173 17.11 23.20 -1.61
C VAL B 173 16.29 23.11 -0.34
N GLN B 174 16.31 21.96 0.32
CA GLN B 174 15.52 21.74 1.51
C GLN B 174 16.41 21.67 2.75
N THR B 175 15.78 21.89 3.91
CA THR B 175 16.48 21.89 5.20
C THR B 175 15.74 20.97 6.16
N CYS B 176 16.30 19.78 6.38
CA CYS B 176 15.69 18.83 7.31
C CYS B 176 16.05 19.18 8.76
N ILE B 177 15.10 18.93 9.66
CA ILE B 177 15.20 19.33 11.06
C ILE B 177 15.15 18.08 11.92
N MET B 178 16.06 17.99 12.88
CA MET B 178 16.06 16.94 13.89
C MET B 178 16.13 17.58 15.27
N GLN B 179 15.15 17.29 16.12
CA GLN B 179 15.06 17.94 17.42
C GLN B 179 15.13 16.87 18.52
N LEU B 180 15.90 17.17 19.57
CA LEU B 180 16.07 16.27 20.70
C LEU B 180 15.76 17.02 21.99
N GLU B 181 14.74 16.59 22.71
CA GLU B 181 14.32 17.31 23.91
C GLU B 181 14.20 16.36 25.10
N SER B 182 13.90 16.94 26.26
CA SER B 182 13.58 16.20 27.48
C SER B 182 12.11 16.37 27.87
N PHE B 183 11.42 15.24 28.01
CA PHE B 183 9.97 15.25 28.19
C PHE B 183 9.58 15.68 29.60
N GLY B 184 10.28 15.21 30.62
CA GLY B 184 9.80 15.38 31.98
C GLY B 184 10.72 16.06 32.97
N TYR B 185 11.81 16.66 32.51
CA TYR B 185 12.81 17.25 33.38
C TYR B 185 13.05 18.70 32.96
N THR B 186 12.91 19.62 33.92
CA THR B 186 13.23 21.02 33.72
C THR B 186 14.75 21.22 33.76
N MET B 187 15.21 22.40 33.30
CA MET B 187 16.63 22.72 33.37
C MET B 187 17.15 22.83 34.78
N ASN B 188 16.27 22.91 35.78
CA ASN B 188 16.70 22.75 37.16
C ASN B 188 17.18 21.33 37.44
N ASP B 189 16.83 20.37 36.58
CA ASP B 189 17.24 18.98 36.73
C ASP B 189 18.12 18.49 35.59
N LEU B 190 17.71 18.69 34.34
CA LEU B 190 18.43 18.13 33.19
C LEU B 190 18.68 19.20 32.16
N ILE B 191 19.92 19.27 31.67
CA ILE B 191 20.31 20.18 30.60
C ILE B 191 20.98 19.36 29.50
N PHE B 192 20.55 19.58 28.26
CA PHE B 192 21.13 18.92 27.09
C PHE B 192 22.18 19.81 26.46
N GLU B 193 23.30 19.21 26.06
CA GLU B 193 24.35 19.93 25.37
C GLU B 193 24.87 19.06 24.23
N TRP B 194 25.26 19.71 23.14
CA TRP B 194 25.92 19.01 22.04
C TRP B 194 27.35 18.67 22.43
N ASP B 195 27.96 17.80 21.62
CA ASP B 195 29.37 17.47 21.80
C ASP B 195 30.20 18.72 21.55
N GLU B 196 31.31 18.85 22.30
CA GLU B 196 32.14 20.04 22.16
C GLU B 196 32.75 20.14 20.77
N LYS B 197 33.21 19.02 20.20
CA LYS B 197 33.66 19.05 18.82
C LYS B 197 32.49 19.13 17.84
N GLY B 198 31.31 18.62 18.23
CA GLY B 198 30.21 18.50 17.32
C GLY B 198 30.22 17.16 16.61
N ALA B 199 29.19 16.34 16.81
CA ALA B 199 29.20 14.97 16.33
C ALA B 199 27.95 14.68 15.50
N VAL B 200 28.00 15.00 14.22
CA VAL B 200 27.07 14.50 13.22
C VAL B 200 27.92 13.85 12.13
N GLN B 201 28.20 12.56 12.28
CA GLN B 201 29.16 11.86 11.43
C GLN B 201 28.43 10.99 10.42
N VAL B 202 28.34 11.46 9.18
CA VAL B 202 27.74 10.66 8.13
C VAL B 202 28.67 9.51 7.76
N ALA B 203 28.12 8.40 7.31
CA ALA B 203 28.94 7.25 6.98
C ALA B 203 29.66 7.47 5.66
N ASP B 204 30.57 6.56 5.34
CA ASP B 204 31.28 6.64 4.07
C ASP B 204 30.39 6.24 2.89
N GLY B 205 30.58 6.92 1.77
CA GLY B 205 29.91 6.58 0.52
C GLY B 205 28.40 6.49 0.60
N LEU B 206 27.77 7.45 1.27
CA LEU B 206 26.31 7.52 1.29
C LEU B 206 25.85 8.32 0.08
N THR B 207 25.43 7.60 -0.96
CA THR B 207 25.10 8.20 -2.25
C THR B 207 23.58 8.25 -2.39
N LEU B 208 23.00 9.42 -2.19
CA LEU B 208 21.55 9.54 -2.29
C LEU B 208 21.15 9.48 -3.76
N PRO B 209 20.04 8.80 -4.08
CA PRO B 209 19.64 8.67 -5.49
C PRO B 209 19.24 9.99 -6.13
N GLN B 210 18.48 10.82 -5.43
CA GLN B 210 17.94 12.04 -6.02
C GLN B 210 18.56 13.33 -5.50
N PHE B 211 19.25 13.28 -4.37
CA PHE B 211 19.77 14.48 -3.72
C PHE B 211 21.28 14.37 -3.53
N ILE B 212 21.89 15.50 -3.19
CA ILE B 212 23.31 15.59 -2.92
C ILE B 212 23.45 16.17 -1.51
N LEU B 213 23.77 15.30 -0.55
CA LEU B 213 23.92 15.76 0.83
C LEU B 213 25.19 16.60 0.99
N LYS B 214 25.04 17.78 1.56
CA LYS B 214 26.15 18.69 1.79
C LYS B 214 26.93 18.29 3.04
N GLU B 215 28.17 18.77 3.13
CA GLU B 215 29.01 18.46 4.28
C GLU B 215 28.66 19.28 5.51
N GLU B 216 28.26 20.54 5.34
CA GLU B 216 28.08 21.44 6.47
C GLU B 216 26.78 21.14 7.21
N LYS B 217 26.87 21.07 8.54
CA LYS B 217 25.71 20.90 9.39
C LYS B 217 25.61 22.08 10.34
N ASP B 218 24.39 22.33 10.83
CA ASP B 218 24.12 23.42 11.75
C ASP B 218 23.64 22.86 13.07
N LEU B 219 24.20 23.38 14.18
CA LEU B 219 23.82 22.95 15.52
C LEU B 219 23.37 24.17 16.30
N ARG B 220 22.11 24.17 16.72
CA ARG B 220 21.49 25.32 17.38
C ARG B 220 20.78 24.86 18.65
N TYR B 221 20.51 25.82 19.52
CA TYR B 221 19.71 25.60 20.72
C TYR B 221 18.37 26.30 20.56
N CYS B 222 17.29 25.59 20.90
CA CYS B 222 15.94 26.16 20.84
C CYS B 222 15.15 25.63 22.04
N THR B 223 15.18 26.38 23.14
CA THR B 223 14.55 25.93 24.38
C THR B 223 13.04 25.99 24.27
N LYS B 224 12.37 24.90 24.64
CA LYS B 224 10.92 24.83 24.60
C LYS B 224 10.32 25.43 25.87
N HIS B 225 9.16 26.07 25.70
CA HIS B 225 8.40 26.62 26.81
C HIS B 225 6.97 26.10 26.74
N TYR B 226 6.48 25.56 27.85
CA TYR B 226 5.10 25.10 27.98
C TYR B 226 4.50 25.69 29.25
N ASN B 227 3.22 25.41 29.46
CA ASN B 227 2.57 25.83 30.70
C ASN B 227 3.02 24.99 31.89
N THR B 228 3.50 23.78 31.65
CA THR B 228 4.05 22.97 32.73
C THR B 228 5.40 23.51 33.20
N GLY B 229 6.21 24.02 32.28
CA GLY B 229 7.50 24.57 32.64
C GLY B 229 8.37 24.73 31.39
N LYS B 230 9.68 24.73 31.63
CA LYS B 230 10.68 24.87 30.59
C LYS B 230 11.42 23.55 30.40
N PHE B 231 11.77 23.23 29.17
CA PHE B 231 12.46 21.98 28.87
C PHE B 231 13.60 22.24 27.89
N THR B 232 14.64 21.42 28.00
CA THR B 232 15.84 21.60 27.21
C THR B 232 15.69 20.96 25.84
N CYS B 233 16.44 21.49 24.86
CA CYS B 233 16.35 20.97 23.51
C CYS B 233 17.62 21.33 22.74
N ILE B 234 17.99 20.47 21.80
CA ILE B 234 19.08 20.72 20.85
C ILE B 234 18.58 20.33 19.47
N GLU B 235 19.11 20.99 18.44
CA GLU B 235 18.60 20.81 17.09
C GLU B 235 19.74 20.79 16.08
N ALA B 236 19.66 19.86 15.13
CA ALA B 236 20.66 19.72 14.08
C ALA B 236 19.98 19.77 12.72
N ARG B 237 20.53 20.57 11.80
CA ARG B 237 19.94 20.80 10.49
C ARG B 237 20.81 20.22 9.38
N PHE B 238 20.16 19.53 8.43
CA PHE B 238 20.80 19.05 7.22
C PHE B 238 20.38 19.92 6.05
N HIS B 239 21.28 20.05 5.08
CA HIS B 239 20.99 20.76 3.84
C HIS B 239 21.04 19.78 2.68
N LEU B 240 19.97 19.74 1.88
CA LEU B 240 19.84 18.84 0.75
C LEU B 240 19.56 19.62 -0.51
N GLU B 241 20.19 19.22 -1.61
CA GLU B 241 20.06 19.88 -2.90
C GLU B 241 19.64 18.85 -3.93
N ARG B 242 18.66 19.20 -4.76
CA ARG B 242 18.07 18.26 -5.70
C ARG B 242 18.80 18.31 -7.04
N GLN B 243 18.95 17.15 -7.66
CA GLN B 243 19.56 17.05 -8.97
C GLN B 243 18.57 17.43 -10.07
N MET B 244 19.10 17.94 -11.19
CA MET B 244 18.29 18.33 -12.33
C MET B 244 18.40 17.38 -13.52
N GLY B 245 19.19 16.30 -13.41
CA GLY B 245 19.40 15.45 -14.56
C GLY B 245 18.15 14.75 -15.05
N TYR B 246 17.39 14.16 -14.14
CA TYR B 246 16.22 13.38 -14.53
C TYR B 246 15.13 14.24 -15.15
N TYR B 247 14.89 15.42 -14.57
CA TYR B 247 13.77 16.25 -15.02
C TYR B 247 13.94 16.75 -16.44
N LEU B 248 15.15 17.10 -16.84
CA LEU B 248 15.35 17.60 -18.21
C LEU B 248 15.12 16.49 -19.23
N ILE B 249 15.63 15.28 -18.96
CA ILE B 249 15.53 14.20 -19.94
C ILE B 249 14.12 13.61 -19.93
N GLN B 250 13.38 13.77 -18.84
CA GLN B 250 12.05 13.17 -18.75
C GLN B 250 10.96 14.16 -19.15
N MET B 251 11.10 15.43 -18.75
CA MET B 251 10.06 16.44 -18.92
C MET B 251 10.44 17.54 -19.91
N TYR B 252 11.59 18.18 -19.71
CA TYR B 252 11.94 19.35 -20.52
C TYR B 252 12.21 18.97 -21.97
N ILE B 253 13.18 18.09 -22.21
CA ILE B 253 13.52 17.70 -23.59
C ILE B 253 12.35 17.06 -24.33
N PRO B 254 11.56 16.14 -23.75
CA PRO B 254 10.35 15.69 -24.46
C PRO B 254 9.36 16.82 -24.76
N SER B 255 9.23 17.80 -23.87
CA SER B 255 8.35 18.92 -24.16
C SER B 255 8.91 19.81 -25.27
N LEU B 256 10.24 19.97 -25.30
CA LEU B 256 10.86 20.78 -26.34
C LEU B 256 10.61 20.21 -27.73
N LEU B 257 10.66 18.88 -27.87
CA LEU B 257 10.48 18.26 -29.17
C LEU B 257 9.07 18.44 -29.71
N ILE B 258 8.08 18.55 -28.82
CA ILE B 258 6.71 18.78 -29.27
C ILE B 258 6.57 20.17 -29.85
N VAL B 259 7.15 21.17 -29.18
CA VAL B 259 7.08 22.54 -29.71
C VAL B 259 7.79 22.66 -31.04
N ILE B 260 9.00 22.10 -31.16
CA ILE B 260 9.77 22.19 -32.40
C ILE B 260 9.06 21.50 -33.57
N LEU B 261 8.19 20.56 -33.28
CA LEU B 261 7.57 19.83 -34.39
C LEU B 261 6.56 20.75 -35.07
N SER B 262 5.76 21.43 -34.28
CA SER B 262 4.65 22.24 -34.82
C SER B 262 5.08 23.21 -35.92
N TRP B 263 6.38 23.53 -36.01
CA TRP B 263 6.88 24.48 -37.00
C TRP B 263 6.76 23.98 -38.42
N VAL B 264 6.52 22.68 -38.64
CA VAL B 264 6.45 22.16 -40.00
C VAL B 264 5.25 22.74 -40.74
N SER B 265 4.24 23.20 -40.00
CA SER B 265 3.00 23.65 -40.62
C SER B 265 3.22 24.87 -41.50
N PHE B 266 4.09 25.78 -41.07
CA PHE B 266 4.35 26.99 -41.84
C PHE B 266 4.91 26.67 -43.23
N TRP B 267 5.77 25.66 -43.31
CA TRP B 267 6.30 25.25 -44.62
C TRP B 267 5.19 24.68 -45.51
N ILE B 268 4.27 23.90 -44.91
CA ILE B 268 3.24 23.22 -45.67
C ILE B 268 2.34 24.23 -46.38
N ASN B 269 1.82 23.84 -47.53
CA ASN B 269 1.02 24.71 -48.40
C ASN B 269 -0.26 25.16 -47.68
N MET B 270 -0.78 26.30 -48.13
CA MET B 270 -1.92 26.92 -47.50
C MET B 270 -3.25 26.31 -47.91
N ASP B 271 -3.25 25.31 -48.78
CA ASP B 271 -4.49 24.75 -49.31
C ASP B 271 -4.80 23.36 -48.78
N ALA B 272 -3.89 22.73 -48.03
CA ALA B 272 -4.16 21.43 -47.41
C ALA B 272 -4.61 21.66 -45.96
N ALA B 273 -5.85 22.08 -45.76
CA ALA B 273 -6.34 22.35 -44.39
C ALA B 273 -6.42 21.07 -43.56
N PRO B 274 -6.82 19.90 -44.09
CA PRO B 274 -6.80 18.69 -43.28
C PRO B 274 -5.35 18.47 -42.82
N ALA B 275 -4.40 18.73 -43.72
CA ALA B 275 -2.99 18.50 -43.40
C ALA B 275 -2.53 19.38 -42.25
N ARG B 276 -2.87 20.65 -42.27
CA ARG B 276 -2.30 21.52 -41.22
C ARG B 276 -3.06 21.28 -39.92
N VAL B 277 -4.38 21.38 -39.94
CA VAL B 277 -5.11 21.28 -38.68
C VAL B 277 -4.74 19.99 -37.95
N GLY B 278 -4.49 18.92 -38.70
CA GLY B 278 -4.22 17.63 -38.09
C GLY B 278 -3.02 17.63 -37.16
N LEU B 279 -1.92 18.26 -37.58
CA LEU B 279 -0.79 18.42 -36.67
C LEU B 279 -1.14 19.33 -35.48
N GLY B 280 -1.92 20.39 -35.74
CA GLY B 280 -2.22 21.35 -34.68
C GLY B 280 -3.00 20.74 -33.53
N ILE B 281 -4.04 19.96 -33.85
CA ILE B 281 -4.89 19.39 -32.81
C ILE B 281 -4.12 18.38 -31.96
N THR B 282 -3.22 17.63 -32.59
CA THR B 282 -2.44 16.64 -31.84
C THR B 282 -1.45 17.29 -30.88
N THR B 283 -0.78 18.34 -31.34
CA THR B 283 0.28 18.98 -30.54
C THR B 283 -0.27 19.56 -29.24
N VAL B 284 -1.35 20.33 -29.32
CA VAL B 284 -1.88 21.01 -28.15
C VAL B 284 -2.45 20.01 -27.15
N LEU B 285 -3.11 18.97 -27.65
CA LEU B 285 -3.73 18.01 -26.72
C LEU B 285 -2.68 17.18 -26.00
N THR B 286 -1.66 16.71 -26.71
CA THR B 286 -0.70 15.79 -26.10
C THR B 286 0.15 16.50 -25.06
N MET B 287 0.53 17.75 -25.32
CA MET B 287 1.23 18.56 -24.34
C MET B 287 0.44 18.69 -23.04
N THR B 288 -0.88 18.80 -23.14
CA THR B 288 -1.73 18.83 -21.94
C THR B 288 -1.63 17.52 -21.17
N THR B 289 -1.63 16.39 -21.88
CA THR B 289 -1.44 15.10 -21.23
C THR B 289 -0.06 15.00 -20.60
N GLN B 290 0.96 15.48 -21.31
CA GLN B 290 2.29 15.60 -20.72
C GLN B 290 2.30 16.57 -19.54
N SER B 291 1.51 17.65 -19.63
CA SER B 291 1.49 18.65 -18.57
C SER B 291 1.06 18.04 -17.24
N SER B 292 0.02 17.20 -17.28
CA SER B 292 -0.52 16.61 -16.06
C SER B 292 0.51 15.73 -15.37
N GLY B 293 1.42 15.15 -16.15
CA GLY B 293 2.40 14.20 -15.65
C GLY B 293 3.42 14.78 -14.71
N SER B 294 3.50 16.11 -14.64
CA SER B 294 4.54 16.74 -13.84
C SER B 294 4.19 16.74 -12.36
N ARG B 295 2.96 17.08 -12.02
CA ARG B 295 2.54 17.20 -10.64
C ARG B 295 1.86 15.95 -10.11
N ALA B 296 1.96 14.84 -10.85
CA ALA B 296 1.27 13.61 -10.48
C ALA B 296 1.73 13.09 -9.12
N SER B 297 3.04 13.13 -8.87
CA SER B 297 3.60 12.67 -7.61
C SER B 297 3.77 13.78 -6.60
N LEU B 298 3.63 15.04 -7.00
CA LEU B 298 3.87 16.17 -6.13
C LEU B 298 2.70 16.38 -5.17
N PRO B 299 2.93 17.07 -4.06
CA PRO B 299 1.83 17.41 -3.16
C PRO B 299 0.92 18.45 -3.79
N LYS B 300 -0.31 18.51 -3.28
CA LYS B 300 -1.27 19.51 -3.70
C LYS B 300 -1.10 20.74 -2.81
N VAL B 301 -0.62 21.84 -3.40
CA VAL B 301 -0.32 23.04 -2.64
C VAL B 301 -0.82 24.26 -3.42
N SER B 302 -1.14 25.33 -2.67
CA SER B 302 -1.75 26.50 -3.29
C SER B 302 -0.80 27.20 -4.26
N TYR B 303 0.47 27.37 -3.88
CA TYR B 303 1.39 28.17 -4.67
C TYR B 303 1.78 27.46 -5.95
N VAL B 304 2.40 28.20 -6.86
CA VAL B 304 2.73 27.70 -8.18
C VAL B 304 4.22 27.33 -8.22
N LYS B 305 4.48 26.07 -8.52
CA LYS B 305 5.86 25.59 -8.69
C LYS B 305 6.43 26.11 -10.00
N ALA B 306 7.75 26.31 -10.02
CA ALA B 306 8.40 26.87 -11.20
C ALA B 306 8.28 25.97 -12.41
N ILE B 307 8.18 24.66 -12.20
CA ILE B 307 7.93 23.73 -13.31
C ILE B 307 6.65 24.08 -14.04
N ASP B 308 5.64 24.57 -13.31
CA ASP B 308 4.37 24.93 -13.95
C ASP B 308 4.55 26.10 -14.90
N ILE B 309 5.39 27.07 -14.53
CA ILE B 309 5.53 28.29 -15.33
C ILE B 309 6.11 27.95 -16.71
N TRP B 310 7.11 27.07 -16.74
CA TRP B 310 7.67 26.65 -18.02
C TRP B 310 6.64 25.92 -18.86
N MET B 311 5.91 24.98 -18.25
CA MET B 311 4.95 24.19 -18.99
C MET B 311 3.75 25.03 -19.44
N ALA B 312 3.39 26.04 -18.66
CA ALA B 312 2.25 26.88 -19.03
C ALA B 312 2.59 27.79 -20.20
N VAL B 313 3.78 28.40 -20.18
CA VAL B 313 4.14 29.36 -21.22
C VAL B 313 4.39 28.64 -22.55
N CYS B 314 4.99 27.46 -22.52
CA CYS B 314 5.17 26.72 -23.75
C CYS B 314 3.86 26.12 -24.25
N LEU B 315 2.88 25.91 -23.38
CA LEU B 315 1.52 25.62 -23.82
C LEU B 315 0.93 26.79 -24.60
N LEU B 316 1.33 28.02 -24.29
CA LEU B 316 0.84 29.16 -25.06
C LEU B 316 1.37 29.13 -26.49
N PHE B 317 2.65 28.76 -26.66
CA PHE B 317 3.27 28.78 -27.98
C PHE B 317 2.58 27.83 -28.95
N VAL B 318 2.28 26.60 -28.50
CA VAL B 318 1.59 25.65 -29.34
C VAL B 318 0.15 26.10 -29.59
N PHE B 319 -0.48 26.73 -28.59
CA PHE B 319 -1.83 27.23 -28.75
C PHE B 319 -1.89 28.32 -29.82
N SER B 320 -0.89 29.21 -29.84
CA SER B 320 -0.84 30.27 -30.83
C SER B 320 -0.76 29.72 -32.25
N ALA B 321 -0.08 28.58 -32.43
CA ALA B 321 0.04 27.97 -33.75
C ALA B 321 -1.32 27.59 -34.33
N LEU B 322 -2.30 27.31 -33.48
CA LEU B 322 -3.64 27.01 -33.98
C LEU B 322 -4.36 28.28 -34.41
N LEU B 323 -4.21 29.36 -33.63
CA LEU B 323 -4.90 30.60 -33.93
C LEU B 323 -4.37 31.24 -35.22
N GLU B 324 -3.07 31.14 -35.46
CA GLU B 324 -2.48 31.79 -36.63
C GLU B 324 -2.98 31.16 -37.93
N TYR B 325 -3.21 29.85 -37.95
CA TYR B 325 -3.64 29.20 -39.18
C TYR B 325 -5.04 29.66 -39.57
N ALA B 326 -5.92 29.82 -38.58
CA ALA B 326 -7.26 30.32 -38.84
C ALA B 326 -7.22 31.70 -39.49
N ALA B 327 -6.33 32.56 -39.00
CA ALA B 327 -6.20 33.91 -39.58
C ALA B 327 -5.78 33.86 -41.04
N VAL B 328 -4.87 32.95 -41.38
CA VAL B 328 -4.55 32.70 -42.78
C VAL B 328 -5.78 32.21 -43.53
N ASN B 329 -6.53 31.27 -42.93
CA ASN B 329 -7.77 30.81 -43.54
C ASN B 329 -8.79 31.94 -43.65
N PHE B 330 -8.95 32.72 -42.57
CA PHE B 330 -9.97 33.76 -42.55
C PHE B 330 -9.71 34.83 -43.60
N ILE B 331 -8.45 35.28 -43.72
CA ILE B 331 -8.14 36.36 -44.66
C ILE B 331 -8.29 35.90 -46.11
N ALA B 332 -8.19 34.59 -46.37
CA ALA B 332 -8.25 34.05 -47.72
C ALA B 332 -9.55 34.35 -48.46
N ARG B 333 -10.62 34.71 -47.76
CA ARG B 333 -11.89 35.02 -48.43
C ARG B 333 -11.75 36.20 -49.38
N GLN B 334 -11.99 35.94 -50.66
CA GLN B 334 -11.93 36.97 -51.68
C GLN B 334 -13.30 37.59 -51.92
N LYS B 401 -6.44 39.05 -55.70
CA LYS B 401 -5.01 38.73 -55.66
C LYS B 401 -4.29 39.61 -54.64
N LEU B 402 -4.98 40.63 -54.14
CA LEU B 402 -4.39 41.47 -53.12
C LEU B 402 -4.40 40.78 -51.76
N PHE B 403 -5.39 39.93 -51.51
CA PHE B 403 -5.49 39.24 -50.23
C PHE B 403 -4.48 38.11 -50.12
N ILE B 404 -4.25 37.38 -51.22
CA ILE B 404 -3.37 36.21 -51.17
C ILE B 404 -1.93 36.63 -50.91
N SER B 405 -1.57 37.87 -51.28
CA SER B 405 -0.26 38.39 -50.91
C SER B 405 -0.15 38.58 -49.40
N ARG B 406 -1.20 39.12 -48.78
CA ARG B 406 -1.17 39.39 -47.35
C ARG B 406 -1.00 38.10 -46.54
N ALA B 407 -1.67 37.03 -46.96
CA ALA B 407 -1.51 35.73 -46.31
C ALA B 407 -0.07 35.26 -46.38
N LYS B 408 0.57 35.45 -47.53
CA LYS B 408 2.00 35.14 -47.67
C LYS B 408 2.82 36.01 -46.72
N ARG B 409 2.46 37.28 -46.56
CA ARG B 409 3.19 38.18 -45.68
C ARG B 409 3.16 37.69 -44.23
N ILE B 410 1.98 37.30 -43.74
CA ILE B 410 1.85 36.82 -42.36
C ILE B 410 2.65 35.54 -42.17
N ASP B 411 2.62 34.65 -43.16
CA ASP B 411 3.37 33.40 -43.07
C ASP B 411 4.86 33.65 -42.94
N THR B 412 5.41 34.54 -43.79
CA THR B 412 6.85 34.77 -43.79
C THR B 412 7.32 35.48 -42.53
N VAL B 413 6.53 36.45 -42.04
CA VAL B 413 6.97 37.22 -40.87
C VAL B 413 6.93 36.35 -39.62
N SER B 414 6.00 35.39 -39.57
CA SER B 414 5.97 34.45 -38.44
C SER B 414 7.04 33.39 -38.59
N ARG B 415 7.56 33.19 -39.79
CA ARG B 415 8.61 32.20 -40.00
C ARG B 415 9.91 32.59 -39.32
N VAL B 416 10.10 33.88 -39.06
CA VAL B 416 11.33 34.40 -38.45
C VAL B 416 11.09 34.84 -37.01
N ALA B 417 10.03 35.61 -36.76
CA ALA B 417 9.81 36.17 -35.43
C ALA B 417 9.49 35.10 -34.40
N PHE B 418 8.69 34.10 -34.78
CA PHE B 418 8.35 33.03 -33.85
C PHE B 418 9.58 32.24 -33.38
N PRO B 419 10.58 31.93 -34.22
CA PRO B 419 11.87 31.47 -33.66
C PRO B 419 12.48 32.39 -32.63
N LEU B 420 12.49 33.69 -32.89
CA LEU B 420 13.17 34.64 -32.01
C LEU B 420 12.57 34.66 -30.62
N VAL B 421 11.24 34.67 -30.51
CA VAL B 421 10.60 34.84 -29.21
C VAL B 421 10.83 33.62 -28.33
N PHE B 422 10.92 32.43 -28.93
CA PHE B 422 11.20 31.23 -28.15
C PHE B 422 12.60 31.27 -27.58
N LEU B 423 13.57 31.76 -28.36
CA LEU B 423 14.96 31.86 -27.91
C LEU B 423 15.06 32.78 -26.71
N ILE B 424 14.38 33.94 -26.77
CA ILE B 424 14.47 34.92 -25.70
C ILE B 424 13.91 34.35 -24.40
N PHE B 425 12.82 33.59 -24.50
CA PHE B 425 12.17 33.07 -23.30
C PHE B 425 13.09 32.11 -22.56
N ASN B 426 13.77 31.22 -23.29
CA ASN B 426 14.61 30.21 -22.66
C ASN B 426 15.71 30.86 -21.85
N ILE B 427 16.35 31.90 -22.40
CA ILE B 427 17.48 32.54 -21.73
C ILE B 427 17.04 33.12 -20.39
N PHE B 428 15.90 33.81 -20.39
CA PHE B 428 15.43 34.47 -19.18
C PHE B 428 15.11 33.46 -18.09
N TYR B 429 14.45 32.35 -18.48
CA TYR B 429 14.00 31.36 -17.51
C TYR B 429 15.17 30.69 -16.79
N TRP B 430 16.17 30.26 -17.55
CA TRP B 430 17.27 29.49 -16.95
C TRP B 430 18.13 30.36 -16.05
N ILE B 431 18.53 31.54 -16.52
CA ILE B 431 19.52 32.33 -15.78
C ILE B 431 18.94 32.84 -14.48
N THR B 432 17.63 33.02 -14.41
CA THR B 432 17.04 33.62 -13.21
C THR B 432 17.04 32.63 -12.05
N TYR B 433 16.59 31.40 -12.29
CA TYR B 433 16.48 30.42 -11.23
C TYR B 433 17.86 29.90 -10.78
N LYS B 434 18.76 29.66 -11.74
CA LYS B 434 20.04 29.04 -11.40
C LYS B 434 20.91 29.94 -10.53
N ILE B 435 20.89 31.26 -10.76
CA ILE B 435 21.70 32.14 -9.93
C ILE B 435 21.15 32.20 -8.50
N ILE B 436 19.85 31.94 -8.34
CA ILE B 436 19.25 31.88 -7.02
C ILE B 436 19.67 30.59 -6.32
N PRO C 33 15.00 11.51 53.94
CA PRO C 33 15.81 10.87 52.90
C PRO C 33 15.02 10.54 51.64
N PRO C 34 15.70 10.53 50.49
CA PRO C 34 14.97 10.32 49.22
C PRO C 34 14.32 8.95 49.10
N SER C 35 15.04 7.89 49.45
CA SER C 35 14.51 6.53 49.27
C SER C 35 13.29 6.28 50.14
N GLU C 36 13.32 6.69 51.41
CA GLU C 36 12.22 6.38 52.32
C GLU C 36 10.93 7.07 51.91
N PHE C 37 11.02 8.31 51.42
CA PHE C 37 9.83 9.09 51.12
C PHE C 37 9.08 8.50 49.93
N LEU C 38 9.81 7.99 48.94
CA LEU C 38 9.19 7.50 47.71
C LEU C 38 8.17 6.41 47.97
N ASP C 39 8.47 5.49 48.89
CA ASP C 39 7.60 4.36 49.17
C ASP C 39 6.93 4.44 50.54
N LYS C 40 6.95 5.61 51.19
CA LYS C 40 6.31 5.71 52.50
C LYS C 40 4.81 5.93 52.38
N LEU C 41 4.36 6.74 51.42
CA LEU C 41 2.95 7.08 51.32
C LEU C 41 2.26 6.51 50.09
N MET C 42 3.00 6.00 49.12
CA MET C 42 2.42 5.17 48.05
C MET C 42 2.82 3.71 48.20
N GLY C 43 3.42 3.33 49.32
CA GLY C 43 3.93 1.99 49.50
C GLY C 43 2.96 1.08 50.23
N LYS C 44 3.42 -0.15 50.47
CA LYS C 44 2.63 -1.14 51.19
C LYS C 44 2.28 -0.67 52.59
N VAL C 45 3.23 -0.03 53.28
CA VAL C 45 3.02 0.38 54.66
C VAL C 45 1.87 1.39 54.76
N SER C 46 1.79 2.33 53.83
CA SER C 46 0.68 3.28 53.83
C SER C 46 -0.64 2.57 53.53
N GLY C 47 -0.61 1.61 52.62
CA GLY C 47 -1.82 0.94 52.17
C GLY C 47 -2.70 1.75 51.25
N TYR C 48 -2.11 2.66 50.47
CA TYR C 48 -2.84 3.24 49.36
C TYR C 48 -3.27 2.13 48.41
N ASP C 49 -4.56 2.05 48.13
CA ASP C 49 -5.08 1.07 47.18
C ASP C 49 -5.29 1.74 45.84
N ALA C 50 -4.60 1.24 44.81
CA ALA C 50 -4.71 1.83 43.49
C ALA C 50 -6.07 1.58 42.87
N ARG C 51 -6.71 0.48 43.24
CA ARG C 51 -7.96 0.08 42.60
C ARG C 51 -9.18 0.79 43.17
N ILE C 52 -8.99 1.77 44.05
CA ILE C 52 -10.09 2.47 44.70
C ILE C 52 -9.98 3.95 44.36
N ARG C 53 -11.08 4.51 43.87
CA ARG C 53 -11.08 5.92 43.48
C ARG C 53 -11.01 6.80 44.72
N PRO C 54 -10.45 8.00 44.60
CA PRO C 54 -10.46 8.94 45.72
C PRO C 54 -11.87 9.33 46.11
N ASN C 55 -12.06 9.60 47.41
CA ASN C 55 -13.35 9.94 47.98
C ASN C 55 -14.38 8.85 47.69
N PHE C 56 -14.01 7.61 48.00
CA PHE C 56 -14.88 6.47 47.75
C PHE C 56 -16.14 6.56 48.61
N LYS C 57 -17.27 6.16 48.03
CA LYS C 57 -18.60 6.30 48.65
C LYS C 57 -18.86 7.74 49.06
N GLY C 58 -18.49 8.68 48.19
CA GLY C 58 -18.66 10.09 48.44
C GLY C 58 -18.93 10.86 47.18
N PRO C 59 -18.64 12.16 47.21
CA PRO C 59 -18.88 12.99 46.03
C PRO C 59 -17.92 12.62 44.90
N PRO C 60 -18.31 12.83 43.65
CA PRO C 60 -17.44 12.48 42.53
C PRO C 60 -16.25 13.43 42.42
N VAL C 61 -15.18 12.92 41.81
CA VAL C 61 -13.95 13.68 41.57
C VAL C 61 -14.07 14.43 40.25
N ASN C 62 -13.38 15.57 40.16
CA ASN C 62 -13.42 16.41 38.97
C ASN C 62 -12.05 16.42 38.32
N VAL C 63 -11.97 15.93 37.10
CA VAL C 63 -10.73 15.86 36.34
C VAL C 63 -10.69 17.02 35.37
N THR C 64 -9.64 17.84 35.44
CA THR C 64 -9.46 18.97 34.54
C THR C 64 -8.52 18.58 33.42
N CYS C 65 -8.91 18.89 32.18
CA CYS C 65 -8.21 18.42 30.99
C CYS C 65 -7.61 19.59 30.22
N ASN C 66 -6.38 19.39 29.75
CA ASN C 66 -5.67 20.33 28.88
C ASN C 66 -5.06 19.56 27.73
N ILE C 67 -4.89 20.23 26.60
CA ILE C 67 -4.33 19.60 25.41
C ILE C 67 -3.38 20.56 24.70
N PHE C 68 -2.26 20.03 24.21
CA PHE C 68 -1.32 20.75 23.36
C PHE C 68 -1.19 20.00 22.05
N ILE C 69 -1.33 20.70 20.93
CA ILE C 69 -1.32 20.08 19.60
C ILE C 69 0.03 20.32 18.96
N ASN C 70 0.83 19.26 18.81
CA ASN C 70 2.15 19.39 18.19
C ASN C 70 2.07 19.39 16.67
N SER C 71 1.59 18.30 16.09
CA SER C 71 1.43 18.19 14.64
C SER C 71 0.02 17.76 14.32
N PHE C 72 -0.53 18.30 13.24
CA PHE C 72 -1.88 17.99 12.80
C PHE C 72 -1.77 17.41 11.39
N GLY C 73 -2.00 16.10 11.28
CA GLY C 73 -1.62 15.35 10.10
C GLY C 73 -2.54 15.58 8.91
N SER C 74 -2.31 14.77 7.88
CA SER C 74 -3.00 14.90 6.61
C SER C 74 -4.43 14.40 6.71
N ILE C 75 -5.34 15.11 6.06
CA ILE C 75 -6.75 14.74 6.03
C ILE C 75 -6.97 13.95 4.75
N ALA C 76 -6.93 12.63 4.87
CA ALA C 76 -7.17 11.76 3.71
C ALA C 76 -8.65 11.73 3.36
N GLU C 77 -8.95 11.65 2.06
CA GLU C 77 -10.33 11.67 1.58
C GLU C 77 -10.89 10.29 1.29
N THR C 78 -10.04 9.33 0.91
CA THR C 78 -10.54 8.01 0.54
C THR C 78 -10.74 7.12 1.76
N THR C 79 -9.78 7.09 2.68
CA THR C 79 -9.92 6.32 3.91
C THR C 79 -10.69 7.08 4.98
N MET C 80 -11.02 8.36 4.74
CA MET C 80 -12.02 9.09 5.52
C MET C 80 -11.59 9.33 6.97
N ASP C 81 -10.34 9.76 7.15
CA ASP C 81 -9.83 10.04 8.50
C ASP C 81 -8.70 11.07 8.40
N TYR C 82 -8.12 11.40 9.55
CA TYR C 82 -6.96 12.28 9.61
C TYR C 82 -6.12 11.87 10.81
N ARG C 83 -4.96 12.51 10.94
CA ARG C 83 -4.04 12.20 12.01
C ARG C 83 -3.71 13.44 12.84
N VAL C 84 -3.30 13.20 14.08
CA VAL C 84 -2.93 14.28 15.00
C VAL C 84 -1.94 13.71 16.01
N ASN C 85 -1.07 14.58 16.52
CA ASN C 85 -0.17 14.25 17.61
C ASN C 85 -0.35 15.28 18.71
N ILE C 86 -0.68 14.83 19.93
CA ILE C 86 -1.08 15.73 20.99
C ILE C 86 -0.40 15.35 22.30
N PHE C 87 -0.31 16.34 23.19
CA PHE C 87 -0.01 16.13 24.61
C PHE C 87 -1.32 16.22 25.38
N LEU C 88 -1.64 15.18 26.15
CA LEU C 88 -2.85 15.12 26.95
C LEU C 88 -2.50 15.29 28.42
N ARG C 89 -3.12 16.28 29.06
CA ARG C 89 -2.85 16.60 30.46
C ARG C 89 -4.12 16.46 31.28
N GLN C 90 -4.03 15.72 32.39
CA GLN C 90 -5.13 15.54 33.32
C GLN C 90 -4.73 16.04 34.69
N GLN C 91 -5.64 16.77 35.34
CA GLN C 91 -5.42 17.31 36.67
C GLN C 91 -6.63 17.00 37.54
N TRP C 92 -6.38 16.41 38.71
CA TRP C 92 -7.45 16.11 39.65
C TRP C 92 -6.90 16.23 41.07
N ASN C 93 -7.67 15.76 42.04
CA ASN C 93 -7.27 15.83 43.44
C ASN C 93 -7.46 14.47 44.08
N ASP C 94 -6.48 14.09 44.89
CA ASP C 94 -6.54 12.83 45.66
C ASP C 94 -6.20 13.17 47.10
N PRO C 95 -7.18 13.18 48.01
CA PRO C 95 -6.90 13.60 49.39
C PRO C 95 -5.92 12.69 50.12
N ARG C 96 -5.84 11.42 49.71
CA ARG C 96 -4.99 10.45 50.40
C ARG C 96 -3.52 10.85 50.31
N LEU C 97 -3.08 11.33 49.15
CA LEU C 97 -1.67 11.65 48.91
C LEU C 97 -1.41 13.09 49.31
N ALA C 98 -1.08 13.28 50.58
CA ALA C 98 -0.66 14.59 51.08
C ALA C 98 0.60 14.41 51.93
N TYR C 99 1.22 15.54 52.27
CA TYR C 99 2.46 15.53 53.04
C TYR C 99 2.71 16.93 53.59
N SER C 100 3.48 16.98 54.68
CA SER C 100 3.82 18.27 55.29
C SER C 100 5.28 18.40 55.71
N GLU C 101 6.06 17.31 55.78
CA GLU C 101 7.42 17.41 56.28
C GLU C 101 8.36 18.07 55.25
N TYR C 102 8.27 17.67 53.99
CA TYR C 102 9.10 18.29 52.97
C TYR C 102 8.46 19.59 52.50
N PRO C 103 9.15 20.73 52.58
CA PRO C 103 8.55 22.01 52.20
C PRO C 103 8.51 22.29 50.71
N ASP C 104 8.96 21.37 49.86
CA ASP C 104 8.94 21.61 48.43
C ASP C 104 7.51 21.60 47.90
N ASP C 105 7.27 22.44 46.89
CA ASP C 105 5.94 22.56 46.33
C ASP C 105 5.52 21.32 45.54
N SER C 106 6.45 20.75 44.76
CA SER C 106 6.14 19.62 43.90
C SER C 106 7.20 18.53 44.05
N LEU C 107 6.81 17.31 43.68
CA LEU C 107 7.67 16.13 43.75
C LEU C 107 7.64 15.49 42.37
N ASP C 108 8.59 15.87 41.51
CA ASP C 108 8.66 15.30 40.18
C ASP C 108 9.08 13.84 40.29
N LEU C 109 8.13 12.93 40.07
CA LEU C 109 8.35 11.51 40.28
C LEU C 109 8.85 10.84 39.00
N ASP C 110 9.33 9.62 39.17
CA ASP C 110 9.75 8.82 38.02
C ASP C 110 8.54 8.36 37.22
N PRO C 111 8.59 8.43 35.89
CA PRO C 111 7.47 8.01 35.06
C PRO C 111 7.32 6.50 34.91
N SER C 112 8.06 5.68 35.67
CA SER C 112 7.96 4.23 35.57
C SER C 112 7.23 3.60 36.74
N MET C 113 6.68 4.39 37.66
CA MET C 113 5.96 3.87 38.81
C MET C 113 4.47 4.18 38.75
N LEU C 114 3.95 4.47 37.55
CA LEU C 114 2.56 4.88 37.39
C LEU C 114 1.57 3.76 37.70
N ASP C 115 2.02 2.52 37.81
CA ASP C 115 1.13 1.42 38.16
C ASP C 115 0.61 1.51 39.58
N SER C 116 1.20 2.35 40.43
CA SER C 116 0.85 2.41 41.84
C SER C 116 -0.11 3.54 42.16
N ILE C 117 -0.59 4.26 41.14
CA ILE C 117 -1.46 5.40 41.34
C ILE C 117 -2.76 5.14 40.59
N TRP C 118 -3.83 5.80 41.05
CA TRP C 118 -5.12 5.72 40.35
C TRP C 118 -5.11 6.70 39.19
N LYS C 119 -5.40 6.21 37.99
CA LYS C 119 -5.37 7.02 36.79
C LYS C 119 -6.74 6.95 36.13
N PRO C 120 -7.44 8.08 35.97
CA PRO C 120 -8.78 8.05 35.37
C PRO C 120 -8.74 7.53 33.95
N ASP C 121 -9.76 6.76 33.58
CA ASP C 121 -9.86 6.21 32.25
C ASP C 121 -10.36 7.29 31.29
N LEU C 122 -9.69 7.41 30.15
CA LEU C 122 -10.08 8.36 29.13
C LEU C 122 -10.21 7.60 27.82
N PHE C 123 -11.15 8.03 26.99
CA PHE C 123 -11.58 7.24 25.84
C PHE C 123 -11.90 8.17 24.68
N PHE C 124 -11.32 7.86 23.52
CA PHE C 124 -11.59 8.56 22.27
C PHE C 124 -12.65 7.79 21.51
N ALA C 125 -13.84 8.37 21.40
CA ALA C 125 -14.95 7.67 20.76
C ALA C 125 -14.71 7.49 19.27
N ASN C 126 -14.34 8.56 18.58
CA ASN C 126 -14.20 8.54 17.13
C ASN C 126 -12.75 8.30 16.70
N GLU C 127 -12.18 7.20 17.15
CA GLU C 127 -10.82 6.84 16.78
C GLU C 127 -10.83 5.61 15.89
N LYS C 128 -9.80 5.50 15.06
CA LYS C 128 -9.56 4.31 14.27
C LYS C 128 -8.25 3.61 14.60
N GLY C 129 -7.36 4.28 15.33
CA GLY C 129 -6.11 3.68 15.76
C GLY C 129 -5.28 4.66 16.55
N ALA C 130 -4.75 4.23 17.69
CA ALA C 130 -3.94 5.07 18.54
C ALA C 130 -2.75 4.27 19.05
N ASN C 131 -1.63 4.96 19.24
CA ASN C 131 -0.40 4.33 19.69
C ASN C 131 0.28 5.22 20.72
N PHE C 132 1.05 4.59 21.58
CA PHE C 132 1.97 5.28 22.47
C PHE C 132 3.32 5.46 21.77
N HIS C 133 4.16 6.30 22.36
CA HIS C 133 5.48 6.61 21.83
C HIS C 133 6.55 6.19 22.84
N GLU C 134 7.50 5.38 22.38
CA GLU C 134 8.48 4.73 23.25
C GLU C 134 9.87 4.77 22.64
N VAL C 135 10.18 5.87 21.94
CA VAL C 135 11.50 6.01 21.31
C VAL C 135 12.61 6.00 22.36
N THR C 136 12.36 6.62 23.51
CA THR C 136 13.22 6.47 24.67
C THR C 136 12.36 6.70 25.91
N THR C 137 12.53 5.84 26.90
CA THR C 137 11.66 5.74 28.09
C THR C 137 10.25 5.50 27.56
N ASP C 138 9.23 6.23 28.03
CA ASP C 138 7.88 6.01 27.52
C ASP C 138 7.10 7.31 27.35
N ASN C 139 7.72 8.47 27.56
CA ASN C 139 7.10 9.79 27.39
C ASN C 139 5.88 9.98 28.29
N LYS C 140 6.13 9.94 29.60
CA LYS C 140 5.11 10.19 30.59
C LYS C 140 5.63 11.16 31.64
N LEU C 141 4.72 11.93 32.22
CA LEU C 141 5.07 12.92 33.25
C LEU C 141 4.09 12.84 34.40
N LEU C 142 4.61 12.82 35.62
CA LEU C 142 3.81 12.85 36.83
C LEU C 142 4.32 13.93 37.76
N ARG C 143 3.41 14.60 38.45
CA ARG C 143 3.76 15.66 39.40
C ARG C 143 2.70 15.72 40.50
N ILE C 144 3.14 15.66 41.75
CA ILE C 144 2.26 15.68 42.91
C ILE C 144 2.56 16.93 43.73
N SER C 145 1.51 17.71 43.99
CA SER C 145 1.65 18.93 44.77
C SER C 145 1.43 18.60 46.26
N LYS C 146 1.41 19.63 47.09
CA LYS C 146 1.27 19.42 48.53
C LYS C 146 -0.16 18.99 48.89
N ASN C 147 -1.16 19.64 48.31
CA ASN C 147 -2.54 19.31 48.64
C ASN C 147 -2.96 17.97 48.06
N GLY C 148 -2.34 17.54 46.97
CA GLY C 148 -2.68 16.28 46.35
C GLY C 148 -3.05 16.42 44.89
N ASN C 149 -2.82 17.59 44.32
CA ASN C 149 -3.15 17.86 42.92
C ASN C 149 -2.18 17.10 42.03
N VAL C 150 -2.62 15.97 41.49
CA VAL C 150 -1.79 15.14 40.62
C VAL C 150 -1.93 15.63 39.19
N LEU C 151 -0.80 15.83 38.52
CA LEU C 151 -0.76 16.20 37.11
C LEU C 151 -0.12 15.07 36.32
N TYR C 152 -0.73 14.73 35.18
CA TYR C 152 -0.35 13.55 34.42
C TYR C 152 -0.39 13.89 32.94
N SER C 153 0.73 13.73 32.25
CA SER C 153 0.84 14.10 30.83
C SER C 153 1.35 12.93 30.01
N ILE C 154 0.73 12.70 28.85
CA ILE C 154 1.09 11.64 27.93
C ILE C 154 1.21 12.22 26.54
N ARG C 155 2.08 11.61 25.72
CA ARG C 155 2.15 11.92 24.29
C ARG C 155 1.45 10.81 23.52
N ILE C 156 0.40 11.16 22.79
CA ILE C 156 -0.46 10.22 22.10
C ILE C 156 -0.60 10.64 20.65
N THR C 157 -0.47 9.68 19.74
CA THR C 157 -0.83 9.86 18.35
C THR C 157 -2.19 9.24 18.09
N LEU C 158 -2.96 9.85 17.20
CA LEU C 158 -4.35 9.45 17.01
C LEU C 158 -4.72 9.49 15.54
N VAL C 159 -5.53 8.53 15.12
CA VAL C 159 -6.19 8.53 13.82
C VAL C 159 -7.68 8.69 14.08
N LEU C 160 -8.24 9.83 13.69
CA LEU C 160 -9.62 10.17 14.01
C LEU C 160 -10.44 10.29 12.73
N ALA C 161 -11.63 9.71 12.74
CA ALA C 161 -12.54 9.78 11.61
C ALA C 161 -13.56 10.88 11.83
N CYS C 162 -13.75 11.72 10.81
CA CYS C 162 -14.72 12.80 10.87
C CYS C 162 -15.54 12.80 9.57
N PRO C 163 -16.85 12.94 9.64
CA PRO C 163 -17.64 13.04 8.41
C PRO C 163 -17.42 14.38 7.73
N MET C 164 -17.43 14.35 6.41
CA MET C 164 -17.28 15.53 5.59
C MET C 164 -18.37 15.54 4.53
N ASP C 165 -18.93 16.72 4.26
CA ASP C 165 -19.98 16.89 3.27
C ASP C 165 -19.39 17.58 2.04
N LEU C 166 -19.51 16.93 0.89
CA LEU C 166 -18.84 17.36 -0.34
C LEU C 166 -19.75 17.98 -1.39
N LYS C 167 -20.90 18.56 -1.01
CA LYS C 167 -21.73 19.16 -2.04
C LYS C 167 -21.00 20.35 -2.68
N ASN C 168 -20.29 21.14 -1.87
CA ASN C 168 -19.40 22.18 -2.37
C ASN C 168 -17.95 21.70 -2.27
N PHE C 169 -17.59 20.79 -3.17
CA PHE C 169 -16.28 20.13 -3.03
C PHE C 169 -15.10 21.07 -3.30
N PRO C 170 -15.11 21.93 -4.32
CA PRO C 170 -13.95 22.84 -4.47
C PRO C 170 -13.71 23.76 -3.28
N MET C 171 -14.74 24.45 -2.79
CA MET C 171 -14.60 25.33 -1.64
C MET C 171 -15.64 24.96 -0.60
N ASP C 172 -15.18 24.71 0.64
CA ASP C 172 -16.09 24.33 1.72
C ASP C 172 -15.38 24.48 3.06
N VAL C 173 -16.12 24.97 4.04
CA VAL C 173 -15.69 24.94 5.43
C VAL C 173 -16.11 23.61 6.03
N GLN C 174 -15.22 22.98 6.78
CA GLN C 174 -15.45 21.66 7.33
C GLN C 174 -15.18 21.67 8.83
N THR C 175 -15.78 20.71 9.52
CA THR C 175 -15.63 20.58 10.96
C THR C 175 -15.16 19.17 11.29
N CYS C 176 -14.12 19.07 12.10
CA CYS C 176 -13.58 17.80 12.57
C CYS C 176 -13.79 17.72 14.07
N ILE C 177 -14.30 16.58 14.55
CA ILE C 177 -14.72 16.44 15.94
C ILE C 177 -13.75 15.51 16.66
N MET C 178 -13.62 15.74 17.97
CA MET C 178 -12.79 14.91 18.83
C MET C 178 -13.49 14.76 20.17
N GLN C 179 -13.66 13.52 20.63
CA GLN C 179 -14.44 13.23 21.81
C GLN C 179 -13.59 12.57 22.87
N LEU C 180 -13.68 13.07 24.10
CA LEU C 180 -13.03 12.49 25.27
C LEU C 180 -14.11 11.87 26.13
N GLU C 181 -14.02 10.57 26.37
CA GLU C 181 -15.08 9.82 27.05
C GLU C 181 -14.52 9.06 28.24
N SER C 182 -15.43 8.40 28.97
CA SER C 182 -15.10 7.57 30.11
C SER C 182 -15.80 6.23 29.95
N PHE C 183 -15.01 5.17 29.75
CA PHE C 183 -15.59 3.87 29.43
C PHE C 183 -16.21 3.21 30.66
N GLY C 184 -15.54 3.26 31.81
CA GLY C 184 -15.96 2.47 32.95
C GLY C 184 -16.92 3.10 33.94
N TYR C 185 -16.57 4.28 34.45
CA TYR C 185 -17.30 4.88 35.56
C TYR C 185 -18.48 5.72 35.09
N THR C 186 -19.50 5.81 35.93
CA THR C 186 -20.71 6.59 35.68
C THR C 186 -20.59 7.97 36.31
N MET C 187 -21.72 8.68 36.43
CA MET C 187 -21.78 10.01 37.00
C MET C 187 -21.43 10.06 38.47
N ASN C 188 -21.66 8.97 39.22
CA ASN C 188 -21.44 9.01 40.65
C ASN C 188 -19.95 9.02 41.01
N ASP C 189 -19.07 8.72 40.07
CA ASP C 189 -17.65 8.60 40.35
C ASP C 189 -16.81 9.63 39.60
N LEU C 190 -16.90 9.66 38.27
CA LEU C 190 -15.97 10.43 37.45
C LEU C 190 -16.71 11.47 36.62
N ILE C 191 -16.28 12.72 36.72
CA ILE C 191 -16.84 13.82 35.95
C ILE C 191 -15.69 14.55 35.26
N PHE C 192 -15.77 14.69 33.95
CA PHE C 192 -14.74 15.36 33.16
C PHE C 192 -15.11 16.83 32.95
N GLU C 193 -14.09 17.68 32.91
CA GLU C 193 -14.28 19.10 32.68
C GLU C 193 -13.13 19.63 31.83
N TRP C 194 -13.36 20.79 31.22
CA TRP C 194 -12.32 21.49 30.49
C TRP C 194 -11.59 22.45 31.41
N ASP C 195 -10.43 22.92 30.95
CA ASP C 195 -9.66 23.89 31.71
C ASP C 195 -10.34 25.24 31.71
N GLU C 196 -10.18 25.97 32.81
CA GLU C 196 -10.86 27.25 32.97
C GLU C 196 -10.26 28.32 32.07
N LYS C 197 -8.94 28.33 31.90
CA LYS C 197 -8.27 29.21 30.97
C LYS C 197 -7.35 28.41 30.07
N GLY C 198 -7.49 28.59 28.76
CA GLY C 198 -6.61 27.95 27.81
C GLY C 198 -6.76 26.45 27.75
N ALA C 199 -7.93 25.97 27.34
CA ALA C 199 -8.16 24.54 27.27
C ALA C 199 -7.34 23.90 26.16
N VAL C 200 -7.23 24.57 25.01
CA VAL C 200 -6.51 24.04 23.86
C VAL C 200 -5.39 25.01 23.51
N GLN C 201 -4.17 24.49 23.37
CA GLN C 201 -3.03 25.25 22.91
C GLN C 201 -2.53 24.66 21.61
N VAL C 202 -2.12 25.54 20.69
CA VAL C 202 -1.64 25.16 19.37
C VAL C 202 -0.19 25.57 19.27
N ALA C 203 0.66 24.64 18.83
CA ALA C 203 2.09 24.93 18.68
C ALA C 203 2.31 26.01 17.63
N ASP C 204 3.25 26.92 17.93
CA ASP C 204 3.54 28.03 17.03
C ASP C 204 4.17 27.54 15.74
N GLY C 205 3.80 28.17 14.63
CA GLY C 205 4.34 27.82 13.34
C GLY C 205 3.68 26.66 12.64
N LEU C 206 2.61 26.10 13.21
CA LEU C 206 1.92 25.00 12.56
C LEU C 206 1.14 25.50 11.35
N THR C 207 1.33 24.84 10.22
CA THR C 207 0.69 25.23 8.96
C THR C 207 0.37 23.98 8.16
N LEU C 208 -0.88 23.88 7.69
CA LEU C 208 -1.28 22.74 6.89
C LEU C 208 -1.04 23.01 5.42
N PRO C 209 -0.64 22.00 4.65
CA PRO C 209 -0.41 22.20 3.22
C PRO C 209 -1.68 22.47 2.44
N GLN C 210 -2.67 21.60 2.61
CA GLN C 210 -3.89 21.65 1.81
C GLN C 210 -5.04 22.40 2.48
N PHE C 211 -4.92 22.76 3.76
CA PHE C 211 -6.03 23.34 4.49
C PHE C 211 -5.56 24.53 5.31
N ILE C 212 -6.52 25.29 5.83
CA ILE C 212 -6.26 26.36 6.79
C ILE C 212 -7.01 26.01 8.06
N LEU C 213 -6.29 25.97 9.18
CA LEU C 213 -6.90 25.72 10.49
C LEU C 213 -7.26 27.05 11.14
N LYS C 214 -8.53 27.22 11.48
CA LYS C 214 -9.00 28.47 12.07
C LYS C 214 -8.56 28.59 13.51
N GLU C 215 -8.47 29.84 13.97
CA GLU C 215 -7.97 30.12 15.32
C GLU C 215 -8.96 29.68 16.40
N GLU C 216 -10.26 29.80 16.15
CA GLU C 216 -11.27 29.50 17.15
C GLU C 216 -11.68 28.04 17.11
N LYS C 217 -11.84 27.45 18.29
CA LYS C 217 -12.27 26.07 18.45
C LYS C 217 -13.44 26.00 19.41
N ASP C 218 -14.37 25.09 19.15
CA ASP C 218 -15.59 24.98 19.92
C ASP C 218 -15.44 23.88 20.97
N LEU C 219 -15.79 24.20 22.21
CA LEU C 219 -15.80 23.24 23.30
C LEU C 219 -17.23 23.03 23.77
N ARG C 220 -17.66 21.77 23.84
CA ARG C 220 -19.06 21.46 24.08
C ARG C 220 -19.17 20.23 24.97
N TYR C 221 -20.32 20.11 25.62
CA TYR C 221 -20.64 18.95 26.45
C TYR C 221 -21.62 18.07 25.69
N CYS C 222 -21.25 16.80 25.51
CA CYS C 222 -22.14 15.81 24.91
C CYS C 222 -22.14 14.56 25.78
N THR C 223 -22.97 14.56 26.81
CA THR C 223 -23.06 13.42 27.70
C THR C 223 -23.76 12.25 26.99
N LYS C 224 -23.17 11.07 27.09
CA LYS C 224 -23.66 9.89 26.39
C LYS C 224 -24.48 9.01 27.32
N HIS C 225 -25.55 8.42 26.78
CA HIS C 225 -26.41 7.51 27.51
C HIS C 225 -26.49 6.18 26.77
N TYR C 226 -26.30 5.09 27.50
CA TYR C 226 -26.44 3.74 26.95
C TYR C 226 -27.29 2.92 27.92
N ASN C 227 -27.64 1.71 27.49
CA ASN C 227 -28.38 0.81 28.36
C ASN C 227 -27.57 0.37 29.57
N THR C 228 -26.23 0.46 29.51
CA THR C 228 -25.43 0.19 30.68
C THR C 228 -25.55 1.30 31.72
N GLY C 229 -25.54 2.55 31.27
CA GLY C 229 -25.67 3.67 32.19
C GLY C 229 -25.31 4.97 31.50
N LYS C 230 -24.95 5.96 32.31
CA LYS C 230 -24.68 7.31 31.84
C LYS C 230 -23.18 7.60 31.99
N PHE C 231 -22.54 7.97 30.88
CA PHE C 231 -21.11 8.22 30.85
C PHE C 231 -20.81 9.63 30.37
N THR C 232 -19.82 10.26 30.98
CA THR C 232 -19.48 11.65 30.71
C THR C 232 -18.65 11.77 29.44
N CYS C 233 -18.71 12.95 28.83
CA CYS C 233 -17.94 13.21 27.63
C CYS C 233 -17.85 14.70 27.38
N ILE C 234 -16.77 15.12 26.74
CA ILE C 234 -16.56 16.49 26.31
C ILE C 234 -16.03 16.46 24.88
N GLU C 235 -16.25 17.55 24.16
CA GLU C 235 -15.96 17.57 22.73
C GLU C 235 -15.27 18.86 22.33
N ALA C 236 -14.27 18.74 21.47
CA ALA C 236 -13.56 19.87 20.88
C ALA C 236 -13.63 19.75 19.37
N ARG C 237 -13.98 20.83 18.70
CA ARG C 237 -14.19 20.82 17.25
C ARG C 237 -13.33 21.89 16.60
N PHE C 238 -12.77 21.55 15.44
CA PHE C 238 -11.94 22.46 14.67
C PHE C 238 -12.60 22.78 13.34
N HIS C 239 -12.37 23.99 12.85
CA HIS C 239 -12.88 24.43 11.56
C HIS C 239 -11.73 24.48 10.56
N LEU C 240 -11.96 23.93 9.38
CA LEU C 240 -10.95 23.89 8.32
C LEU C 240 -11.51 24.49 7.04
N GLU C 241 -10.65 25.17 6.30
CA GLU C 241 -10.97 25.72 4.99
C GLU C 241 -9.97 25.20 3.97
N ARG C 242 -10.26 25.40 2.69
CA ARG C 242 -9.43 24.84 1.63
C ARG C 242 -8.66 25.96 0.91
N GLN C 243 -7.54 25.55 0.28
CA GLN C 243 -6.62 26.51 -0.31
C GLN C 243 -7.22 27.16 -1.56
N MET C 244 -7.81 26.33 -2.43
CA MET C 244 -8.41 26.64 -3.73
C MET C 244 -7.31 26.89 -4.79
N GLY C 245 -6.04 26.99 -4.40
CA GLY C 245 -5.01 27.26 -5.38
C GLY C 245 -4.76 26.09 -6.31
N TYR C 246 -4.69 24.87 -5.76
CA TYR C 246 -4.30 23.71 -6.55
C TYR C 246 -5.28 23.41 -7.68
N TYR C 247 -6.57 23.49 -7.39
CA TYR C 247 -7.57 23.05 -8.37
C TYR C 247 -7.68 24.01 -9.54
N LEU C 248 -7.46 25.31 -9.29
CA LEU C 248 -7.50 26.28 -10.38
C LEU C 248 -6.44 25.98 -11.42
N ILE C 249 -5.22 25.70 -10.97
CA ILE C 249 -4.16 25.32 -11.91
C ILE C 249 -4.41 23.94 -12.51
N GLN C 250 -4.84 22.98 -11.68
CA GLN C 250 -4.89 21.58 -12.11
C GLN C 250 -5.89 21.36 -13.24
N MET C 251 -7.18 21.58 -12.98
CA MET C 251 -8.20 21.22 -13.96
C MET C 251 -9.08 22.36 -14.44
N TYR C 252 -9.20 23.47 -13.69
CA TYR C 252 -10.08 24.55 -14.11
C TYR C 252 -9.57 25.22 -15.39
N ILE C 253 -8.28 25.59 -15.40
CA ILE C 253 -7.69 26.29 -16.53
C ILE C 253 -7.51 25.36 -17.73
N PRO C 254 -7.03 24.12 -17.59
CA PRO C 254 -7.03 23.21 -18.75
C PRO C 254 -8.41 22.97 -19.34
N SER C 255 -9.44 22.86 -18.51
CA SER C 255 -10.79 22.69 -19.04
C SER C 255 -11.23 23.93 -19.82
N LEU C 256 -10.94 25.12 -19.28
CA LEU C 256 -11.38 26.36 -19.90
C LEU C 256 -10.75 26.57 -21.27
N LEU C 257 -9.44 26.29 -21.39
CA LEU C 257 -8.75 26.53 -22.65
C LEU C 257 -9.23 25.59 -23.74
N ILE C 258 -9.66 24.39 -23.37
CA ILE C 258 -10.17 23.44 -24.34
C ILE C 258 -11.46 23.96 -24.96
N VAL C 259 -12.30 24.60 -24.15
CA VAL C 259 -13.55 25.18 -24.66
C VAL C 259 -13.26 26.26 -25.68
N ILE C 260 -12.26 27.10 -25.41
CA ILE C 260 -11.89 28.17 -26.34
C ILE C 260 -11.40 27.60 -27.66
N LEU C 261 -10.63 26.50 -27.60
CA LEU C 261 -10.05 25.92 -28.80
C LEU C 261 -11.13 25.43 -29.76
N SER C 262 -12.22 24.88 -29.24
CA SER C 262 -13.27 24.33 -30.09
C SER C 262 -13.92 25.41 -30.96
N TRP C 263 -13.96 26.65 -30.47
CA TRP C 263 -14.65 27.72 -31.16
C TRP C 263 -13.95 28.18 -32.43
N VAL C 264 -12.71 27.75 -32.68
CA VAL C 264 -12.01 28.21 -33.87
C VAL C 264 -12.55 27.55 -35.12
N SER C 265 -13.41 26.52 -34.98
CA SER C 265 -13.98 25.87 -36.16
C SER C 265 -14.89 26.80 -36.94
N PHE C 266 -15.51 27.77 -36.25
CA PHE C 266 -16.50 28.63 -36.89
C PHE C 266 -15.90 29.42 -38.05
N TRP C 267 -14.67 29.91 -37.88
CA TRP C 267 -14.02 30.73 -38.88
C TRP C 267 -13.30 29.93 -39.95
N ILE C 268 -13.15 28.62 -39.77
CA ILE C 268 -12.58 27.80 -40.84
C ILE C 268 -13.60 27.65 -41.96
N ASN C 269 -13.12 27.31 -43.15
CA ASN C 269 -13.98 27.21 -44.32
C ASN C 269 -15.03 26.11 -44.12
N MET C 270 -16.26 26.40 -44.55
CA MET C 270 -17.33 25.42 -44.44
C MET C 270 -17.04 24.20 -45.32
N ASP C 271 -16.44 24.43 -46.49
CA ASP C 271 -16.18 23.35 -47.44
C ASP C 271 -15.16 22.34 -46.94
N ALA C 272 -14.29 22.72 -46.00
CA ALA C 272 -13.27 21.81 -45.51
C ALA C 272 -13.87 20.72 -44.63
N ALA C 273 -14.35 19.65 -45.26
CA ALA C 273 -15.09 18.61 -44.53
C ALA C 273 -14.28 17.91 -43.44
N PRO C 274 -13.06 17.41 -43.67
CA PRO C 274 -12.38 16.68 -42.59
C PRO C 274 -11.93 17.54 -41.43
N ALA C 275 -11.65 18.83 -41.67
CA ALA C 275 -11.04 19.66 -40.63
C ALA C 275 -11.95 19.85 -39.42
N ARG C 276 -13.19 20.26 -39.65
CA ARG C 276 -14.07 20.57 -38.52
C ARG C 276 -14.66 19.34 -37.83
N VAL C 277 -14.84 18.23 -38.55
CA VAL C 277 -15.26 17.01 -37.88
C VAL C 277 -14.13 16.45 -37.01
N GLY C 278 -12.89 16.53 -37.50
CA GLY C 278 -11.75 16.14 -36.67
C GLY C 278 -11.58 17.04 -35.46
N LEU C 279 -11.82 18.34 -35.65
CA LEU C 279 -11.68 19.29 -34.55
C LEU C 279 -12.71 19.03 -33.46
N GLY C 280 -13.95 18.76 -33.85
CA GLY C 280 -15.01 18.56 -32.87
C GLY C 280 -14.82 17.31 -32.05
N ILE C 281 -14.44 16.20 -32.69
CA ILE C 281 -14.34 14.92 -31.99
C ILE C 281 -13.18 14.93 -31.00
N THR C 282 -12.05 15.53 -31.36
CA THR C 282 -10.90 15.53 -30.47
C THR C 282 -11.16 16.38 -29.23
N THR C 283 -11.89 17.48 -29.40
CA THR C 283 -12.28 18.31 -28.27
C THR C 283 -13.16 17.54 -27.29
N VAL C 284 -14.07 16.71 -27.81
CA VAL C 284 -14.95 15.92 -26.95
C VAL C 284 -14.13 14.96 -26.09
N LEU C 285 -13.12 14.31 -26.67
CA LEU C 285 -12.43 13.24 -25.96
C LEU C 285 -11.56 13.75 -24.82
N THR C 286 -10.96 14.93 -24.98
CA THR C 286 -10.12 15.42 -23.90
C THR C 286 -10.96 15.83 -22.69
N MET C 287 -12.21 16.24 -22.93
CA MET C 287 -13.07 16.64 -21.82
C MET C 287 -13.62 15.42 -21.08
N THR C 288 -13.98 14.36 -21.80
CA THR C 288 -14.60 13.21 -21.16
C THR C 288 -13.60 12.43 -20.32
N THR C 289 -12.31 12.49 -20.68
CA THR C 289 -11.29 11.81 -19.90
C THR C 289 -10.89 12.65 -18.69
N GLN C 290 -10.81 13.97 -18.88
CA GLN C 290 -10.42 14.89 -17.83
C GLN C 290 -11.47 14.94 -16.72
N SER C 291 -12.74 14.77 -17.10
CA SER C 291 -13.82 14.77 -16.10
C SER C 291 -13.67 13.61 -15.13
N SER C 292 -13.30 12.43 -15.63
CA SER C 292 -13.22 11.25 -14.76
C SER C 292 -12.02 11.31 -13.84
N GLY C 293 -10.92 11.92 -14.29
CA GLY C 293 -9.70 11.95 -13.50
C GLY C 293 -9.85 12.75 -12.22
N SER C 294 -10.67 13.81 -12.25
CA SER C 294 -10.84 14.67 -11.09
C SER C 294 -11.44 13.93 -9.90
N ARG C 295 -12.38 13.04 -10.14
CA ARG C 295 -13.12 12.35 -9.09
C ARG C 295 -12.39 11.09 -8.62
N ALA C 296 -11.26 10.76 -9.23
CA ALA C 296 -10.54 9.52 -8.93
C ALA C 296 -10.09 9.47 -7.48
N SER C 297 -9.70 10.61 -6.92
CA SER C 297 -9.13 10.66 -5.58
C SER C 297 -10.17 10.86 -4.49
N LEU C 298 -11.46 10.94 -4.85
CA LEU C 298 -12.51 11.27 -3.89
C LEU C 298 -13.41 10.05 -3.67
N PRO C 299 -14.12 10.00 -2.54
CA PRO C 299 -15.07 8.90 -2.32
C PRO C 299 -16.22 8.92 -3.31
N LYS C 300 -16.78 7.73 -3.55
CA LYS C 300 -17.85 7.56 -4.53
C LYS C 300 -19.21 7.93 -3.93
N VAL C 301 -19.35 9.19 -3.57
CA VAL C 301 -20.57 9.68 -2.94
C VAL C 301 -21.67 9.76 -4.00
N SER C 302 -22.93 9.91 -3.54
CA SER C 302 -24.04 9.87 -4.48
C SER C 302 -24.61 11.25 -4.81
N TYR C 303 -24.42 12.24 -3.94
CA TYR C 303 -24.81 13.60 -4.29
C TYR C 303 -23.90 14.13 -5.38
N VAL C 304 -24.46 14.90 -6.30
CA VAL C 304 -23.63 15.53 -7.33
C VAL C 304 -22.76 16.59 -6.67
N LYS C 305 -21.52 16.72 -7.15
CA LYS C 305 -20.55 17.66 -6.62
C LYS C 305 -20.52 18.95 -7.42
N ALA C 306 -20.07 20.02 -6.75
CA ALA C 306 -19.97 21.32 -7.40
C ALA C 306 -19.03 21.28 -8.60
N ILE C 307 -17.92 20.54 -8.49
CA ILE C 307 -16.99 20.38 -9.60
C ILE C 307 -17.70 19.78 -10.81
N ASP C 308 -18.61 18.82 -10.58
CA ASP C 308 -19.26 18.12 -11.68
C ASP C 308 -20.16 19.05 -12.50
N ILE C 309 -20.67 20.11 -11.88
CA ILE C 309 -21.43 21.11 -12.62
C ILE C 309 -20.57 21.75 -13.70
N TRP C 310 -19.32 22.09 -13.36
CA TRP C 310 -18.43 22.73 -14.32
C TRP C 310 -18.12 21.79 -15.49
N MET C 311 -17.77 20.54 -15.18
CA MET C 311 -17.33 19.59 -16.20
C MET C 311 -18.45 19.26 -17.18
N ALA C 312 -19.67 19.07 -16.68
CA ALA C 312 -20.79 18.75 -17.55
C ALA C 312 -21.16 19.92 -18.44
N VAL C 313 -21.30 21.12 -17.85
CA VAL C 313 -21.75 22.29 -18.59
C VAL C 313 -20.76 22.63 -19.71
N CYS C 314 -19.46 22.47 -19.44
CA CYS C 314 -18.46 22.70 -20.48
C CYS C 314 -18.60 21.67 -21.60
N LEU C 315 -18.83 20.40 -21.24
CA LEU C 315 -18.93 19.33 -22.22
C LEU C 315 -20.10 19.57 -23.16
N LEU C 316 -21.21 20.07 -22.61
CA LEU C 316 -22.36 20.45 -23.42
C LEU C 316 -22.00 21.57 -24.39
N PHE C 317 -21.26 22.58 -23.92
CA PHE C 317 -20.77 23.62 -24.82
C PHE C 317 -19.85 23.04 -25.88
N VAL C 318 -18.94 22.15 -25.47
CA VAL C 318 -18.03 21.52 -26.41
C VAL C 318 -18.81 20.74 -27.47
N PHE C 319 -19.79 19.95 -27.03
CA PHE C 319 -20.56 19.12 -27.94
C PHE C 319 -21.46 19.96 -28.85
N SER C 320 -21.87 21.15 -28.38
CA SER C 320 -22.80 21.97 -29.15
C SER C 320 -22.19 22.45 -30.46
N ALA C 321 -20.86 22.65 -30.49
CA ALA C 321 -20.22 23.17 -31.69
C ALA C 321 -20.25 22.14 -32.81
N LEU C 322 -20.22 20.86 -32.47
CA LEU C 322 -20.29 19.81 -33.48
C LEU C 322 -21.64 19.82 -34.19
N LEU C 323 -22.73 20.04 -33.44
CA LEU C 323 -24.06 20.03 -34.04
C LEU C 323 -24.21 21.13 -35.08
N GLU C 324 -23.57 22.28 -34.84
CA GLU C 324 -23.73 23.42 -35.75
C GLU C 324 -23.16 23.09 -37.12
N TYR C 325 -22.02 22.39 -37.16
CA TYR C 325 -21.40 22.05 -38.43
C TYR C 325 -22.24 21.01 -39.19
N ALA C 326 -22.96 20.15 -38.46
CA ALA C 326 -23.87 19.24 -39.11
C ALA C 326 -25.07 19.98 -39.71
N ALA C 327 -25.50 21.07 -39.06
CA ALA C 327 -26.61 21.86 -39.59
C ALA C 327 -26.27 22.52 -40.92
N VAL C 328 -25.07 23.10 -41.02
CA VAL C 328 -24.72 23.83 -42.24
C VAL C 328 -24.47 22.88 -43.40
N ASN C 329 -24.04 21.65 -43.10
CA ASN C 329 -23.70 20.72 -44.19
C ASN C 329 -24.95 20.22 -44.90
N PHE C 330 -25.98 19.87 -44.14
CA PHE C 330 -27.23 19.41 -44.74
C PHE C 330 -27.89 20.53 -45.54
N ILE C 331 -27.90 21.74 -44.99
CA ILE C 331 -28.48 22.88 -45.68
C ILE C 331 -27.75 23.17 -46.98
N ALA C 332 -26.41 23.10 -46.94
CA ALA C 332 -25.63 23.30 -48.17
C ALA C 332 -25.81 22.16 -49.16
N ARG C 333 -25.80 20.91 -48.67
CA ARG C 333 -25.81 19.76 -49.57
C ARG C 333 -27.07 19.70 -50.41
N GLN C 334 -28.22 20.03 -49.83
CA GLN C 334 -29.48 19.86 -50.54
C GLN C 334 -29.59 20.81 -51.72
N HIS C 335 -30.16 20.32 -52.81
CA HIS C 335 -30.42 21.11 -54.01
C HIS C 335 -31.57 20.50 -54.80
N PHE C 403 -30.93 31.15 -48.67
CA PHE C 403 -30.18 29.94 -49.00
C PHE C 403 -28.74 30.03 -48.50
N ILE C 404 -27.86 30.49 -49.39
CA ILE C 404 -26.45 30.68 -49.02
C ILE C 404 -26.32 31.74 -47.94
N SER C 405 -27.12 32.80 -48.03
CA SER C 405 -27.10 33.84 -46.99
C SER C 405 -27.56 33.27 -45.65
N ARG C 406 -28.61 32.45 -45.64
CA ARG C 406 -29.12 31.88 -44.41
C ARG C 406 -28.09 30.98 -43.73
N ALA C 407 -27.39 30.16 -44.53
CA ALA C 407 -26.42 29.21 -43.99
C ALA C 407 -25.29 29.92 -43.26
N LYS C 408 -24.81 31.04 -43.82
CA LYS C 408 -23.76 31.80 -43.16
C LYS C 408 -24.29 32.56 -41.96
N ARG C 409 -25.55 32.98 -42.00
CA ARG C 409 -26.11 33.83 -40.95
C ARG C 409 -26.06 33.16 -39.58
N ILE C 410 -26.33 31.85 -39.53
CA ILE C 410 -26.30 31.15 -38.24
C ILE C 410 -24.87 31.05 -37.75
N ASP C 411 -23.89 30.99 -38.67
CA ASP C 411 -22.50 30.85 -38.26
C ASP C 411 -21.98 32.14 -37.64
N THR C 412 -22.25 33.27 -38.28
CA THR C 412 -21.72 34.54 -37.78
C THR C 412 -22.41 34.98 -36.50
N VAL C 413 -23.72 34.69 -36.38
CA VAL C 413 -24.42 34.92 -35.12
C VAL C 413 -23.83 34.06 -34.01
N SER C 414 -23.46 32.82 -34.34
CA SER C 414 -22.89 31.91 -33.34
C SER C 414 -21.53 32.36 -32.86
N ARG C 415 -20.75 33.01 -33.74
CA ARG C 415 -19.44 33.52 -33.34
C ARG C 415 -19.54 34.47 -32.15
N VAL C 416 -20.54 35.35 -32.16
CA VAL C 416 -20.78 36.20 -31.00
C VAL C 416 -21.51 35.43 -29.91
N ALA C 417 -22.40 34.51 -30.28
CA ALA C 417 -23.29 33.90 -29.30
C ALA C 417 -22.57 32.94 -28.36
N PHE C 418 -21.73 32.06 -28.90
CA PHE C 418 -21.12 31.01 -28.06
C PHE C 418 -20.19 31.58 -26.99
N PRO C 419 -19.29 32.53 -27.27
CA PRO C 419 -18.58 33.16 -26.15
C PRO C 419 -19.49 33.86 -25.16
N LEU C 420 -20.54 34.53 -25.64
CA LEU C 420 -21.39 35.32 -24.76
C LEU C 420 -22.06 34.47 -23.68
N VAL C 421 -22.60 33.32 -24.07
CA VAL C 421 -23.33 32.48 -23.14
C VAL C 421 -22.41 31.94 -22.05
N PHE C 422 -21.18 31.56 -22.42
CA PHE C 422 -20.24 30.99 -21.45
C PHE C 422 -19.91 31.96 -20.33
N LEU C 423 -19.68 33.23 -20.67
CA LEU C 423 -19.44 34.23 -19.63
C LEU C 423 -20.66 34.42 -18.73
N ILE C 424 -21.86 34.32 -19.30
CA ILE C 424 -23.07 34.41 -18.49
C ILE C 424 -23.11 33.32 -17.43
N PHE C 425 -22.69 32.11 -17.80
CA PHE C 425 -22.72 30.99 -16.86
C PHE C 425 -21.78 31.22 -15.67
N ASN C 426 -20.63 31.84 -15.92
CA ASN C 426 -19.64 32.05 -14.87
C ASN C 426 -20.18 32.91 -13.73
N ILE C 427 -20.90 33.98 -14.04
CA ILE C 427 -21.32 34.93 -13.01
C ILE C 427 -22.31 34.29 -12.02
N PHE C 428 -23.00 33.23 -12.42
CA PHE C 428 -23.83 32.47 -11.48
C PHE C 428 -22.97 31.58 -10.58
N TYR C 429 -22.02 30.88 -11.19
CA TYR C 429 -21.22 29.87 -10.49
C TYR C 429 -20.37 30.50 -9.39
N TRP C 430 -19.71 31.61 -9.68
CA TRP C 430 -18.74 32.19 -8.77
C TRP C 430 -19.34 33.09 -7.69
N ILE C 431 -20.65 33.32 -7.68
CA ILE C 431 -21.27 34.07 -6.58
C ILE C 431 -21.90 33.15 -5.55
N THR C 432 -22.61 32.10 -5.97
CA THR C 432 -23.33 31.25 -5.03
C THR C 432 -22.37 30.51 -4.11
N TYR C 433 -21.33 29.89 -4.69
CA TYR C 433 -20.41 29.10 -3.86
C TYR C 433 -19.59 29.98 -2.94
N LYS C 434 -19.20 31.16 -3.41
CA LYS C 434 -18.32 32.05 -2.64
C LYS C 434 -19.09 33.04 -1.78
N ILE C 435 -20.41 32.92 -1.68
CA ILE C 435 -21.17 33.78 -0.77
C ILE C 435 -21.14 33.21 0.64
N PRO D 33 -13.96 0.22 54.66
CA PRO D 33 -12.74 -0.35 54.06
C PRO D 33 -13.03 -1.20 52.83
N PRO D 34 -13.17 -0.56 51.68
CA PRO D 34 -13.56 -1.30 50.47
C PRO D 34 -12.54 -2.34 50.03
N SER D 35 -11.26 -2.15 50.39
CA SER D 35 -10.20 -3.03 49.93
C SER D 35 -10.39 -4.46 50.40
N GLU D 36 -10.81 -4.65 51.65
CA GLU D 36 -10.96 -6.01 52.18
C GLU D 36 -12.11 -6.73 51.49
N PHE D 37 -13.16 -6.01 51.09
CA PHE D 37 -14.27 -6.64 50.40
C PHE D 37 -13.87 -7.10 49.01
N LEU D 38 -13.00 -6.33 48.34
CA LEU D 38 -12.60 -6.67 46.97
C LEU D 38 -11.90 -8.02 46.91
N ASP D 39 -11.04 -8.31 47.87
CA ASP D 39 -10.29 -9.57 47.86
C ASP D 39 -10.87 -10.65 48.76
N LYS D 40 -11.91 -10.34 49.56
CA LYS D 40 -12.58 -11.41 50.31
C LYS D 40 -13.17 -12.45 49.37
N LEU D 41 -13.84 -12.01 48.32
CA LEU D 41 -14.19 -12.87 47.20
C LEU D 41 -13.09 -12.82 46.16
N MET D 42 -12.84 -13.96 45.51
CA MET D 42 -11.77 -14.23 44.54
C MET D 42 -10.40 -14.30 45.19
N GLY D 43 -10.30 -14.14 46.51
CA GLY D 43 -9.04 -14.30 47.18
C GLY D 43 -8.68 -15.76 47.40
N LYS D 44 -7.44 -15.98 47.84
CA LYS D 44 -7.01 -17.32 48.21
C LYS D 44 -7.85 -17.88 49.34
N VAL D 45 -8.34 -17.02 50.23
CA VAL D 45 -9.27 -17.46 51.28
C VAL D 45 -10.59 -17.92 50.66
N SER D 46 -11.02 -17.25 49.59
CA SER D 46 -12.23 -17.69 48.90
C SER D 46 -11.98 -18.93 48.07
N GLY D 47 -10.77 -19.09 47.54
CA GLY D 47 -10.47 -20.22 46.67
C GLY D 47 -11.28 -20.23 45.40
N TYR D 48 -11.46 -19.07 44.78
CA TYR D 48 -12.21 -18.97 43.53
C TYR D 48 -11.27 -19.30 42.38
N ASP D 49 -11.33 -20.53 41.90
CA ASP D 49 -10.56 -20.92 40.74
C ASP D 49 -11.14 -20.27 39.49
N ALA D 50 -10.26 -19.88 38.57
CA ALA D 50 -10.69 -19.17 37.37
C ALA D 50 -10.61 -20.04 36.12
N ARG D 51 -10.17 -21.28 36.27
CA ARG D 51 -10.14 -22.24 35.16
C ARG D 51 -11.30 -23.22 35.22
N ILE D 52 -12.22 -23.07 36.16
CA ILE D 52 -13.33 -24.01 36.34
C ILE D 52 -14.64 -23.30 36.06
N ARG D 53 -15.34 -23.76 35.02
CA ARG D 53 -16.55 -23.08 34.57
C ARG D 53 -17.62 -23.13 35.65
N PRO D 54 -18.48 -22.11 35.71
CA PRO D 54 -19.60 -22.13 36.66
C PRO D 54 -20.52 -23.30 36.39
N ASN D 55 -21.12 -23.81 37.47
CA ASN D 55 -21.96 -25.02 37.45
C ASN D 55 -21.26 -26.17 36.73
N PHE D 56 -20.08 -26.52 37.24
CA PHE D 56 -19.27 -27.56 36.65
C PHE D 56 -19.95 -28.92 36.79
N LYS D 57 -19.87 -29.71 35.71
CA LYS D 57 -20.53 -31.02 35.59
C LYS D 57 -22.03 -30.91 35.85
N GLY D 58 -22.64 -29.85 35.31
CA GLY D 58 -24.04 -29.61 35.48
C GLY D 58 -24.67 -29.02 34.23
N PRO D 59 -25.63 -28.12 34.40
CA PRO D 59 -26.25 -27.49 33.25
C PRO D 59 -25.26 -26.61 32.52
N PRO D 60 -25.40 -26.47 31.19
CA PRO D 60 -24.50 -25.60 30.45
C PRO D 60 -24.74 -24.13 30.78
N VAL D 61 -23.71 -23.32 30.58
CA VAL D 61 -23.80 -21.90 30.91
C VAL D 61 -24.50 -21.18 29.77
N ASN D 62 -25.46 -20.31 30.11
CA ASN D 62 -26.23 -19.55 29.14
C ASN D 62 -25.76 -18.11 29.14
N VAL D 63 -25.35 -17.61 27.98
CA VAL D 63 -24.76 -16.29 27.84
C VAL D 63 -25.64 -15.46 26.92
N THR D 64 -25.97 -14.24 27.34
CA THR D 64 -26.74 -13.31 26.54
C THR D 64 -25.80 -12.25 25.97
N CYS D 65 -25.86 -12.05 24.66
CA CYS D 65 -24.89 -11.22 23.96
C CYS D 65 -25.57 -10.01 23.33
N ASN D 66 -24.91 -8.86 23.41
CA ASN D 66 -25.35 -7.64 22.76
C ASN D 66 -24.17 -7.04 22.01
N ILE D 67 -24.47 -6.39 20.88
CA ILE D 67 -23.47 -5.66 20.12
C ILE D 67 -23.98 -4.26 19.88
N PHE D 68 -23.07 -3.30 19.88
CA PHE D 68 -23.38 -1.90 19.63
C PHE D 68 -22.47 -1.43 18.50
N ILE D 69 -23.05 -1.11 17.36
CA ILE D 69 -22.27 -0.75 16.17
C ILE D 69 -21.82 0.70 16.34
N ASN D 70 -20.58 0.89 16.78
CA ASN D 70 -20.05 2.24 16.94
C ASN D 70 -19.82 2.92 15.61
N SER D 71 -19.27 2.21 14.63
CA SER D 71 -19.04 2.76 13.31
C SER D 71 -19.02 1.63 12.29
N PHE D 72 -19.38 1.97 11.05
CA PHE D 72 -19.42 1.01 9.96
C PHE D 72 -18.86 1.67 8.72
N GLY D 73 -18.30 0.87 7.82
CA GLY D 73 -17.76 1.39 6.59
C GLY D 73 -16.62 0.54 6.08
N SER D 74 -15.81 1.15 5.21
CA SER D 74 -14.62 0.53 4.61
C SER D 74 -14.99 -0.76 3.86
N ILE D 75 -16.02 -0.67 3.04
CA ILE D 75 -16.44 -1.81 2.21
C ILE D 75 -15.58 -1.84 0.96
N ALA D 76 -14.81 -2.90 0.81
CA ALA D 76 -13.93 -3.09 -0.35
C ALA D 76 -14.45 -4.26 -1.16
N GLU D 77 -14.80 -4.01 -2.42
CA GLU D 77 -15.32 -5.06 -3.27
C GLU D 77 -14.24 -5.99 -3.80
N THR D 78 -13.03 -5.48 -4.06
CA THR D 78 -11.99 -6.28 -4.69
C THR D 78 -11.53 -7.42 -3.78
N THR D 79 -11.34 -7.13 -2.50
CA THR D 79 -10.89 -8.13 -1.54
C THR D 79 -12.00 -8.64 -0.63
N MET D 80 -13.22 -8.13 -0.80
CA MET D 80 -14.44 -8.65 -0.16
C MET D 80 -14.36 -8.63 1.37
N ASP D 81 -14.26 -7.43 1.94
CA ASP D 81 -14.24 -7.28 3.38
C ASP D 81 -14.87 -5.94 3.77
N TYR D 82 -15.14 -5.80 5.06
CA TYR D 82 -15.64 -4.54 5.61
C TYR D 82 -15.16 -4.41 7.04
N ARG D 83 -14.95 -3.17 7.47
CA ARG D 83 -14.43 -2.87 8.80
C ARG D 83 -15.54 -2.30 9.67
N VAL D 84 -15.65 -2.83 10.89
CA VAL D 84 -16.68 -2.40 11.84
C VAL D 84 -16.02 -2.20 13.21
N ASN D 85 -16.59 -1.28 13.98
CA ASN D 85 -16.20 -1.06 15.37
C ASN D 85 -17.41 -1.33 16.24
N ILE D 86 -17.27 -2.28 17.17
CA ILE D 86 -18.41 -2.78 17.95
C ILE D 86 -18.09 -2.71 19.43
N PHE D 87 -19.13 -2.46 20.23
CA PHE D 87 -19.10 -2.65 21.68
C PHE D 87 -19.75 -4.00 21.95
N LEU D 88 -18.94 -5.00 22.25
CA LEU D 88 -19.46 -6.31 22.63
C LEU D 88 -19.69 -6.35 24.14
N ARG D 89 -20.79 -6.96 24.55
CA ARG D 89 -21.05 -7.15 25.97
C ARG D 89 -21.76 -8.48 26.18
N GLN D 90 -21.44 -9.12 27.30
CA GLN D 90 -21.93 -10.45 27.64
C GLN D 90 -22.46 -10.47 29.06
N GLN D 91 -23.43 -11.34 29.32
CA GLN D 91 -23.96 -11.51 30.66
C GLN D 91 -24.18 -12.98 30.96
N TRP D 92 -23.65 -13.43 32.10
CA TRP D 92 -23.77 -14.81 32.56
C TRP D 92 -23.91 -14.79 34.08
N ASN D 93 -24.26 -15.93 34.65
CA ASN D 93 -24.51 -16.05 36.08
C ASN D 93 -23.45 -16.91 36.73
N ASP D 94 -22.87 -16.42 37.82
CA ASP D 94 -21.90 -17.16 38.62
C ASP D 94 -22.37 -17.22 40.06
N PRO D 95 -22.82 -18.38 40.55
CA PRO D 95 -23.30 -18.47 41.94
C PRO D 95 -22.25 -18.19 43.00
N ARG D 96 -20.97 -18.42 42.69
CA ARG D 96 -19.92 -18.24 43.70
C ARG D 96 -19.70 -16.77 44.06
N LEU D 97 -20.05 -15.84 43.18
CA LEU D 97 -19.87 -14.41 43.46
C LEU D 97 -21.11 -13.80 44.11
N ALA D 98 -21.55 -14.38 45.22
CA ALA D 98 -22.74 -13.92 45.95
C ALA D 98 -22.32 -13.21 47.23
N TYR D 99 -22.55 -11.91 47.29
CA TYR D 99 -22.25 -11.08 48.45
C TYR D 99 -23.53 -10.40 48.94
N SER D 100 -23.61 -10.17 50.25
CA SER D 100 -24.82 -9.58 50.80
C SER D 100 -24.62 -8.50 51.86
N GLU D 101 -23.40 -8.18 52.27
CA GLU D 101 -23.26 -7.27 53.41
C GLU D 101 -23.51 -5.82 53.02
N TYR D 102 -23.11 -5.41 51.81
CA TYR D 102 -23.50 -4.06 51.40
C TYR D 102 -24.90 -4.07 50.81
N PRO D 103 -25.69 -3.03 51.05
CA PRO D 103 -27.03 -2.94 50.44
C PRO D 103 -27.07 -2.32 49.05
N ASP D 104 -25.93 -2.07 48.41
CA ASP D 104 -25.96 -1.46 47.09
C ASP D 104 -26.54 -2.41 46.06
N ASP D 105 -27.26 -1.85 45.09
CA ASP D 105 -27.85 -2.68 44.05
C ASP D 105 -26.79 -3.33 43.17
N SER D 106 -25.73 -2.60 42.85
CA SER D 106 -24.65 -3.09 42.00
C SER D 106 -23.31 -2.59 42.50
N LEU D 107 -22.25 -3.28 42.09
CA LEU D 107 -20.90 -2.95 42.52
C LEU D 107 -20.05 -2.69 41.28
N ASP D 108 -19.33 -1.57 41.27
CA ASP D 108 -18.51 -1.17 40.13
C ASP D 108 -17.07 -1.62 40.33
N LEU D 109 -16.81 -2.88 40.01
CA LEU D 109 -15.47 -3.41 40.15
C LEU D 109 -14.54 -2.78 39.11
N ASP D 110 -13.25 -2.73 39.43
CA ASP D 110 -12.28 -2.01 38.60
C ASP D 110 -11.89 -2.84 37.37
N PRO D 111 -11.69 -2.21 36.22
CA PRO D 111 -11.47 -2.97 34.99
C PRO D 111 -10.06 -3.54 34.83
N SER D 112 -9.25 -3.59 35.90
CA SER D 112 -7.86 -3.99 35.72
C SER D 112 -7.57 -5.46 35.94
N MET D 113 -8.33 -6.16 36.78
CA MET D 113 -7.95 -7.50 37.21
C MET D 113 -8.78 -8.59 36.53
N LEU D 114 -9.19 -8.33 35.28
CA LEU D 114 -9.99 -9.28 34.50
C LEU D 114 -9.31 -10.61 34.28
N ASP D 115 -7.99 -10.68 34.49
CA ASP D 115 -7.24 -11.90 34.26
C ASP D 115 -7.58 -13.04 35.22
N SER D 116 -8.32 -12.77 36.29
CA SER D 116 -8.54 -13.77 37.35
C SER D 116 -10.03 -14.02 37.57
N ILE D 117 -10.80 -13.99 36.48
CA ILE D 117 -12.21 -14.35 36.53
C ILE D 117 -12.51 -15.16 35.29
N TRP D 118 -13.62 -15.91 35.31
CA TRP D 118 -13.99 -16.76 34.19
C TRP D 118 -14.76 -15.94 33.15
N LYS D 119 -14.31 -16.01 31.89
CA LYS D 119 -14.97 -15.36 30.77
C LYS D 119 -15.05 -16.33 29.59
N PRO D 120 -16.11 -16.26 28.79
CA PRO D 120 -16.27 -17.22 27.70
C PRO D 120 -15.31 -16.94 26.55
N ASP D 121 -14.94 -18.01 25.84
CA ASP D 121 -14.01 -17.94 24.72
C ASP D 121 -14.72 -17.71 23.39
N LEU D 122 -15.34 -16.54 23.28
CA LEU D 122 -16.04 -16.16 22.05
C LEU D 122 -15.04 -15.79 20.96
N PHE D 123 -15.39 -16.09 19.72
CA PHE D 123 -14.58 -15.66 18.59
C PHE D 123 -15.45 -15.55 17.34
N PHE D 124 -14.93 -14.84 16.35
CA PHE D 124 -15.63 -14.61 15.08
C PHE D 124 -15.07 -15.54 14.02
N ALA D 125 -15.92 -16.38 13.44
CA ALA D 125 -15.44 -17.38 12.49
C ALA D 125 -15.11 -16.80 11.11
N ASN D 126 -15.89 -15.83 10.65
CA ASN D 126 -15.73 -15.29 9.30
C ASN D 126 -14.82 -14.07 9.24
N GLU D 127 -14.10 -13.75 10.31
CA GLU D 127 -13.27 -12.56 10.35
C GLU D 127 -12.00 -12.76 9.52
N LYS D 128 -11.27 -11.66 9.36
CA LYS D 128 -9.92 -11.68 8.80
C LYS D 128 -8.89 -10.99 9.68
N GLY D 129 -9.29 -10.10 10.59
CA GLY D 129 -8.36 -9.44 11.48
C GLY D 129 -9.06 -8.64 12.57
N ALA D 130 -8.58 -8.77 13.81
CA ALA D 130 -9.20 -8.07 14.93
C ALA D 130 -8.14 -7.68 15.94
N ASN D 131 -8.45 -6.66 16.72
CA ASN D 131 -7.51 -6.17 17.73
C ASN D 131 -8.27 -5.40 18.80
N PHE D 132 -7.68 -5.34 19.99
CA PHE D 132 -8.24 -4.57 21.08
C PHE D 132 -7.80 -3.11 20.98
N HIS D 133 -8.60 -2.24 21.59
CA HIS D 133 -8.32 -0.80 21.60
C HIS D 133 -7.66 -0.42 22.91
N GLU D 134 -6.36 -0.16 22.86
CA GLU D 134 -5.61 0.38 24.00
C GLU D 134 -5.15 1.78 23.64
N VAL D 135 -5.75 2.79 24.26
CA VAL D 135 -5.47 4.20 23.98
C VAL D 135 -4.99 4.94 25.22
N THR D 136 -5.72 4.83 26.32
CA THR D 136 -5.28 5.34 27.62
C THR D 136 -5.26 4.24 28.67
N THR D 137 -6.32 3.47 28.77
CA THR D 137 -6.40 2.31 29.65
C THR D 137 -7.06 1.20 28.86
N ASP D 138 -6.87 -0.03 29.32
CA ASP D 138 -7.50 -1.18 28.69
C ASP D 138 -9.01 -1.00 28.69
N ASN D 139 -9.60 -0.98 27.48
CA ASN D 139 -11.02 -0.67 27.29
C ASN D 139 -11.86 -1.87 27.71
N LYS D 140 -12.02 -2.02 29.03
CA LYS D 140 -12.83 -3.07 29.61
C LYS D 140 -13.77 -2.48 30.65
N LEU D 141 -14.89 -3.18 30.86
CA LEU D 141 -15.88 -2.80 31.86
C LEU D 141 -16.41 -4.05 32.53
N LEU D 142 -16.56 -4.01 33.85
CA LEU D 142 -17.18 -5.11 34.56
C LEU D 142 -18.02 -4.57 35.70
N ARG D 143 -19.17 -5.20 35.92
CA ARG D 143 -20.08 -4.84 36.98
C ARG D 143 -20.67 -6.10 37.58
N ILE D 144 -20.86 -6.10 38.90
CA ILE D 144 -21.34 -7.28 39.63
C ILE D 144 -22.61 -6.92 40.38
N SER D 145 -23.67 -7.69 40.15
CA SER D 145 -24.91 -7.52 40.87
C SER D 145 -24.88 -8.30 42.18
N LYS D 146 -25.90 -8.11 43.00
CA LYS D 146 -25.95 -8.74 44.31
C LYS D 146 -26.13 -10.26 44.19
N ASN D 147 -27.01 -10.70 43.31
CA ASN D 147 -27.30 -12.13 43.18
C ASN D 147 -26.20 -12.90 42.47
N GLY D 148 -25.22 -12.22 41.86
CA GLY D 148 -24.13 -12.89 41.19
C GLY D 148 -24.06 -12.67 39.69
N ASN D 149 -24.91 -11.85 39.11
CA ASN D 149 -24.84 -11.58 37.67
C ASN D 149 -23.56 -10.84 37.33
N VAL D 150 -22.97 -11.20 36.19
CA VAL D 150 -21.72 -10.61 35.72
C VAL D 150 -21.98 -9.95 34.38
N LEU D 151 -21.61 -8.68 34.27
CA LEU D 151 -21.70 -7.93 33.02
C LEU D 151 -20.29 -7.56 32.59
N TYR D 152 -19.98 -7.83 31.32
CA TYR D 152 -18.62 -7.71 30.82
C TYR D 152 -18.64 -7.14 29.42
N SER D 153 -18.06 -5.96 29.23
CA SER D 153 -18.11 -5.23 27.98
C SER D 153 -16.71 -4.92 27.48
N ILE D 154 -16.47 -5.15 26.18
CA ILE D 154 -15.20 -4.85 25.53
C ILE D 154 -15.47 -4.04 24.27
N ARG D 155 -14.43 -3.37 23.80
CA ARG D 155 -14.47 -2.65 22.52
C ARG D 155 -13.44 -3.24 21.59
N ILE D 156 -13.89 -3.69 20.42
CA ILE D 156 -13.02 -4.36 19.45
C ILE D 156 -13.37 -3.90 18.04
N THR D 157 -12.36 -3.83 17.19
CA THR D 157 -12.50 -3.50 15.78
C THR D 157 -12.33 -4.76 14.95
N LEU D 158 -13.29 -5.03 14.08
CA LEU D 158 -13.35 -6.27 13.32
C LEU D 158 -13.21 -6.01 11.83
N VAL D 159 -12.48 -6.88 11.14
CA VAL D 159 -12.49 -6.96 9.69
C VAL D 159 -13.11 -8.31 9.33
N LEU D 160 -14.21 -8.28 8.60
CA LEU D 160 -15.02 -9.47 8.35
C LEU D 160 -15.12 -9.74 6.85
N ALA D 161 -15.04 -11.01 6.48
CA ALA D 161 -15.10 -11.43 5.10
C ALA D 161 -16.52 -11.80 4.72
N CYS D 162 -17.02 -11.21 3.63
CA CYS D 162 -18.36 -11.49 3.14
C CYS D 162 -18.30 -11.79 1.64
N PRO D 163 -18.97 -12.84 1.18
CA PRO D 163 -19.04 -13.09 -0.27
C PRO D 163 -19.81 -12.00 -0.99
N MET D 164 -19.44 -11.78 -2.24
CA MET D 164 -20.04 -10.76 -3.08
C MET D 164 -20.75 -11.42 -4.25
N ASP D 165 -21.95 -10.94 -4.57
CA ASP D 165 -22.73 -11.41 -5.71
C ASP D 165 -22.89 -10.24 -6.68
N LEU D 166 -22.17 -10.29 -7.79
CA LEU D 166 -22.13 -9.21 -8.76
C LEU D 166 -22.77 -9.60 -10.08
N LYS D 167 -23.79 -10.45 -10.03
CA LYS D 167 -24.50 -10.84 -11.25
C LYS D 167 -25.18 -9.62 -11.88
N ASN D 168 -25.78 -8.77 -11.06
CA ASN D 168 -26.30 -7.48 -11.49
C ASN D 168 -25.49 -6.48 -10.69
N PHE D 169 -24.32 -6.10 -11.23
CA PHE D 169 -23.34 -5.34 -10.46
C PHE D 169 -23.85 -4.02 -9.91
N PRO D 170 -24.42 -3.10 -10.71
CA PRO D 170 -24.94 -1.88 -10.07
C PRO D 170 -26.14 -2.17 -9.20
N MET D 171 -27.19 -2.81 -9.72
CA MET D 171 -28.40 -3.03 -8.96
C MET D 171 -28.30 -4.37 -8.25
N ASP D 172 -27.70 -4.38 -7.07
CA ASP D 172 -27.51 -5.61 -6.33
C ASP D 172 -27.86 -5.39 -4.87
N VAL D 173 -28.22 -6.49 -4.20
CA VAL D 173 -28.49 -6.49 -2.77
C VAL D 173 -27.51 -7.48 -2.13
N GLN D 174 -26.72 -7.01 -1.18
CA GLN D 174 -25.71 -7.84 -0.53
C GLN D 174 -26.05 -8.01 0.94
N THR D 175 -26.03 -9.25 1.41
CA THR D 175 -26.23 -9.57 2.82
C THR D 175 -24.88 -9.90 3.44
N CYS D 176 -24.49 -9.13 4.44
CA CYS D 176 -23.24 -9.35 5.15
C CYS D 176 -23.54 -10.00 6.49
N ILE D 177 -22.81 -11.06 6.81
CA ILE D 177 -23.08 -11.86 7.99
C ILE D 177 -22.02 -11.58 9.04
N MET D 178 -22.34 -11.96 10.28
CA MET D 178 -21.45 -11.80 11.42
C MET D 178 -21.67 -12.98 12.33
N GLN D 179 -20.69 -13.87 12.44
CA GLN D 179 -20.84 -15.11 13.20
C GLN D 179 -20.04 -15.02 14.48
N LEU D 180 -20.68 -15.34 15.59
CA LEU D 180 -20.04 -15.42 16.90
C LEU D 180 -20.10 -16.87 17.36
N GLU D 181 -18.94 -17.45 17.62
CA GLU D 181 -18.84 -18.88 17.87
C GLU D 181 -17.92 -19.11 19.06
N SER D 182 -18.15 -20.21 19.78
CA SER D 182 -17.25 -20.65 20.83
C SER D 182 -16.26 -21.65 20.26
N PHE D 183 -14.98 -21.48 20.64
CA PHE D 183 -13.91 -22.26 20.03
C PHE D 183 -13.70 -23.59 20.75
N GLY D 184 -13.40 -23.54 22.04
CA GLY D 184 -13.01 -24.73 22.79
C GLY D 184 -14.05 -25.39 23.65
N TYR D 185 -15.28 -24.89 23.72
CA TYR D 185 -16.30 -25.42 24.60
C TYR D 185 -17.44 -26.02 23.78
N THR D 186 -17.71 -27.30 24.02
CA THR D 186 -18.82 -28.01 23.38
C THR D 186 -20.16 -27.46 23.90
N MET D 187 -21.22 -27.63 23.10
CA MET D 187 -22.53 -27.07 23.42
C MET D 187 -23.15 -27.63 24.70
N ASN D 188 -22.66 -28.76 25.20
CA ASN D 188 -23.15 -29.22 26.50
C ASN D 188 -22.60 -28.41 27.66
N ASP D 189 -21.66 -27.51 27.42
CA ASP D 189 -21.08 -26.65 28.44
C ASP D 189 -21.36 -25.18 28.24
N LEU D 190 -21.30 -24.69 27.00
CA LEU D 190 -21.55 -23.29 26.70
C LEU D 190 -22.56 -23.17 25.58
N ILE D 191 -23.60 -22.36 25.81
CA ILE D 191 -24.65 -22.11 24.82
C ILE D 191 -24.76 -20.60 24.64
N PHE D 192 -24.78 -20.15 23.39
CA PHE D 192 -24.89 -18.73 23.06
C PHE D 192 -26.32 -18.38 22.68
N GLU D 193 -26.86 -17.34 23.28
CA GLU D 193 -28.20 -16.87 22.98
C GLU D 193 -28.20 -15.36 22.85
N TRP D 194 -29.04 -14.84 21.95
CA TRP D 194 -29.19 -13.41 21.79
C TRP D 194 -30.00 -12.83 22.94
N ASP D 195 -29.90 -11.52 23.11
CA ASP D 195 -30.72 -10.83 24.10
C ASP D 195 -32.17 -10.79 23.64
N GLU D 196 -33.08 -10.71 24.61
CA GLU D 196 -34.50 -10.69 24.26
C GLU D 196 -34.95 -9.31 23.79
N LYS D 197 -34.29 -8.24 24.22
CA LYS D 197 -34.58 -6.90 23.69
C LYS D 197 -33.28 -6.20 23.35
N GLY D 198 -33.30 -5.46 22.24
CA GLY D 198 -32.15 -4.70 21.79
C GLY D 198 -30.93 -5.55 21.48
N ALA D 199 -31.13 -6.64 20.75
CA ALA D 199 -30.02 -7.56 20.48
C ALA D 199 -28.91 -6.90 19.68
N VAL D 200 -29.26 -6.13 18.66
CA VAL D 200 -28.29 -5.37 17.88
C VAL D 200 -28.70 -3.91 17.91
N GLN D 201 -27.81 -3.04 18.36
CA GLN D 201 -28.06 -1.61 18.44
C GLN D 201 -27.11 -0.88 17.50
N VAL D 202 -27.60 0.23 16.95
CA VAL D 202 -26.84 1.05 16.02
C VAL D 202 -26.69 2.43 16.62
N ALA D 203 -25.47 2.96 16.60
CA ALA D 203 -25.21 4.29 17.14
C ALA D 203 -25.95 5.34 16.31
N ASP D 204 -26.37 6.41 16.99
CA ASP D 204 -27.15 7.45 16.34
C ASP D 204 -26.29 8.23 15.35
N GLY D 205 -26.91 8.61 14.24
CA GLY D 205 -26.21 9.37 13.21
C GLY D 205 -25.13 8.60 12.50
N LEU D 206 -25.36 7.34 12.19
CA LEU D 206 -24.40 6.50 11.46
C LEU D 206 -24.86 6.35 10.01
N THR D 207 -23.98 6.66 9.08
CA THR D 207 -24.30 6.57 7.66
C THR D 207 -23.06 6.15 6.89
N LEU D 208 -23.27 5.70 5.66
CA LEU D 208 -22.19 5.27 4.81
C LEU D 208 -22.09 6.15 3.57
N PRO D 209 -20.89 6.30 3.00
CA PRO D 209 -20.76 7.11 1.77
C PRO D 209 -21.53 6.56 0.58
N GLN D 210 -21.49 5.25 0.38
CA GLN D 210 -22.10 4.62 -0.78
C GLN D 210 -23.35 3.82 -0.45
N PHE D 211 -23.29 2.98 0.57
CA PHE D 211 -24.39 2.07 0.88
C PHE D 211 -25.34 2.70 1.91
N ILE D 212 -26.46 2.02 2.13
CA ILE D 212 -27.35 2.31 3.23
C ILE D 212 -27.59 1.03 4.03
N LEU D 213 -27.81 1.18 5.33
CA LEU D 213 -28.06 0.06 6.23
C LEU D 213 -29.53 0.04 6.59
N LYS D 214 -30.23 -1.02 6.18
CA LYS D 214 -31.63 -1.15 6.50
C LYS D 214 -31.82 -1.43 7.99
N GLU D 215 -32.92 -0.93 8.55
CA GLU D 215 -33.16 -1.10 9.97
C GLU D 215 -33.51 -2.53 10.32
N GLU D 216 -34.04 -3.31 9.37
CA GLU D 216 -34.37 -4.70 9.64
C GLU D 216 -33.11 -5.54 9.65
N LYS D 217 -32.94 -6.34 10.69
CA LYS D 217 -31.78 -7.23 10.81
C LYS D 217 -32.26 -8.62 11.15
N ASP D 218 -31.64 -9.62 10.52
CA ASP D 218 -32.07 -11.01 10.62
C ASP D 218 -31.13 -11.74 11.58
N LEU D 219 -31.70 -12.34 12.63
CA LEU D 219 -30.96 -13.11 13.60
C LEU D 219 -31.34 -14.57 13.46
N ARG D 220 -30.34 -15.43 13.37
CA ARG D 220 -30.56 -16.86 13.20
C ARG D 220 -29.48 -17.63 13.95
N TYR D 221 -29.74 -18.91 14.15
CA TYR D 221 -28.82 -19.81 14.82
C TYR D 221 -28.24 -20.78 13.79
N CYS D 222 -26.92 -20.82 13.69
CA CYS D 222 -26.22 -21.71 12.75
C CYS D 222 -25.20 -22.53 13.52
N THR D 223 -25.65 -23.66 14.05
CA THR D 223 -24.77 -24.51 14.84
C THR D 223 -23.75 -25.20 13.94
N LYS D 224 -22.48 -25.13 14.33
CA LYS D 224 -21.40 -25.72 13.55
C LYS D 224 -21.12 -27.14 14.04
N HIS D 225 -20.85 -28.03 13.09
CA HIS D 225 -20.51 -29.42 13.38
C HIS D 225 -19.24 -29.77 12.64
N TYR D 226 -18.18 -30.08 13.38
CA TYR D 226 -16.93 -30.59 12.83
C TYR D 226 -16.75 -32.04 13.26
N ASN D 227 -15.64 -32.64 12.84
CA ASN D 227 -15.32 -33.98 13.28
C ASN D 227 -14.83 -34.01 14.73
N THR D 228 -14.44 -32.87 15.28
CA THR D 228 -14.04 -32.81 16.69
C THR D 228 -15.25 -32.83 17.62
N GLY D 229 -16.34 -32.18 17.22
CA GLY D 229 -17.52 -32.15 18.07
C GLY D 229 -18.56 -31.16 17.56
N LYS D 230 -19.38 -30.68 18.48
CA LYS D 230 -20.49 -29.79 18.19
C LYS D 230 -20.29 -28.49 18.96
N PHE D 231 -20.42 -27.36 18.26
CA PHE D 231 -20.14 -26.06 18.84
C PHE D 231 -21.26 -25.09 18.53
N THR D 232 -21.48 -24.13 19.42
CA THR D 232 -22.57 -23.19 19.30
C THR D 232 -22.15 -21.97 18.50
N CYS D 233 -23.13 -21.36 17.82
CA CYS D 233 -22.87 -20.18 17.02
C CYS D 233 -24.17 -19.43 16.76
N ILE D 234 -24.09 -18.11 16.76
CA ILE D 234 -25.23 -17.23 16.49
C ILE D 234 -24.85 -16.23 15.40
N GLU D 235 -25.78 -15.98 14.49
CA GLU D 235 -25.52 -15.20 13.28
C GLU D 235 -26.42 -13.98 13.23
N ALA D 236 -25.85 -12.84 12.87
CA ALA D 236 -26.59 -11.61 12.62
C ALA D 236 -26.26 -11.12 11.21
N ARG D 237 -27.30 -10.83 10.43
CA ARG D 237 -27.14 -10.49 9.02
C ARG D 237 -27.70 -9.10 8.74
N PHE D 238 -26.90 -8.28 8.09
CA PHE D 238 -27.32 -6.96 7.64
C PHE D 238 -27.57 -6.98 6.13
N HIS D 239 -28.45 -6.10 5.69
CA HIS D 239 -28.77 -5.95 4.27
C HIS D 239 -28.30 -4.59 3.78
N LEU D 240 -27.69 -4.56 2.60
CA LEU D 240 -27.12 -3.34 2.04
C LEU D 240 -27.62 -3.11 0.62
N GLU D 241 -27.75 -1.84 0.27
CA GLU D 241 -28.25 -1.42 -1.03
C GLU D 241 -27.22 -0.48 -1.66
N ARG D 242 -27.01 -0.60 -2.96
CA ARG D 242 -26.03 0.23 -3.65
C ARG D 242 -26.72 1.41 -4.30
N GLN D 243 -26.39 2.62 -3.84
CA GLN D 243 -26.92 3.85 -4.42
C GLN D 243 -26.27 4.17 -5.77
N MET D 244 -27.04 4.84 -6.63
CA MET D 244 -26.67 5.05 -8.02
C MET D 244 -26.16 6.45 -8.31
N GLY D 245 -26.02 7.32 -7.30
CA GLY D 245 -25.70 8.70 -7.57
C GLY D 245 -24.29 8.93 -8.06
N TYR D 246 -23.50 7.86 -8.11
CA TYR D 246 -22.14 7.91 -8.61
C TYR D 246 -21.97 7.22 -9.96
N TYR D 247 -22.48 5.98 -10.10
CA TYR D 247 -22.34 5.26 -11.35
C TYR D 247 -23.12 5.88 -12.51
N LEU D 248 -24.13 6.71 -12.20
CA LEU D 248 -24.85 7.39 -13.27
C LEU D 248 -23.95 8.42 -13.97
N ILE D 249 -23.32 9.29 -13.18
CA ILE D 249 -22.42 10.30 -13.74
C ILE D 249 -21.12 9.67 -14.24
N GLN D 250 -20.59 8.68 -13.52
CA GLN D 250 -19.30 8.12 -13.89
C GLN D 250 -19.38 7.29 -15.16
N MET D 251 -20.38 6.41 -15.26
CA MET D 251 -20.41 5.44 -16.36
C MET D 251 -21.61 5.59 -17.28
N TYR D 252 -22.84 5.60 -16.74
CA TYR D 252 -24.02 5.58 -17.59
C TYR D 252 -24.10 6.81 -18.50
N ILE D 253 -23.99 8.01 -17.91
CA ILE D 253 -24.17 9.24 -18.70
C ILE D 253 -23.12 9.42 -19.79
N PRO D 254 -21.79 9.25 -19.53
CA PRO D 254 -20.83 9.41 -20.63
C PRO D 254 -21.02 8.44 -21.78
N SER D 255 -21.01 7.12 -21.49
CA SER D 255 -21.08 6.15 -22.57
C SER D 255 -22.42 6.18 -23.29
N LEU D 256 -23.49 6.61 -22.63
CA LEU D 256 -24.75 6.82 -23.36
C LEU D 256 -24.61 7.92 -24.40
N LEU D 257 -23.96 9.02 -24.03
CA LEU D 257 -23.87 10.19 -24.89
C LEU D 257 -23.14 9.88 -26.20
N ILE D 258 -22.06 9.09 -26.15
CA ILE D 258 -21.24 8.82 -27.32
C ILE D 258 -22.06 8.17 -28.44
N VAL D 259 -23.09 7.39 -28.07
CA VAL D 259 -23.98 6.78 -29.06
C VAL D 259 -24.73 7.85 -29.87
N ILE D 260 -25.09 8.97 -29.23
CA ILE D 260 -25.64 10.10 -29.97
C ILE D 260 -24.62 10.65 -30.96
N LEU D 261 -23.35 10.73 -30.56
CA LEU D 261 -22.34 11.33 -31.44
C LEU D 261 -22.03 10.43 -32.62
N SER D 262 -22.28 9.13 -32.49
CA SER D 262 -22.09 8.24 -33.63
C SER D 262 -23.12 8.51 -34.71
N TRP D 263 -24.33 8.91 -34.31
CA TRP D 263 -25.41 9.10 -35.26
C TRP D 263 -25.25 10.31 -36.16
N VAL D 264 -24.49 11.33 -35.74
CA VAL D 264 -24.40 12.57 -36.52
C VAL D 264 -23.77 12.31 -37.89
N SER D 265 -23.07 11.19 -38.06
CA SER D 265 -22.36 10.92 -39.30
C SER D 265 -23.32 10.78 -40.47
N PHE D 266 -24.58 10.45 -40.19
CA PHE D 266 -25.53 10.15 -41.26
C PHE D 266 -25.99 11.41 -41.99
N TRP D 267 -25.78 12.59 -41.38
CA TRP D 267 -26.11 13.85 -42.03
C TRP D 267 -25.01 14.32 -42.97
N ILE D 268 -23.78 13.81 -42.79
CA ILE D 268 -22.65 14.27 -43.57
C ILE D 268 -22.78 13.79 -45.01
N ASN D 269 -22.23 14.56 -45.95
CA ASN D 269 -22.25 14.21 -47.36
C ASN D 269 -21.52 12.89 -47.60
N MET D 270 -22.06 12.09 -48.53
CA MET D 270 -21.58 10.74 -48.78
C MET D 270 -20.12 10.68 -49.26
N ASP D 271 -19.58 11.77 -49.79
CA ASP D 271 -18.25 11.75 -50.39
C ASP D 271 -17.15 12.11 -49.40
N ALA D 272 -17.51 12.46 -48.16
CA ALA D 272 -16.54 12.91 -47.16
C ALA D 272 -15.87 11.70 -46.52
N ALA D 273 -15.13 10.96 -47.37
CA ALA D 273 -14.53 9.69 -46.95
C ALA D 273 -13.56 9.80 -45.78
N PRO D 274 -12.62 10.76 -45.74
CA PRO D 274 -11.88 10.94 -44.47
C PRO D 274 -12.80 11.25 -43.30
N ALA D 275 -13.81 12.11 -43.51
CA ALA D 275 -14.67 12.53 -42.42
C ALA D 275 -15.50 11.38 -41.87
N ARG D 276 -16.21 10.68 -42.75
CA ARG D 276 -17.12 9.62 -42.32
C ARG D 276 -16.37 8.46 -41.66
N VAL D 277 -15.27 8.02 -42.29
CA VAL D 277 -14.45 6.98 -41.68
C VAL D 277 -13.86 7.47 -40.37
N GLY D 278 -13.47 8.75 -40.32
CA GLY D 278 -12.78 9.26 -39.13
C GLY D 278 -13.65 9.23 -37.90
N LEU D 279 -14.88 9.73 -38.02
CA LEU D 279 -15.82 9.75 -36.92
C LEU D 279 -16.22 8.35 -36.46
N GLY D 280 -16.45 7.45 -37.42
CA GLY D 280 -16.91 6.12 -37.08
C GLY D 280 -15.94 5.34 -36.20
N ILE D 281 -14.66 5.34 -36.57
CA ILE D 281 -13.69 4.48 -35.88
C ILE D 281 -13.45 4.98 -34.46
N THR D 282 -13.30 6.29 -34.28
CA THR D 282 -12.90 6.83 -32.98
C THR D 282 -13.93 6.51 -31.91
N THR D 283 -15.21 6.72 -32.21
CA THR D 283 -16.27 6.48 -31.23
C THR D 283 -16.30 5.01 -30.82
N VAL D 284 -15.95 4.12 -31.74
CA VAL D 284 -15.81 2.70 -31.38
C VAL D 284 -14.64 2.52 -30.43
N LEU D 285 -13.48 3.06 -30.78
CA LEU D 285 -12.26 2.81 -30.02
C LEU D 285 -12.27 3.47 -28.66
N THR D 286 -12.80 4.69 -28.58
CA THR D 286 -12.76 5.47 -27.35
C THR D 286 -13.51 4.80 -26.21
N MET D 287 -14.59 4.09 -26.49
CA MET D 287 -15.33 3.43 -25.43
C MET D 287 -15.03 1.93 -25.34
N THR D 288 -14.12 1.41 -26.15
CA THR D 288 -13.40 0.20 -25.75
C THR D 288 -12.52 0.48 -24.54
N THR D 289 -11.85 1.64 -24.53
CA THR D 289 -11.08 2.04 -23.36
C THR D 289 -11.99 2.27 -22.16
N GLN D 290 -13.14 2.89 -22.38
CA GLN D 290 -14.08 3.12 -21.28
C GLN D 290 -14.67 1.81 -20.77
N SER D 291 -14.92 0.86 -21.68
CA SER D 291 -15.39 -0.46 -21.25
C SER D 291 -14.34 -1.17 -20.39
N SER D 292 -13.08 -1.12 -20.83
CA SER D 292 -12.00 -1.63 -19.99
C SER D 292 -11.87 -0.82 -18.70
N GLY D 293 -12.03 0.50 -18.80
CA GLY D 293 -11.97 1.33 -17.62
C GLY D 293 -13.05 1.01 -16.62
N SER D 294 -14.24 0.63 -17.12
CA SER D 294 -15.39 0.37 -16.25
C SER D 294 -15.09 -0.76 -15.26
N ARG D 295 -14.40 -1.79 -15.72
CA ARG D 295 -14.15 -2.99 -14.94
C ARG D 295 -12.91 -2.89 -14.07
N ALA D 296 -12.20 -1.76 -14.10
CA ALA D 296 -10.93 -1.65 -13.40
C ALA D 296 -11.09 -1.77 -11.89
N SER D 297 -12.14 -1.17 -11.32
CA SER D 297 -12.28 -1.11 -9.87
C SER D 297 -13.12 -2.25 -9.29
N LEU D 298 -13.47 -3.25 -10.10
CA LEU D 298 -14.32 -4.34 -9.69
C LEU D 298 -13.59 -5.67 -9.79
N PRO D 299 -13.97 -6.66 -8.96
CA PRO D 299 -13.31 -7.98 -8.99
C PRO D 299 -13.27 -8.62 -10.37
N LYS D 300 -12.30 -9.50 -10.58
CA LYS D 300 -12.10 -10.15 -11.88
C LYS D 300 -12.76 -11.53 -11.82
N VAL D 301 -14.02 -11.56 -12.27
CA VAL D 301 -14.92 -12.71 -12.29
C VAL D 301 -15.27 -13.02 -13.74
N SER D 302 -15.61 -14.27 -14.00
CA SER D 302 -15.82 -14.71 -15.38
C SER D 302 -17.27 -14.50 -15.82
N TYR D 303 -18.22 -14.56 -14.89
CA TYR D 303 -19.61 -14.53 -15.26
C TYR D 303 -20.04 -13.13 -15.70
N VAL D 304 -20.92 -13.08 -16.69
CA VAL D 304 -21.36 -11.81 -17.27
C VAL D 304 -22.16 -11.03 -16.22
N LYS D 305 -22.06 -9.71 -16.29
CA LYS D 305 -22.65 -8.84 -15.29
C LYS D 305 -23.54 -7.80 -15.96
N ALA D 306 -24.20 -6.98 -15.14
CA ALA D 306 -25.19 -6.04 -15.66
C ALA D 306 -24.54 -4.87 -16.38
N ILE D 307 -23.41 -4.37 -15.85
CA ILE D 307 -22.76 -3.24 -16.50
C ILE D 307 -22.14 -3.66 -17.83
N ASP D 308 -21.79 -4.95 -17.95
CA ASP D 308 -21.13 -5.41 -19.16
C ASP D 308 -22.11 -5.49 -20.33
N ILE D 309 -23.30 -6.05 -20.09
CA ILE D 309 -24.27 -6.28 -21.15
C ILE D 309 -24.71 -4.97 -21.79
N TRP D 310 -24.54 -3.84 -21.10
CA TRP D 310 -24.91 -2.55 -21.67
C TRP D 310 -23.83 -2.05 -22.63
N MET D 311 -22.56 -2.26 -22.27
CA MET D 311 -21.47 -1.74 -23.08
C MET D 311 -21.40 -2.45 -24.43
N ALA D 312 -21.50 -3.78 -24.40
CA ALA D 312 -21.33 -4.58 -25.60
C ALA D 312 -22.39 -4.24 -26.65
N VAL D 313 -23.66 -4.13 -26.23
CA VAL D 313 -24.72 -3.87 -27.19
C VAL D 313 -24.58 -2.46 -27.75
N CYS D 314 -24.07 -1.52 -26.95
CA CYS D 314 -23.76 -0.19 -27.48
C CYS D 314 -22.64 -0.28 -28.49
N LEU D 315 -21.64 -1.12 -28.21
CA LEU D 315 -20.52 -1.30 -29.12
C LEU D 315 -20.97 -1.89 -30.44
N LEU D 316 -21.92 -2.83 -30.39
CA LEU D 316 -22.49 -3.39 -31.61
C LEU D 316 -23.23 -2.33 -32.41
N PHE D 317 -23.86 -1.37 -31.72
CA PHE D 317 -24.64 -0.34 -32.41
C PHE D 317 -23.74 0.55 -33.25
N VAL D 318 -22.67 1.08 -32.65
CA VAL D 318 -21.82 2.02 -33.36
C VAL D 318 -20.97 1.29 -34.39
N PHE D 319 -20.58 0.05 -34.09
CA PHE D 319 -19.79 -0.73 -35.05
C PHE D 319 -20.60 -1.06 -36.28
N SER D 320 -21.90 -1.31 -36.13
CA SER D 320 -22.74 -1.61 -37.28
C SER D 320 -22.88 -0.40 -38.20
N ALA D 321 -22.96 0.80 -37.63
CA ALA D 321 -23.18 2.00 -38.42
C ALA D 321 -22.03 2.24 -39.39
N LEU D 322 -20.79 2.03 -38.94
CA LEU D 322 -19.63 2.19 -39.82
C LEU D 322 -19.67 1.24 -41.01
N LEU D 323 -20.15 0.00 -40.80
CA LEU D 323 -20.32 -0.92 -41.92
C LEU D 323 -21.39 -0.51 -42.90
N GLU D 324 -22.26 0.42 -42.52
CA GLU D 324 -23.26 0.90 -43.48
C GLU D 324 -22.61 1.77 -44.56
N TYR D 325 -21.70 2.67 -44.17
CA TYR D 325 -21.08 3.58 -45.12
C TYR D 325 -20.24 2.83 -46.15
N ALA D 326 -19.57 1.75 -45.73
CA ALA D 326 -18.94 0.85 -46.68
C ALA D 326 -19.96 0.21 -47.61
N ALA D 327 -21.09 -0.23 -47.07
CA ALA D 327 -22.16 -0.76 -47.91
C ALA D 327 -22.80 0.33 -48.77
N VAL D 328 -22.76 1.58 -48.32
CA VAL D 328 -23.28 2.67 -49.14
C VAL D 328 -22.35 2.94 -50.32
N ASN D 329 -21.05 3.04 -50.05
CA ASN D 329 -20.09 3.39 -51.10
C ASN D 329 -20.07 2.37 -52.23
N PHE D 330 -19.89 1.10 -51.88
CA PHE D 330 -19.68 0.06 -52.88
C PHE D 330 -20.87 -0.05 -53.83
N ILE D 331 -22.10 0.01 -53.30
CA ILE D 331 -23.27 -0.14 -54.15
C ILE D 331 -23.52 1.12 -54.96
N ALA D 332 -23.00 2.26 -54.51
CA ALA D 332 -23.32 3.52 -55.17
C ALA D 332 -22.32 3.83 -56.28
N ARG D 333 -21.02 3.75 -55.97
CA ARG D 333 -20.01 4.18 -56.92
C ARG D 333 -19.80 3.17 -58.05
N GLN D 334 -20.24 1.92 -57.86
CA GLN D 334 -20.20 0.96 -58.96
C GLN D 334 -21.03 1.46 -60.14
N HIS D 335 -20.42 1.47 -61.32
CA HIS D 335 -21.01 1.98 -62.55
C HIS D 335 -20.11 1.67 -63.74
N LEU D 402 -29.94 7.34 -61.08
CA LEU D 402 -30.08 5.91 -61.30
C LEU D 402 -29.80 5.13 -60.03
N PHE D 403 -28.53 4.75 -59.85
CA PHE D 403 -28.14 3.95 -58.68
C PHE D 403 -28.18 4.77 -57.40
N ILE D 404 -28.06 6.09 -57.51
CA ILE D 404 -28.04 6.99 -56.35
C ILE D 404 -29.31 6.83 -55.52
N SER D 405 -30.44 6.51 -56.16
CA SER D 405 -31.69 6.34 -55.43
C SER D 405 -31.58 5.23 -54.40
N ARG D 406 -30.93 4.11 -54.75
CA ARG D 406 -30.64 3.07 -53.77
C ARG D 406 -29.74 3.60 -52.66
N ALA D 407 -28.70 4.37 -53.03
CA ALA D 407 -27.77 4.89 -52.04
C ALA D 407 -28.46 5.83 -51.07
N LYS D 408 -29.33 6.72 -51.58
CA LYS D 408 -30.11 7.58 -50.71
C LYS D 408 -31.08 6.77 -49.86
N ARG D 409 -31.64 5.69 -50.42
CA ARG D 409 -32.61 4.86 -49.70
C ARG D 409 -31.98 4.26 -48.44
N ILE D 410 -30.77 3.73 -48.56
CA ILE D 410 -30.12 3.09 -47.42
C ILE D 410 -29.86 4.11 -46.32
N ASP D 411 -29.49 5.33 -46.71
CA ASP D 411 -29.16 6.34 -45.72
C ASP D 411 -30.41 6.88 -45.02
N THR D 412 -31.46 7.21 -45.79
CA THR D 412 -32.62 7.87 -45.18
C THR D 412 -33.40 6.95 -44.26
N VAL D 413 -33.45 5.64 -44.54
CA VAL D 413 -34.13 4.75 -43.63
C VAL D 413 -33.34 4.58 -42.34
N SER D 414 -32.01 4.70 -42.40
CA SER D 414 -31.20 4.59 -41.21
C SER D 414 -31.42 5.74 -40.24
N ARG D 415 -31.71 6.94 -40.76
CA ARG D 415 -31.85 8.12 -39.90
C ARG D 415 -32.96 7.97 -38.87
N VAL D 416 -33.99 7.19 -39.19
CA VAL D 416 -35.08 6.92 -38.26
C VAL D 416 -34.92 5.57 -37.57
N ALA D 417 -34.38 4.56 -38.26
CA ALA D 417 -34.28 3.23 -37.68
C ALA D 417 -33.24 3.18 -36.56
N PHE D 418 -32.07 3.78 -36.77
CA PHE D 418 -30.99 3.67 -35.81
C PHE D 418 -31.29 4.27 -34.43
N PRO D 419 -31.83 5.49 -34.29
CA PRO D 419 -32.14 5.95 -32.93
C PRO D 419 -33.36 5.28 -32.33
N LEU D 420 -34.33 4.87 -33.15
CA LEU D 420 -35.54 4.24 -32.62
C LEU D 420 -35.22 2.93 -31.91
N VAL D 421 -34.38 2.09 -32.52
CA VAL D 421 -34.10 0.77 -31.97
C VAL D 421 -33.32 0.83 -30.66
N PHE D 422 -32.78 1.99 -30.30
CA PHE D 422 -32.12 2.10 -29.00
C PHE D 422 -33.15 2.10 -27.88
N LEU D 423 -34.27 2.81 -28.07
CA LEU D 423 -35.26 2.94 -27.00
C LEU D 423 -35.96 1.63 -26.69
N ILE D 424 -36.22 0.81 -27.71
CA ILE D 424 -36.86 -0.49 -27.46
C ILE D 424 -35.93 -1.39 -26.65
N PHE D 425 -34.62 -1.32 -26.90
CA PHE D 425 -33.68 -1.97 -26.00
C PHE D 425 -33.69 -1.32 -24.62
N ASN D 426 -33.71 0.02 -24.59
CA ASN D 426 -33.57 0.76 -23.34
C ASN D 426 -34.73 0.47 -22.39
N ILE D 427 -35.93 0.30 -22.92
CA ILE D 427 -37.07 -0.05 -22.08
C ILE D 427 -36.88 -1.42 -21.44
N PHE D 428 -36.45 -2.40 -22.25
CA PHE D 428 -36.33 -3.77 -21.78
C PHE D 428 -35.30 -3.89 -20.66
N TYR D 429 -34.13 -3.27 -20.85
CA TYR D 429 -33.06 -3.41 -19.88
C TYR D 429 -33.42 -2.72 -18.56
N TRP D 430 -33.93 -1.49 -18.62
CA TRP D 430 -34.18 -0.73 -17.40
C TRP D 430 -35.28 -1.36 -16.55
N ILE D 431 -36.35 -1.84 -17.16
CA ILE D 431 -37.46 -2.34 -16.35
C ILE D 431 -37.11 -3.66 -15.68
N THR D 432 -36.31 -4.50 -16.33
CA THR D 432 -36.06 -5.84 -15.80
C THR D 432 -35.24 -5.78 -14.52
N TYR D 433 -34.17 -4.98 -14.53
CA TYR D 433 -33.29 -4.88 -13.37
C TYR D 433 -33.97 -4.18 -12.20
N LYS D 434 -34.80 -3.18 -12.47
CA LYS D 434 -35.42 -2.39 -11.41
C LYS D 434 -36.72 -3.00 -10.88
N ILE D 435 -37.18 -4.11 -11.43
CA ILE D 435 -38.33 -4.81 -10.84
C ILE D 435 -37.90 -6.22 -10.41
N ALA E 134 14.75 -38.75 36.20
CA ALA E 134 15.74 -38.15 37.08
C ALA E 134 16.82 -37.43 36.27
N ASN E 135 16.69 -37.48 34.95
CA ASN E 135 17.73 -37.00 34.04
C ASN E 135 17.26 -35.74 33.31
N SER E 136 16.57 -34.88 34.05
CA SER E 136 16.32 -33.49 33.66
C SER E 136 16.99 -32.52 34.60
N THR E 137 16.80 -32.69 35.92
CA THR E 137 17.44 -31.83 36.90
C THR E 137 18.95 -32.01 36.91
N SER E 138 19.43 -33.17 36.45
CA SER E 138 20.85 -33.48 36.55
C SER E 138 21.66 -32.62 35.57
N ASN E 139 21.15 -32.44 34.35
CA ASN E 139 21.84 -31.59 33.39
C ASN E 139 21.50 -30.12 33.54
N ILE E 140 20.34 -29.76 34.09
CA ILE E 140 20.07 -28.35 34.38
C ILE E 140 20.96 -27.83 35.49
N LEU E 141 21.59 -28.73 36.26
CA LEU E 141 22.58 -28.32 37.26
C LEU E 141 23.66 -27.45 36.64
N ASN E 142 24.07 -27.77 35.41
CA ASN E 142 25.17 -27.08 34.74
C ASN E 142 24.87 -25.60 34.54
N LYS E 143 23.64 -25.26 34.18
CA LYS E 143 23.30 -23.89 33.79
C LYS E 143 22.93 -23.02 34.97
N LEU E 144 22.06 -23.48 35.88
CA LEU E 144 21.52 -22.60 36.91
C LEU E 144 22.16 -22.81 38.28
N LEU E 145 22.18 -24.04 38.79
CA LEU E 145 22.59 -24.24 40.19
C LEU E 145 24.06 -23.92 40.38
N ILE E 146 24.91 -24.30 39.43
CA ILE E 146 26.21 -23.65 39.32
C ILE E 146 26.01 -22.32 38.61
N THR E 147 26.56 -21.25 39.20
CA THR E 147 26.23 -19.90 38.76
C THR E 147 26.85 -19.56 37.43
N TYR E 148 26.31 -20.12 36.35
CA TYR E 148 26.75 -19.75 35.01
C TYR E 148 26.14 -18.38 34.73
N ASP E 149 26.95 -17.34 34.82
CA ASP E 149 26.49 -15.96 34.67
C ASP E 149 26.37 -15.59 33.19
N PRO E 150 25.16 -15.53 32.62
CA PRO E 150 25.03 -15.30 31.18
C PRO E 150 25.39 -13.89 30.74
N ARG E 151 25.79 -13.01 31.66
CA ARG E 151 26.28 -11.69 31.33
C ARG E 151 27.80 -11.62 31.24
N ILE E 152 28.46 -12.77 31.22
CA ILE E 152 29.92 -12.84 31.19
C ILE E 152 30.34 -13.66 29.99
N ARG E 153 31.28 -13.13 29.22
CA ARG E 153 31.73 -13.80 28.01
C ARG E 153 32.45 -15.11 28.32
N PRO E 154 32.36 -16.09 27.44
CA PRO E 154 33.25 -17.25 27.53
C PRO E 154 34.69 -16.81 27.33
N ASN E 155 35.59 -17.49 28.05
CA ASN E 155 37.03 -17.18 28.02
C ASN E 155 37.29 -15.73 28.39
N PHE E 156 36.72 -15.30 29.52
CA PHE E 156 36.83 -13.92 29.95
C PHE E 156 38.26 -13.58 30.35
N LYS E 157 38.62 -12.32 30.15
CA LYS E 157 39.97 -11.81 30.37
C LYS E 157 41.01 -12.64 29.61
N GLY E 158 40.81 -12.75 28.31
CA GLY E 158 41.64 -13.60 27.49
C GLY E 158 41.46 -13.41 26.01
N ILE E 159 41.63 -14.50 25.25
CA ILE E 159 41.58 -14.47 23.79
C ILE E 159 40.16 -14.15 23.32
N PRO E 160 39.99 -13.55 22.15
CA PRO E 160 38.64 -13.31 21.62
C PRO E 160 37.99 -14.60 21.17
N VAL E 161 36.65 -14.55 21.10
CA VAL E 161 35.86 -15.70 20.70
C VAL E 161 35.69 -15.70 19.19
N GLU E 162 35.89 -16.86 18.56
CA GLU E 162 35.84 -16.99 17.11
C GLU E 162 34.54 -17.67 16.72
N ASP E 163 33.76 -17.01 15.86
CA ASP E 163 32.44 -17.48 15.44
C ASP E 163 32.49 -17.96 14.00
N ARG E 164 32.15 -19.22 13.78
CA ARG E 164 32.03 -19.79 12.44
C ARG E 164 30.58 -19.68 12.00
N VAL E 165 30.36 -19.12 10.80
CA VAL E 165 29.05 -18.72 10.34
C VAL E 165 28.82 -19.33 8.96
N ASN E 166 27.61 -19.85 8.75
CA ASN E 166 27.12 -20.21 7.42
C ASN E 166 25.64 -19.91 7.33
N ILE E 167 25.17 -19.65 6.12
CA ILE E 167 23.79 -19.24 5.90
C ILE E 167 23.16 -20.12 4.82
N PHE E 168 21.87 -20.42 4.98
CA PHE E 168 21.10 -21.20 4.03
C PHE E 168 19.96 -20.32 3.52
N ILE E 169 19.78 -20.25 2.21
CA ILE E 169 18.85 -19.31 1.61
C ILE E 169 17.64 -20.09 1.07
N ASN E 170 16.55 -20.07 1.85
CA ASN E 170 15.33 -20.77 1.44
C ASN E 170 14.66 -20.09 0.26
N SER E 171 14.52 -18.77 0.32
CA SER E 171 13.70 -18.03 -0.63
C SER E 171 14.40 -16.74 -1.00
N PHE E 172 14.69 -16.59 -2.29
CA PHE E 172 15.25 -15.36 -2.84
C PHE E 172 14.24 -14.79 -3.84
N GLY E 173 13.89 -13.53 -3.65
CA GLY E 173 12.93 -12.92 -4.55
C GLY E 173 12.69 -11.47 -4.18
N SER E 174 11.78 -10.85 -4.93
CA SER E 174 11.28 -9.52 -4.66
C SER E 174 12.40 -8.48 -4.66
N ILE E 175 13.06 -8.35 -5.81
CA ILE E 175 14.11 -7.35 -5.98
C ILE E 175 13.44 -6.12 -6.61
N GLN E 176 13.20 -5.10 -5.79
CA GLN E 176 12.47 -3.92 -6.24
C GLN E 176 13.45 -2.78 -6.50
N GLU E 177 13.45 -2.30 -7.75
CA GLU E 177 14.32 -1.18 -8.11
C GLU E 177 13.87 0.11 -7.45
N THR E 178 12.56 0.31 -7.32
CA THR E 178 12.02 1.58 -6.83
C THR E 178 12.49 1.93 -5.43
N THR E 179 12.47 0.96 -4.51
CA THR E 179 12.82 1.25 -3.12
C THR E 179 14.22 0.72 -2.79
N MET E 180 14.92 0.15 -3.78
CA MET E 180 16.36 -0.19 -3.66
C MET E 180 16.60 -1.25 -2.59
N ASP E 181 15.81 -2.31 -2.62
CA ASP E 181 15.99 -3.38 -1.64
C ASP E 181 15.49 -4.71 -2.22
N TYR E 182 15.93 -5.78 -1.57
CA TYR E 182 15.48 -7.14 -1.86
C TYR E 182 15.09 -7.81 -0.55
N ARG E 183 14.48 -8.99 -0.66
CA ARG E 183 14.08 -9.79 0.50
C ARG E 183 14.55 -11.22 0.35
N VAL E 184 15.10 -11.78 1.44
CA VAL E 184 15.59 -13.15 1.46
C VAL E 184 15.27 -13.78 2.81
N ASN E 185 15.05 -15.10 2.80
CA ASN E 185 14.80 -15.89 4.00
C ASN E 185 16.03 -16.75 4.27
N ILE E 186 16.54 -16.70 5.51
CA ILE E 186 17.85 -17.26 5.82
C ILE E 186 17.78 -18.11 7.08
N PHE E 187 18.76 -19.01 7.20
CA PHE E 187 18.99 -19.87 8.37
C PHE E 187 20.38 -19.54 8.90
N LEU E 188 20.48 -18.51 9.73
CA LEU E 188 21.76 -18.16 10.32
C LEU E 188 22.20 -19.23 11.31
N ARG E 189 23.46 -19.67 11.20
CA ARG E 189 24.01 -20.68 12.10
C ARG E 189 25.33 -20.20 12.69
N GLN E 190 25.26 -19.63 13.89
CA GLN E 190 26.45 -19.24 14.63
C GLN E 190 27.04 -20.43 15.37
N ARG E 191 28.35 -20.43 15.54
CA ARG E 191 29.02 -21.50 16.27
C ARG E 191 30.21 -20.96 17.03
N TRP E 192 30.30 -21.27 18.32
CA TRP E 192 31.40 -20.79 19.15
C TRP E 192 31.81 -21.94 20.07
N ASN E 193 32.57 -21.62 21.12
CA ASN E 193 33.06 -22.63 22.04
C ASN E 193 33.08 -22.04 23.44
N ASP E 194 32.25 -22.61 24.32
CA ASP E 194 32.11 -22.08 25.68
C ASP E 194 32.80 -23.02 26.65
N PRO E 195 33.79 -22.56 27.40
CA PRO E 195 34.53 -23.48 28.29
C PRO E 195 33.72 -23.97 29.48
N ARG E 196 32.68 -23.25 29.88
CA ARG E 196 31.97 -23.62 31.11
C ARG E 196 31.05 -24.82 30.88
N LEU E 197 30.46 -24.93 29.68
CA LEU E 197 29.42 -25.92 29.44
C LEU E 197 30.00 -27.08 28.63
N ARG E 198 30.64 -28.01 29.33
CA ARG E 198 31.30 -29.13 28.69
C ARG E 198 30.59 -30.46 28.92
N LEU E 199 29.41 -30.45 29.54
CA LEU E 199 28.56 -31.62 29.74
C LEU E 199 29.31 -32.78 30.42
N PRO E 200 29.91 -32.55 31.59
CA PRO E 200 30.99 -33.44 32.02
C PRO E 200 30.49 -34.76 32.60
N GLN E 201 30.18 -35.68 31.67
CA GLN E 201 29.74 -37.05 31.93
C GLN E 201 28.30 -37.10 32.45
N ASP E 202 27.52 -36.04 32.24
CA ASP E 202 26.11 -36.10 32.63
C ASP E 202 25.39 -37.17 31.80
N PHE E 203 25.67 -37.21 30.50
CA PHE E 203 25.06 -38.11 29.54
C PHE E 203 26.17 -38.75 28.72
N LYS E 204 25.84 -39.86 28.06
CA LYS E 204 26.85 -40.64 27.33
C LYS E 204 26.72 -40.48 25.83
N SER E 205 25.93 -39.53 25.36
CA SER E 205 25.69 -39.36 23.94
C SER E 205 26.75 -38.44 23.33
N ASP E 206 26.84 -38.48 22.00
CA ASP E 206 27.77 -37.59 21.31
C ASP E 206 27.27 -36.15 21.31
N SER E 207 25.96 -35.95 21.23
CA SER E 207 25.36 -34.62 21.18
C SER E 207 24.17 -34.58 22.11
N LEU E 208 23.86 -33.38 22.60
CA LEU E 208 22.70 -33.18 23.46
C LEU E 208 21.80 -32.16 22.78
N THR E 209 20.60 -32.59 22.42
CA THR E 209 19.65 -31.76 21.67
C THR E 209 18.83 -30.93 22.65
N VAL E 210 19.29 -29.71 22.92
CA VAL E 210 18.54 -28.81 23.78
C VAL E 210 17.28 -28.38 23.06
N ASP E 211 16.18 -28.26 23.80
CA ASP E 211 14.92 -27.83 23.21
C ASP E 211 15.00 -26.37 22.76
N PRO E 212 14.12 -25.94 21.87
CA PRO E 212 14.15 -24.53 21.44
C PRO E 212 13.96 -23.55 22.57
N LYS E 213 13.28 -23.95 23.64
CA LYS E 213 13.09 -23.13 24.83
C LYS E 213 14.39 -23.09 25.64
N MET E 214 14.37 -22.39 26.79
CA MET E 214 15.52 -22.16 27.67
C MET E 214 16.74 -21.63 26.91
N PHE E 215 16.49 -20.65 26.05
CA PHE E 215 17.51 -19.98 25.26
C PHE E 215 17.88 -18.62 25.83
N LYS E 216 17.40 -18.31 27.03
CA LYS E 216 17.65 -17.02 27.67
C LYS E 216 18.59 -17.15 28.85
N CYS E 217 19.19 -18.33 29.05
CA CYS E 217 20.16 -18.55 30.12
C CYS E 217 21.56 -18.84 29.60
N LEU E 218 21.86 -18.50 28.35
CA LEU E 218 23.21 -18.65 27.83
C LEU E 218 23.66 -17.36 27.16
N TRP E 219 24.96 -17.25 26.97
CA TRP E 219 25.55 -16.13 26.25
C TRP E 219 25.46 -16.36 24.75
N LYS E 220 25.06 -15.32 24.02
CA LYS E 220 24.97 -15.39 22.58
C LYS E 220 25.58 -14.15 21.96
N PRO E 221 26.17 -14.27 20.78
CA PRO E 221 26.77 -13.10 20.12
C PRO E 221 25.70 -12.11 19.67
N ASP E 222 26.02 -10.83 19.79
CA ASP E 222 25.09 -9.76 19.43
C ASP E 222 25.29 -9.37 17.96
N LEU E 223 24.97 -10.31 17.09
CA LEU E 223 25.07 -10.07 15.66
C LEU E 223 23.90 -9.23 15.18
N PHE E 224 24.17 -8.36 14.20
CA PHE E 224 23.14 -7.55 13.58
C PHE E 224 23.62 -7.16 12.19
N PHE E 225 22.67 -7.04 11.26
CA PHE E 225 23.00 -6.66 9.90
C PHE E 225 23.02 -5.14 9.73
N ALA E 226 23.97 -4.66 8.93
CA ALA E 226 24.18 -3.22 8.80
C ALA E 226 23.52 -2.62 7.58
N ASN E 227 23.12 -3.45 6.61
CA ASN E 227 22.32 -3.06 5.47
C ASN E 227 20.85 -3.40 5.67
N GLU E 228 20.49 -3.82 6.89
CA GLU E 228 19.11 -4.08 7.27
C GLU E 228 18.26 -2.83 7.13
N LYS E 229 17.23 -2.92 6.29
CA LYS E 229 16.12 -1.99 6.38
C LYS E 229 15.16 -2.38 7.49
N SER E 230 14.86 -3.67 7.60
CA SER E 230 14.01 -4.21 8.68
C SER E 230 14.07 -5.72 8.62
N ALA E 231 13.78 -6.34 9.77
CA ALA E 231 13.82 -7.78 9.90
C ALA E 231 12.83 -8.19 10.99
N ASN E 232 12.49 -9.46 11.01
CA ASN E 232 11.55 -9.99 11.99
C ASN E 232 11.82 -11.47 12.21
N PHE E 233 11.37 -11.95 13.35
CA PHE E 233 11.39 -13.38 13.62
C PHE E 233 10.18 -14.05 13.01
N HIS E 234 10.19 -15.37 13.02
CA HIS E 234 9.08 -16.18 12.52
C HIS E 234 8.60 -17.05 13.67
N ASP E 235 7.48 -16.67 14.27
CA ASP E 235 6.83 -17.47 15.31
C ASP E 235 5.53 -18.02 14.74
N VAL E 236 5.56 -19.29 14.38
CA VAL E 236 4.37 -20.10 14.14
C VAL E 236 4.51 -21.37 14.97
N THR E 237 3.46 -21.69 15.75
CA THR E 237 3.49 -22.74 16.77
C THR E 237 4.71 -22.44 17.64
N GLN E 238 5.61 -23.38 17.88
CA GLN E 238 6.79 -23.09 18.68
C GLN E 238 7.72 -22.13 17.93
N GLU E 239 8.60 -21.48 18.68
CA GLU E 239 9.60 -20.61 18.09
C GLU E 239 10.58 -21.40 17.23
N ASN E 240 10.96 -20.83 16.08
CA ASN E 240 11.88 -21.47 15.15
C ASN E 240 13.31 -21.16 15.58
N ILE E 241 13.81 -21.98 16.52
CA ILE E 241 15.12 -21.82 17.14
C ILE E 241 15.67 -23.22 17.42
N LEU E 242 16.98 -23.38 17.26
CA LEU E 242 17.65 -24.65 17.50
C LEU E 242 18.90 -24.40 18.33
N LEU E 243 19.11 -25.24 19.33
CA LEU E 243 20.31 -25.20 20.16
C LEU E 243 20.86 -26.61 20.29
N PHE E 244 22.14 -26.79 19.94
CA PHE E 244 22.72 -28.13 19.77
C PHE E 244 24.12 -28.18 20.35
N ILE E 245 24.22 -28.48 21.65
CA ILE E 245 25.50 -28.47 22.37
C ILE E 245 26.19 -29.82 22.21
N PHE E 246 27.52 -29.81 22.29
CA PHE E 246 28.32 -31.03 22.24
C PHE E 246 28.99 -31.26 23.59
N ARG E 247 29.81 -32.31 23.66
CA ARG E 247 30.69 -32.51 24.81
C ARG E 247 31.78 -31.45 24.89
N ASN E 248 32.37 -31.09 23.75
CA ASN E 248 33.46 -30.11 23.69
C ASN E 248 33.04 -28.69 23.98
N GLY E 249 31.79 -28.45 24.40
CA GLY E 249 31.37 -27.11 24.70
C GLY E 249 31.01 -26.27 23.50
N ASP E 250 30.99 -26.85 22.31
CA ASP E 250 30.54 -26.11 21.13
C ASP E 250 29.04 -25.83 21.22
N VAL E 251 28.60 -24.88 20.40
CA VAL E 251 27.19 -24.51 20.29
C VAL E 251 26.89 -24.33 18.81
N LEU E 252 25.73 -24.77 18.38
CA LEU E 252 25.35 -24.74 16.96
C LEU E 252 23.98 -24.09 16.82
N ILE E 253 23.82 -22.90 17.38
CA ILE E 253 22.52 -22.25 17.36
C ILE E 253 22.13 -21.94 15.92
N SER E 254 20.87 -22.18 15.58
CA SER E 254 20.31 -21.92 14.27
C SER E 254 19.02 -21.13 14.43
N MET E 255 18.75 -20.22 13.51
CA MET E 255 17.67 -19.27 13.70
C MET E 255 17.12 -18.88 12.33
N ARG E 256 15.80 -18.79 12.23
CA ARG E 256 15.13 -18.44 10.99
C ARG E 256 14.77 -16.97 11.01
N LEU E 257 15.17 -16.24 9.97
CA LEU E 257 14.93 -14.81 9.89
C LEU E 257 14.43 -14.44 8.51
N SER E 258 13.66 -13.36 8.44
CA SER E 258 13.25 -12.74 7.19
C SER E 258 13.75 -11.30 7.20
N VAL E 259 14.63 -10.98 6.26
CA VAL E 259 15.38 -9.73 6.31
C VAL E 259 15.15 -8.98 4.99
N THR E 260 14.95 -7.67 5.10
CA THR E 260 14.88 -6.78 3.95
C THR E 260 16.19 -6.02 3.90
N LEU E 261 16.98 -6.26 2.87
CA LEU E 261 18.31 -5.69 2.74
C LEU E 261 18.35 -4.69 1.60
N SER E 262 19.15 -3.64 1.74
CA SER E 262 19.30 -2.66 0.69
C SER E 262 20.43 -3.05 -0.26
N CYS E 263 20.19 -2.87 -1.56
CA CYS E 263 21.19 -3.17 -2.58
C CYS E 263 21.34 -1.97 -3.51
N PRO E 264 22.51 -1.34 -3.58
CA PRO E 264 22.72 -0.28 -4.57
C PRO E 264 22.74 -0.87 -5.97
N LEU E 265 22.09 -0.20 -6.91
CA LEU E 265 21.95 -0.71 -8.26
C LEU E 265 22.66 0.19 -9.26
N ASP E 266 23.45 -0.42 -10.14
CA ASP E 266 24.13 0.27 -11.23
C ASP E 266 23.33 0.00 -12.50
N LEU E 267 22.67 1.03 -13.02
CA LEU E 267 21.78 0.89 -14.16
C LEU E 267 22.24 1.68 -15.37
N THR E 268 23.57 1.89 -15.49
CA THR E 268 24.10 2.53 -16.70
C THR E 268 23.86 1.67 -17.93
N LEU E 269 23.87 0.35 -17.78
CA LEU E 269 23.54 -0.58 -18.86
C LEU E 269 22.29 -1.35 -18.41
N PHE E 270 21.11 -0.79 -18.72
CA PHE E 270 19.88 -1.36 -18.16
C PHE E 270 19.52 -2.71 -18.79
N PRO E 271 19.25 -2.81 -20.11
CA PRO E 271 18.68 -4.07 -20.61
C PRO E 271 19.62 -5.25 -20.54
N MET E 272 20.92 -5.01 -20.65
CA MET E 272 21.95 -6.04 -20.48
C MET E 272 22.74 -5.66 -19.23
N ASP E 273 22.29 -6.14 -18.09
CA ASP E 273 22.78 -5.65 -16.80
C ASP E 273 23.36 -6.79 -15.99
N THR E 274 24.21 -6.42 -15.03
CA THR E 274 24.76 -7.37 -14.07
C THR E 274 24.78 -6.68 -12.71
N GLN E 275 23.99 -7.19 -11.77
CA GLN E 275 23.81 -6.54 -10.48
C GLN E 275 24.57 -7.30 -9.38
N ARG E 276 25.04 -6.54 -8.41
CA ARG E 276 25.88 -7.05 -7.34
C ARG E 276 25.25 -6.66 -6.01
N CYS E 277 25.01 -7.64 -5.14
CA CYS E 277 24.38 -7.38 -3.86
C CYS E 277 25.29 -7.90 -2.75
N LYS E 278 25.05 -7.42 -1.53
CA LYS E 278 25.90 -7.76 -0.40
C LYS E 278 25.06 -8.13 0.81
N MET E 279 25.75 -8.60 1.84
CA MET E 279 25.16 -8.83 3.14
C MET E 279 26.24 -8.52 4.15
N GLN E 280 25.95 -7.77 5.20
CA GLN E 280 26.97 -7.39 6.16
C GLN E 280 26.57 -7.77 7.58
N LEU E 281 27.33 -8.67 8.18
CA LEU E 281 27.07 -9.19 9.52
C LEU E 281 28.10 -8.55 10.46
N GLU E 282 27.63 -7.88 11.52
CA GLU E 282 28.56 -7.28 12.45
C GLU E 282 27.98 -7.28 13.86
N SER E 283 28.87 -7.13 14.83
CA SER E 283 28.51 -7.12 16.24
C SER E 283 28.40 -5.69 16.75
N PHE E 284 27.27 -5.37 17.39
CA PHE E 284 27.02 -3.99 17.82
C PHE E 284 27.85 -3.62 19.05
N GLY E 285 27.93 -4.51 20.04
CA GLY E 285 28.44 -4.11 21.34
C GLY E 285 29.84 -4.54 21.69
N TYR E 286 30.35 -5.60 21.08
CA TYR E 286 31.65 -6.16 21.42
C TYR E 286 32.66 -5.83 20.32
N THR E 287 33.86 -5.43 20.73
CA THR E 287 34.92 -5.01 19.82
C THR E 287 35.63 -6.22 19.22
N THR E 288 36.65 -5.93 18.39
CA THR E 288 37.35 -6.99 17.66
C THR E 288 38.23 -7.82 18.59
N ASP E 289 38.69 -7.24 19.69
CA ASP E 289 39.52 -8.00 20.64
C ASP E 289 38.71 -8.97 21.48
N ASP E 290 37.39 -9.03 21.29
CA ASP E 290 36.51 -9.96 22.00
C ASP E 290 35.71 -10.86 21.08
N LEU E 291 35.24 -10.35 19.94
CA LEU E 291 34.39 -11.11 19.03
C LEU E 291 34.90 -10.99 17.61
N GLN E 292 35.16 -12.13 16.98
CA GLN E 292 35.67 -12.18 15.61
C GLN E 292 34.79 -13.11 14.78
N PHE E 293 34.31 -12.64 13.63
CA PHE E 293 33.43 -13.39 12.75
C PHE E 293 34.23 -13.99 11.60
N MET E 294 34.10 -15.30 11.40
CA MET E 294 34.79 -16.00 10.33
C MET E 294 33.83 -16.93 9.60
N TRP E 295 33.95 -16.98 8.28
CA TRP E 295 33.09 -17.84 7.49
C TRP E 295 33.57 -19.28 7.57
N GLN E 296 32.63 -20.22 7.54
CA GLN E 296 32.96 -21.64 7.55
C GLN E 296 33.85 -21.99 6.36
N SER E 297 34.53 -23.13 6.47
CA SER E 297 35.45 -23.59 5.44
C SER E 297 34.76 -24.41 4.35
N GLY E 298 33.91 -25.36 4.74
CA GLY E 298 33.31 -26.25 3.77
C GLY E 298 32.28 -25.61 2.86
N ASP E 299 31.11 -25.26 3.39
CA ASP E 299 30.05 -24.65 2.59
C ASP E 299 29.47 -23.45 3.32
N PRO E 300 29.92 -22.23 2.97
CA PRO E 300 29.43 -21.05 3.68
C PRO E 300 28.02 -20.65 3.28
N VAL E 301 27.69 -20.79 2.00
CA VAL E 301 26.36 -20.47 1.49
C VAL E 301 25.89 -21.65 0.65
N GLN E 302 24.64 -22.06 0.87
CA GLN E 302 24.04 -23.20 0.19
C GLN E 302 22.72 -22.76 -0.42
N MET E 303 22.60 -22.90 -1.74
CA MET E 303 21.36 -22.54 -2.41
C MET E 303 20.36 -23.70 -2.29
N ASP E 304 19.10 -23.39 -2.54
CA ASP E 304 18.02 -24.35 -2.35
C ASP E 304 17.10 -24.38 -3.58
N GLU E 305 17.71 -24.56 -4.76
CA GLU E 305 16.98 -24.68 -6.03
C GLU E 305 16.09 -23.47 -6.33
N ILE E 306 16.44 -22.32 -5.77
CA ILE E 306 15.71 -21.08 -6.00
C ILE E 306 15.92 -20.63 -7.44
N ALA E 307 14.84 -20.14 -8.07
CA ALA E 307 14.89 -19.60 -9.41
C ALA E 307 14.11 -18.29 -9.44
N LEU E 308 14.66 -17.30 -10.12
CA LEU E 308 14.06 -15.98 -10.13
C LEU E 308 13.27 -15.75 -11.42
N PRO E 309 12.20 -14.96 -11.35
CA PRO E 309 11.42 -14.69 -12.57
C PRO E 309 12.17 -13.88 -13.61
N GLN E 310 12.85 -12.81 -13.20
CA GLN E 310 13.54 -11.94 -14.14
C GLN E 310 15.04 -12.18 -14.19
N PHE E 311 15.70 -12.18 -13.04
CA PHE E 311 17.15 -12.27 -13.00
C PHE E 311 17.61 -13.72 -13.09
N ASP E 312 18.80 -13.92 -13.61
CA ASP E 312 19.41 -15.24 -13.73
C ASP E 312 20.60 -15.27 -12.79
N ILE E 313 20.42 -15.91 -11.63
CA ILE E 313 21.45 -15.94 -10.59
C ILE E 313 22.57 -16.87 -11.05
N LYS E 314 23.72 -16.80 -10.37
CA LYS E 314 24.87 -17.62 -10.70
C LYS E 314 25.23 -18.48 -9.49
N GLN E 315 25.94 -19.58 -9.76
CA GLN E 315 26.24 -20.57 -8.75
C GLN E 315 27.55 -20.29 -8.03
N GLU E 316 28.28 -19.24 -8.44
CA GLU E 316 29.56 -18.88 -7.86
C GLU E 316 29.39 -17.56 -7.12
N ASP E 317 29.87 -17.54 -5.89
CA ASP E 317 29.75 -16.38 -5.02
C ASP E 317 31.13 -15.98 -4.54
N ILE E 318 31.32 -14.67 -4.35
CA ILE E 318 32.59 -14.19 -3.83
C ILE E 318 32.77 -14.64 -2.38
N GLU E 319 31.81 -14.29 -1.52
CA GLU E 319 31.64 -14.88 -0.20
C GLU E 319 32.72 -14.44 0.80
N TYR E 320 33.78 -13.77 0.35
CA TYR E 320 34.79 -13.33 1.29
C TYR E 320 34.89 -11.82 1.30
N GLY E 321 35.24 -11.30 2.47
CA GLY E 321 35.48 -9.90 2.67
C GLY E 321 35.96 -9.73 4.09
N ASN E 322 36.39 -8.52 4.40
CA ASN E 322 36.78 -8.29 5.78
C ASN E 322 36.00 -7.17 6.45
N CYS E 323 35.71 -6.07 5.73
CA CYS E 323 34.64 -5.15 6.10
C CYS E 323 34.85 -4.48 7.46
N THR E 324 36.02 -4.68 8.08
CA THR E 324 36.22 -4.32 9.48
C THR E 324 36.08 -2.82 9.69
N LYS E 325 35.29 -2.45 10.69
CA LYS E 325 34.85 -1.08 10.89
C LYS E 325 35.74 -0.36 11.88
N TYR E 326 35.58 0.96 11.93
CA TYR E 326 36.27 1.79 12.92
C TYR E 326 35.40 3.03 13.15
N TYR E 327 34.62 3.01 14.23
CA TYR E 327 33.77 4.15 14.55
C TYR E 327 34.52 5.10 15.47
N ALA E 328 34.18 6.39 15.36
CA ALA E 328 34.95 7.42 16.04
C ALA E 328 34.53 7.49 17.51
N GLY E 329 35.45 7.14 18.39
CA GLY E 329 35.24 7.19 19.82
C GLY E 329 34.95 5.87 20.47
N THR E 330 34.59 4.85 19.71
CA THR E 330 34.33 3.53 20.27
C THR E 330 35.42 2.52 19.93
N GLY E 331 35.81 2.43 18.67
CA GLY E 331 36.92 1.57 18.30
C GLY E 331 36.61 0.61 17.16
N TYR E 332 37.32 -0.52 17.14
CA TYR E 332 37.15 -1.54 16.12
C TYR E 332 35.96 -2.45 16.42
N TYR E 333 35.46 -3.09 15.37
CA TYR E 333 34.42 -4.10 15.45
C TYR E 333 34.54 -4.99 14.24
N THR E 334 34.11 -6.23 14.38
CA THR E 334 34.27 -7.20 13.32
C THR E 334 33.11 -7.13 12.34
N CYS E 335 33.37 -7.55 11.11
CA CYS E 335 32.34 -7.68 10.09
C CYS E 335 32.85 -8.69 9.09
N VAL E 336 31.93 -9.29 8.33
CA VAL E 336 32.33 -10.18 7.26
C VAL E 336 31.16 -10.30 6.29
N GLU E 337 31.43 -10.25 4.99
CA GLU E 337 30.37 -10.04 4.02
C GLU E 337 30.42 -11.04 2.89
N VAL E 338 29.25 -11.23 2.27
CA VAL E 338 29.05 -12.16 1.16
C VAL E 338 28.46 -11.39 0.00
N ILE E 339 28.97 -11.63 -1.20
CA ILE E 339 28.58 -10.88 -2.38
C ILE E 339 27.94 -11.84 -3.38
N PHE E 340 26.74 -11.49 -3.83
CA PHE E 340 25.95 -12.36 -4.69
C PHE E 340 25.94 -11.78 -6.10
N THR E 341 26.46 -12.54 -7.05
CA THR E 341 26.48 -12.12 -8.45
C THR E 341 25.22 -12.62 -9.15
N LEU E 342 24.45 -11.71 -9.71
CA LEU E 342 23.26 -12.08 -10.48
C LEU E 342 23.24 -11.27 -11.77
N ARG E 343 22.52 -11.79 -12.75
CA ARG E 343 22.47 -11.21 -14.09
C ARG E 343 21.03 -11.16 -14.58
N ARG E 344 20.69 -10.08 -15.27
CA ARG E 344 19.33 -9.86 -15.76
C ARG E 344 19.12 -10.56 -17.09
N GLN E 345 17.86 -10.89 -17.37
CA GLN E 345 17.49 -11.56 -18.60
C GLN E 345 16.89 -10.57 -19.58
N VAL E 346 17.10 -10.82 -20.87
CA VAL E 346 16.76 -9.86 -21.92
C VAL E 346 15.49 -10.24 -22.66
N GLY E 347 14.85 -11.36 -22.30
CA GLY E 347 13.72 -11.83 -23.07
C GLY E 347 12.52 -10.89 -23.05
N PHE E 348 12.15 -10.41 -21.86
CA PHE E 348 10.95 -9.59 -21.73
C PHE E 348 11.08 -8.27 -22.48
N TYR E 349 12.26 -7.64 -22.38
CA TYR E 349 12.46 -6.32 -22.98
C TYR E 349 12.36 -6.36 -24.50
N MET E 350 12.85 -7.43 -25.12
CA MET E 350 12.82 -7.54 -26.58
C MET E 350 11.38 -7.58 -27.09
N MET E 351 10.51 -8.30 -26.40
CA MET E 351 9.12 -8.37 -26.82
C MET E 351 8.35 -7.15 -26.34
N GLY E 352 8.69 -6.63 -25.16
CA GLY E 352 7.93 -5.54 -24.58
C GLY E 352 8.31 -4.17 -25.15
N VAL E 353 9.59 -3.95 -25.43
CA VAL E 353 10.13 -2.62 -25.66
C VAL E 353 10.68 -2.45 -27.08
N TYR E 354 11.48 -3.42 -27.54
CA TYR E 354 12.13 -3.28 -28.84
C TYR E 354 11.19 -3.59 -30.00
N ALA E 355 10.55 -4.77 -29.98
CA ALA E 355 9.73 -5.20 -31.09
C ALA E 355 8.56 -4.27 -31.41
N PRO E 356 7.79 -3.75 -30.44
CA PRO E 356 6.84 -2.67 -30.79
C PRO E 356 7.52 -1.44 -31.37
N THR E 357 8.66 -1.04 -30.82
CA THR E 357 9.35 0.15 -31.30
C THR E 357 9.85 -0.04 -32.74
N LEU E 358 10.42 -1.21 -33.03
CA LEU E 358 11.00 -1.46 -34.35
C LEU E 358 9.96 -1.35 -35.45
N LEU E 359 8.81 -1.99 -35.28
CA LEU E 359 7.79 -2.00 -36.33
C LEU E 359 7.23 -0.60 -36.57
N ILE E 360 7.19 0.23 -35.54
CA ILE E 360 6.71 1.60 -35.69
C ILE E 360 7.65 2.39 -36.60
N VAL E 361 8.94 2.13 -36.51
CA VAL E 361 9.91 2.75 -37.40
C VAL E 361 9.79 2.17 -38.80
N VAL E 362 9.63 0.86 -38.90
CA VAL E 362 9.45 0.17 -40.17
C VAL E 362 8.17 0.64 -40.84
N LEU E 363 7.15 0.96 -40.02
CA LEU E 363 5.88 1.42 -40.54
C LEU E 363 6.03 2.68 -41.38
N SER E 364 6.92 3.58 -41.00
CA SER E 364 7.00 4.87 -41.68
C SER E 364 7.61 4.76 -43.08
N TRP E 365 8.29 3.66 -43.40
CA TRP E 365 8.89 3.52 -44.74
C TRP E 365 7.86 3.52 -45.86
N LEU E 366 6.61 3.15 -45.59
CA LEU E 366 5.66 3.00 -46.68
C LEU E 366 5.19 4.34 -47.22
N SER E 367 5.44 5.43 -46.49
CA SER E 367 5.04 6.74 -46.98
C SER E 367 5.82 7.15 -48.22
N PHE E 368 7.06 6.67 -48.34
CA PHE E 368 7.90 7.03 -49.48
C PHE E 368 7.28 6.55 -50.79
N TRP E 369 6.70 5.35 -50.79
CA TRP E 369 6.02 4.86 -51.97
C TRP E 369 4.79 5.69 -52.30
N ILE E 370 4.09 6.19 -51.26
CA ILE E 370 2.85 6.93 -51.45
C ILE E 370 3.11 8.22 -52.23
N ASN E 371 2.09 8.65 -52.99
CA ASN E 371 2.19 9.83 -53.83
C ASN E 371 2.43 11.07 -52.96
N PRO E 372 3.21 12.04 -53.45
CA PRO E 372 3.39 13.28 -52.67
C PRO E 372 2.14 14.12 -52.52
N ASP E 373 1.06 13.78 -53.23
CA ASP E 373 -0.14 14.63 -53.16
C ASP E 373 -1.09 14.04 -52.13
N ALA E 374 -0.58 13.21 -51.22
CA ALA E 374 -1.45 12.72 -50.13
C ALA E 374 -1.40 13.84 -49.09
N SER E 375 -2.29 14.81 -49.21
CA SER E 375 -2.14 16.01 -48.36
C SER E 375 -2.24 15.70 -46.87
N ALA E 376 -3.25 14.99 -46.40
CA ALA E 376 -3.29 14.81 -44.93
C ALA E 376 -3.16 13.31 -44.62
N ALA E 377 -2.46 12.59 -45.51
CA ALA E 377 -2.06 11.17 -45.31
C ALA E 377 -0.59 11.02 -44.93
N ARG E 378 0.30 11.67 -45.67
CA ARG E 378 1.72 11.59 -45.28
C ARG E 378 1.83 12.26 -43.92
N VAL E 379 1.08 13.34 -43.68
CA VAL E 379 1.25 14.09 -42.40
C VAL E 379 0.97 13.23 -41.16
N PRO E 380 -0.13 12.45 -41.04
CA PRO E 380 -0.31 11.58 -39.88
C PRO E 380 0.71 10.48 -39.87
N LEU E 381 0.97 9.91 -41.04
CA LEU E 381 1.89 8.76 -41.07
C LEU E 381 3.16 9.15 -40.33
N GLY E 382 3.46 10.44 -40.24
CA GLY E 382 4.64 10.88 -39.52
C GLY E 382 4.35 11.33 -38.10
N ILE E 383 3.31 12.14 -37.92
CA ILE E 383 3.07 12.72 -36.60
C ILE E 383 2.44 11.72 -35.64
N LEU E 384 1.62 10.79 -36.13
CA LEU E 384 1.08 9.78 -35.22
C LEU E 384 2.16 8.80 -34.80
N SER E 385 3.19 8.63 -35.63
CA SER E 385 4.28 7.73 -35.27
C SER E 385 5.17 8.33 -34.18
N VAL E 386 5.34 9.66 -34.18
CA VAL E 386 6.26 10.26 -33.20
C VAL E 386 5.57 10.46 -31.85
N LEU E 387 4.28 10.80 -31.85
CA LEU E 387 3.56 10.91 -30.58
C LEU E 387 3.43 9.55 -29.91
N SER E 388 3.16 8.51 -30.69
CA SER E 388 3.08 7.16 -30.14
C SER E 388 4.41 6.77 -29.50
N LEU E 389 5.52 7.05 -30.18
CA LEU E 389 6.83 6.81 -29.59
C LEU E 389 7.07 7.72 -28.38
N SER E 390 6.65 8.98 -28.47
CA SER E 390 6.84 9.92 -27.36
C SER E 390 6.04 9.48 -26.14
N SER E 391 4.78 9.09 -26.33
CA SER E 391 3.99 8.57 -25.22
C SER E 391 4.58 7.25 -24.71
N GLU E 392 5.20 6.47 -25.59
CA GLU E 392 5.70 5.17 -25.21
C GLU E 392 6.93 5.28 -24.30
N CYS E 393 7.88 6.14 -24.67
CA CYS E 393 9.18 6.16 -24.01
C CYS E 393 9.06 6.50 -22.53
N THR E 394 8.14 7.42 -22.19
CA THR E 394 7.91 7.75 -20.80
C THR E 394 7.34 6.56 -20.02
N SER E 395 6.36 5.87 -20.61
CA SER E 395 5.75 4.71 -19.97
C SER E 395 6.76 3.59 -19.76
N LEU E 396 7.66 3.40 -20.74
CA LEU E 396 8.65 2.32 -20.63
C LEU E 396 9.55 2.52 -19.41
N ALA E 397 10.01 3.74 -19.18
CA ALA E 397 10.81 4.05 -18.00
C ALA E 397 9.95 4.59 -16.87
N SER E 398 8.89 3.88 -16.51
CA SER E 398 8.04 4.24 -15.38
C SER E 398 8.42 3.52 -14.10
N GLU E 399 8.69 2.21 -14.20
CA GLU E 399 8.93 1.38 -13.03
C GLU E 399 10.25 1.78 -12.35
N LEU E 400 11.26 2.07 -13.16
CA LEU E 400 12.61 2.31 -12.71
C LEU E 400 12.72 3.55 -11.83
N PRO E 401 13.77 3.65 -11.01
CA PRO E 401 13.92 4.80 -10.11
C PRO E 401 14.27 6.07 -10.85
N LYS E 402 14.27 7.16 -10.08
CA LYS E 402 14.59 8.50 -10.56
C LYS E 402 16.10 8.70 -10.55
N VAL E 403 16.73 8.51 -11.71
CA VAL E 403 18.18 8.53 -11.83
C VAL E 403 18.59 9.53 -12.90
N SER E 404 19.68 10.26 -12.64
CA SER E 404 20.12 11.30 -13.55
C SER E 404 20.84 10.72 -14.78
N TYR E 405 21.67 9.71 -14.58
CA TYR E 405 22.53 9.19 -15.64
C TYR E 405 21.73 8.51 -16.73
N VAL E 406 22.25 8.56 -17.96
CA VAL E 406 21.64 7.82 -19.06
C VAL E 406 21.75 6.32 -18.81
N LYS E 407 20.88 5.56 -19.47
CA LYS E 407 20.81 4.13 -19.21
C LYS E 407 20.83 3.22 -20.42
N ALA E 408 20.97 3.77 -21.63
CA ALA E 408 21.16 3.03 -22.89
C ALA E 408 19.88 2.36 -23.38
N ILE E 409 18.82 2.39 -22.58
CA ILE E 409 17.48 2.20 -23.15
C ILE E 409 16.97 3.55 -23.63
N ASP E 410 17.50 4.63 -23.07
CA ASP E 410 17.12 5.97 -23.52
C ASP E 410 17.79 6.30 -24.85
N ILE E 411 18.96 5.73 -25.11
CA ILE E 411 19.63 5.92 -26.39
C ILE E 411 18.78 5.38 -27.53
N TRP E 412 18.23 4.17 -27.34
CA TRP E 412 17.40 3.56 -28.38
C TRP E 412 16.14 4.37 -28.63
N LEU E 413 15.49 4.82 -27.55
CA LEU E 413 14.26 5.59 -27.71
C LEU E 413 14.48 6.91 -28.44
N ILE E 414 15.55 7.63 -28.11
CA ILE E 414 15.82 8.91 -28.78
C ILE E 414 16.22 8.68 -30.23
N ALA E 415 17.05 7.67 -30.48
CA ALA E 415 17.48 7.39 -31.85
C ALA E 415 16.30 6.99 -32.72
N CYS E 416 15.36 6.21 -32.17
CA CYS E 416 14.14 5.91 -32.90
C CYS E 416 13.25 7.14 -33.03
N LEU E 417 13.25 8.01 -32.02
CA LEU E 417 12.44 9.22 -32.10
C LEU E 417 12.96 10.17 -33.17
N LEU E 418 14.29 10.22 -33.33
CA LEU E 418 14.87 11.03 -34.40
C LEU E 418 14.51 10.47 -35.78
N PHE E 419 14.60 9.15 -35.94
CA PHE E 419 14.32 8.54 -37.23
C PHE E 419 12.87 8.70 -37.64
N GLY E 420 11.95 8.53 -36.70
CA GLY E 420 10.55 8.84 -36.98
C GLY E 420 10.37 10.31 -37.32
N PHE E 421 11.07 11.18 -36.58
CA PHE E 421 11.08 12.60 -36.92
C PHE E 421 11.75 12.89 -38.25
N ALA E 422 12.83 12.17 -38.58
CA ALA E 422 13.50 12.37 -39.86
C ALA E 422 12.66 11.88 -41.04
N SER E 423 11.64 11.06 -40.77
CA SER E 423 10.68 10.70 -41.80
C SER E 423 9.69 11.82 -42.07
N LEU E 424 9.38 12.64 -41.05
CA LEU E 424 8.41 13.71 -41.24
C LEU E 424 9.02 14.88 -42.00
N VAL E 425 10.29 15.20 -41.71
CA VAL E 425 10.90 16.40 -42.30
C VAL E 425 11.14 16.21 -43.79
N GLU E 426 11.34 14.96 -44.23
CA GLU E 426 11.68 14.72 -45.63
C GLU E 426 10.47 15.00 -46.51
N TYR E 427 9.26 14.83 -45.97
CA TYR E 427 8.07 15.20 -46.72
C TYR E 427 7.92 16.71 -46.81
N ALA E 428 8.18 17.43 -45.71
CA ALA E 428 8.06 18.88 -45.72
C ALA E 428 9.03 19.55 -46.68
N VAL E 429 10.23 18.99 -46.88
CA VAL E 429 11.12 19.59 -47.86
C VAL E 429 10.69 19.23 -49.28
N VAL E 430 10.13 18.03 -49.47
CA VAL E 430 9.54 17.66 -50.75
C VAL E 430 8.43 18.63 -51.14
N GLN E 431 7.66 19.10 -50.17
CA GLN E 431 6.57 20.02 -50.49
C GLN E 431 7.10 21.40 -50.84
N VAL E 432 8.17 21.85 -50.17
CA VAL E 432 8.62 23.22 -50.37
C VAL E 432 9.23 23.40 -51.75
N MET E 433 10.04 22.42 -52.20
CA MET E 433 10.71 22.57 -53.49
C MET E 433 9.76 22.36 -54.67
N LEU E 434 8.69 21.58 -54.50
CA LEU E 434 7.72 21.42 -55.59
C LEU E 434 7.02 22.75 -55.88
N ASN E 435 6.66 23.50 -54.84
CA ASN E 435 5.92 24.74 -55.02
C ASN E 435 6.90 25.86 -55.36
N SER E 436 7.45 25.77 -56.57
CA SER E 436 8.33 26.80 -57.10
C SER E 436 7.80 27.34 -58.42
N ALA E 547 9.73 21.03 -60.46
CA ALA E 547 9.56 19.60 -60.17
C ALA E 547 10.92 18.94 -59.94
N ALA E 548 11.19 17.89 -60.72
CA ALA E 548 12.40 17.07 -60.59
C ALA E 548 12.58 16.56 -59.16
N LYS E 549 11.50 16.06 -58.59
CA LYS E 549 11.46 15.68 -57.17
C LYS E 549 12.06 14.28 -57.05
N ARG E 550 13.39 14.25 -57.05
CA ARG E 550 14.17 13.03 -56.90
C ARG E 550 14.45 12.71 -55.44
N ILE E 551 14.11 13.62 -54.52
CA ILE E 551 14.38 13.44 -53.09
C ILE E 551 13.74 12.14 -52.59
N ASP E 552 12.49 11.89 -52.99
CA ASP E 552 11.80 10.67 -52.58
C ASP E 552 12.46 9.43 -53.16
N LEU E 553 12.87 9.49 -54.43
CA LEU E 553 13.36 8.31 -55.13
C LEU E 553 14.63 7.73 -54.53
N TYR E 554 15.45 8.53 -53.87
CA TYR E 554 16.61 7.95 -53.18
C TYR E 554 16.38 7.74 -51.70
N ALA E 555 15.44 8.49 -51.09
CA ALA E 555 15.18 8.36 -49.66
C ALA E 555 14.67 6.96 -49.32
N ARG E 556 14.05 6.28 -50.27
CA ARG E 556 13.57 4.92 -50.02
C ARG E 556 14.73 3.95 -49.81
N ALA E 557 15.89 4.26 -50.38
CA ALA E 557 17.08 3.46 -50.12
C ALA E 557 17.78 3.88 -48.83
N LEU E 558 17.93 5.19 -48.62
CA LEU E 558 18.83 5.67 -47.56
C LEU E 558 18.31 5.37 -46.16
N PHE E 559 17.04 5.69 -45.88
CA PHE E 559 16.54 5.57 -44.52
C PHE E 559 16.53 4.13 -43.99
N PRO E 560 16.05 3.11 -44.72
CA PRO E 560 16.25 1.74 -44.22
C PRO E 560 17.70 1.34 -44.12
N PHE E 561 18.54 1.86 -45.01
CA PHE E 561 19.94 1.45 -45.05
C PHE E 561 20.71 2.00 -43.85
N SER E 562 20.47 3.28 -43.51
CA SER E 562 21.17 3.88 -42.37
C SER E 562 20.72 3.27 -41.05
N PHE E 563 19.44 2.90 -40.93
CA PHE E 563 18.95 2.29 -39.71
C PHE E 563 19.59 0.92 -39.48
N LEU E 564 19.91 0.21 -40.57
CA LEU E 564 20.55 -1.09 -40.44
C LEU E 564 21.94 -0.95 -39.83
N PHE E 565 22.69 0.09 -40.22
CA PHE E 565 24.04 0.28 -39.71
C PHE E 565 24.03 0.66 -38.24
N PHE E 566 23.06 1.50 -37.83
CA PHE E 566 22.97 1.88 -36.43
C PHE E 566 22.68 0.67 -35.55
N ASN E 567 21.84 -0.25 -36.04
CA ASN E 567 21.55 -1.47 -35.30
C ASN E 567 22.82 -2.28 -35.06
N VAL E 568 23.69 -2.35 -36.07
CA VAL E 568 24.91 -3.16 -35.97
C VAL E 568 25.80 -2.65 -34.85
N ILE E 569 25.97 -1.33 -34.76
CA ILE E 569 26.87 -0.76 -33.77
C ILE E 569 26.29 -0.95 -32.37
N TYR E 570 25.00 -0.68 -32.21
CA TYR E 570 24.37 -0.73 -30.89
C TYR E 570 24.48 -2.11 -30.27
N TRP E 571 24.09 -3.14 -31.02
CA TRP E 571 24.08 -4.51 -30.51
C TRP E 571 25.50 -4.99 -30.18
N SER E 572 26.46 -4.70 -31.04
CA SER E 572 27.85 -5.08 -30.78
C SER E 572 28.41 -4.40 -29.54
N VAL E 573 28.16 -3.09 -29.39
CA VAL E 573 28.77 -2.34 -28.28
C VAL E 573 28.25 -2.86 -26.94
N TYR E 574 26.94 -3.03 -26.83
CA TYR E 574 26.32 -3.46 -25.57
C TYR E 574 26.30 -4.98 -25.47
N LEU E 575 27.50 -5.56 -25.56
CA LEU E 575 27.65 -7.01 -25.55
C LEU E 575 29.06 -7.39 -25.11
N GLY F . 16.36 -27.20 11.51
CA GLY F . 16.98 -26.13 10.66
C GLY F . 18.50 -26.21 10.62
O GLY F . 19.07 -27.22 10.22
OXT GLY F . 19.19 -25.26 10.98
C1 NAG G . 5.98 -43.84 14.67
C2 NAG G . 6.35 -44.94 15.68
C3 NAG G . 7.46 -45.81 15.10
C4 NAG G . 7.05 -46.37 13.74
C5 NAG G . 6.63 -45.22 12.80
C6 NAG G . 6.07 -45.71 11.49
C7 NAG G . 6.36 -44.85 18.14
C8 NAG G . 5.43 -46.03 18.11
N2 NAG G . 6.76 -44.37 16.95
O3 NAG G . 7.75 -46.89 15.99
O4 NAG G . 8.13 -47.08 13.14
O5 NAG G . 5.59 -44.44 13.42
O6 NAG G . 5.06 -46.70 11.68
O7 NAG G . 6.73 -44.35 19.20
N GLY H . -12.25 -25.86 17.64
CA GLY H . -12.28 -25.98 16.15
C GLY H . -12.07 -27.41 15.70
O GLY H . -11.33 -27.68 14.75
OXT GLY H . -12.64 -28.34 16.27
N GLY I . 6.96 17.71 28.63
CA GLY I . 5.69 18.10 27.92
C GLY I . 4.47 17.98 28.83
O GLY I . 3.55 17.21 28.55
OXT GLY I . 4.37 18.67 29.84
C1 NAG J . 27.06 21.45 33.24
C2 NAG J . 27.30 22.75 32.48
C3 NAG J . 27.70 23.86 33.45
C4 NAG J . 26.68 23.98 34.58
C5 NAG J . 26.45 22.62 35.24
C6 NAG J . 25.35 22.65 36.28
C7 NAG J . 28.17 22.95 30.19
C8 NAG J . 26.86 23.59 29.84
N2 NAG J . 28.32 22.58 31.46
O3 NAG J . 27.81 25.09 32.75
O4 NAG J . 27.14 24.90 35.56
O5 NAG J . 26.06 21.66 34.25
O6 NAG J . 25.70 23.49 37.37
O7 NAG J . 29.05 22.79 29.35
N GLY K . 28.77 0.06 17.49
CA GLY K . 29.06 1.53 17.68
C GLY K . 28.01 2.22 18.53
O GLY K . 27.83 3.43 18.45
OXT GLY K . 27.30 1.59 19.32
C1 NAG L . -16.11 19.19 42.04
C2 NAG L . -17.50 19.49 41.44
C3 NAG L . -18.53 19.76 42.54
C4 NAG L . -18.51 18.65 43.57
C5 NAG L . -17.10 18.43 44.09
C6 NAG L . -16.99 17.28 45.06
C7 NAG L . -17.11 21.86 40.75
C8 NAG L . -17.15 22.80 39.58
N2 NAG L . -17.46 20.58 40.48
O3 NAG L . -19.83 19.87 41.95
O4 NAG L . -19.36 18.99 44.67
O5 NAG L . -16.22 18.12 42.99
O6 NAG L . -16.23 16.21 44.52
O7 NAG L . -16.78 22.23 41.87
N GLY M . -18.92 1.99 27.89
CA GLY M . -19.93 1.36 26.96
C GLY M . -20.50 0.06 27.51
O GLY M . -21.71 -0.18 27.44
OXT GLY M . -19.78 -0.78 28.03
C1 NAG N . -29.99 -22.61 29.87
C2 NAG N . -30.18 -23.04 31.32
C3 NAG N . -30.69 -24.48 31.37
C4 NAG N . -31.96 -24.64 30.53
C5 NAG N . -31.70 -24.13 29.11
C6 NAG N . -32.95 -24.13 28.26
C7 NAG N . -28.91 -22.56 33.35
C8 NAG N . -27.55 -22.48 33.98
N2 NAG N . -28.95 -22.92 32.08
O3 NAG N . -30.98 -24.83 32.73
O4 NAG N . -32.35 -26.00 30.48
O5 NAG N . -31.22 -22.78 29.14
O6 NAG N . -33.05 -22.93 27.50
O7 NAG N . -29.93 -22.31 33.99
C1 NAG O . 19.33 -41.55 33.92
C2 NAG O . 18.77 -42.89 33.42
C3 NAG O . 19.50 -44.07 34.06
C4 NAG O . 21.02 -43.88 33.98
C5 NAG O . 21.39 -42.50 34.51
C6 NAG O . 22.88 -42.23 34.44
C7 NAG O . 16.70 -42.96 34.80
C8 NAG O . 15.21 -43.09 34.75
N2 NAG O . 17.33 -43.00 33.62
O3 NAG O . 19.14 -45.28 33.40
O4 NAG O . 21.68 -44.88 34.74
O5 NAG O . 20.75 -41.51 33.72
O6 NAG O . 23.24 -41.12 35.26
O7 NAG O . 17.29 -42.84 35.87
C1 NAG P . 38.90 -10.64 7.55
C2 NAG P . 37.91 -11.37 8.48
C3 NAG P . 37.96 -12.88 8.23
C4 NAG P . 37.75 -13.19 6.76
C5 NAG P . 38.75 -12.41 5.92
C6 NAG P . 38.55 -12.61 4.43
C7 NAG P . 37.26 -10.72 10.76
C8 NAG P . 37.73 -10.45 12.15
N2 NAG P . 38.20 -11.07 9.87
O3 NAG P . 36.98 -13.52 9.02
O4 NAG P . 37.91 -14.58 6.53
O5 NAG P . 38.62 -11.01 6.17
O6 NAG P . 39.18 -13.81 3.98
O7 NAG P . 36.07 -10.63 10.45
#